data_6B0N
#
_entry.id   6B0N
#
_cell.length_a   161.247
_cell.length_b   161.247
_cell.length_c   245.651
_cell.angle_alpha   90.00
_cell.angle_beta   90.00
_cell.angle_gamma   120.00
#
_symmetry.space_group_name_H-M   'P 63'
#
loop_
_entity.id
_entity.type
_entity.pdbx_description
1 polymer 'PGV19 Fab heavy chain'
2 polymer 'PGV19 light chain'
3 polymer 'Envelope glycoprotein gp140'
4 polymer 'PGT122 Fab heavy chain'
5 polymer 'PGT122 light chain'
6 branched alpha-D-mannopyranose-(1-2)-alpha-D-mannopyranose-(1-3)-[alpha-D-mannopyranose-(1-3)-alpha-D-mannopyranose-(1-6)]beta-D-mannopyranose-(1-4)-2-acetamido-2-deoxy-beta-D-glucopyranose-(1-4)-2-acetamido-2-deoxy-beta-D-glucopyranose
7 branched beta-D-mannopyranose-(1-4)-2-acetamido-2-deoxy-beta-D-glucopyranose-(1-4)-2-acetamido-2-deoxy-beta-D-glucopyranose
8 branched alpha-D-mannopyranose-(1-2)-alpha-D-mannopyranose-(1-2)-alpha-D-mannopyranose-(1-3)-[alpha-D-mannopyranose-(1-6)-alpha-D-mannopyranose-(1-6)]beta-D-mannopyranose-(1-4)-2-acetamido-2-deoxy-beta-D-glucopyranose-(1-4)-2-acetamido-2-deoxy-beta-D-glucopyranose
9 branched alpha-D-mannopyranose-(1-3)-[alpha-D-mannopyranose-(1-6)]beta-D-mannopyranose-(1-4)-2-acetamido-2-deoxy-beta-D-glucopyranose-(1-4)-2-acetamido-2-deoxy-beta-D-glucopyranose
10 branched 2-acetamido-2-deoxy-beta-D-glucopyranose-(1-4)-2-acetamido-2-deoxy-beta-D-glucopyranose
11 branched alpha-D-mannopyranose-(1-6)-beta-D-mannopyranose-(1-4)-2-acetamido-2-deoxy-beta-D-glucopyranose-(1-4)-2-acetamido-2-deoxy-beta-D-glucopyranose
12 branched alpha-D-mannopyranose-(1-2)-alpha-D-mannopyranose-(1-3)-[alpha-D-mannopyranose-(1-2)-alpha-D-mannopyranose-(1-6)]alpha-D-mannopyranose-(1-6)-beta-D-mannopyranose-(1-4)-2-acetamido-2-deoxy-beta-D-glucopyranose-(1-4)-2-acetamido-2-deoxy-beta-D-glucopyranose
13 branched alpha-D-mannopyranose-(1-2)-alpha-D-mannopyranose-(1-2)-alpha-D-mannopyranose
14 branched alpha-D-mannopyranose-(1-3)-alpha-D-mannopyranose-(1-6)-[alpha-D-mannopyranose-(1-3)]beta-D-mannopyranose
15 branched alpha-D-mannopyranose-(1-2)-alpha-D-mannopyranose-(1-3)-[alpha-D-mannopyranose-(1-3)-[alpha-D-mannopyranose-(1-6)]alpha-D-mannopyranose-(1-6)]beta-D-mannopyranose-(1-4)-2-acetamido-2-deoxy-beta-D-glucopyranose-(1-4)-2-acetamido-2-deoxy-beta-D-glucopyranose
16 non-polymer 2-acetamido-2-deoxy-beta-D-glucopyranose
17 non-polymer alpha-D-mannopyranose
#
loop_
_entity_poly.entity_id
_entity_poly.type
_entity_poly.pdbx_seq_one_letter_code
_entity_poly.pdbx_strand_id
1 'polypeptide(L)'
;EVRLVQSGAEVKKPGASVRVSCAASGYTFTDFDIHWLRQAPGRGLEWMGWVRPLGGGVSYARQFQGRVTMTRDFYIDTAF
MDFRNLKMDDTALYFCARMGAAREWDFQYWGQGTRVLVSSASTKGPSVFPLAPSSKSTSGGTAALGCLVKDYFPEPVTVS
WNSGALTSGVHTFPAVLQSSGLYSLSSVVTVPSSSLGTQTYICNVNHKPSNTKVDKKVEPKSC
;
D
2 'polypeptide(L)'
;QSALTQPASVSGSPGQSITISCTASSDFRGFSSVSWYQQVPGRAPKLLIFSVNRRPSGISHRFSGSKSGNTASLTISGLQ
IEDEADYHCNAYEFFGGGTKVFVLGQPKAAPSVTLFPPSSEELQANKATLVCLISDFYPGAVTVAWKADSSPVKAGVETT
TPSKQSNNKYAASSYLSLTPEQWKSHKSYSCQVTHEGSTVEKTVAPTEC
;
E
3 'polypeptide(L)'
;AENLWVTVYYGVPVWKDAETTLFCASDAKAYETEKHNVWATHACVPTDPNPQEIHLENVTEEFNMWKNNMVEQMHTDIIS
LWDQSLKPCVKLTPLCVTLQCTNVTNNITDDMRGELKNCSFNMTTELRDKKQKVYSLFYRLDVVQINENQGNRSNNSNKE
YRLINCNTSAITQACPKVSFEPIPIHYCAPAGFAILKCKDKKFNGTGPCPSVSTVQCTHGIKPVVSTQLLLNGSLAEEEV
MIRSENITNNAKNILVQFNTPVQINCTRPNNNTRKSIRIGPGQAFYATGDIIGDIRQAHCNVSKATWNETLGKVVKQLRK
HFGNNTIIRFANSSGGDLEVTTHSFNCGGEFFYCNTSGLFNSTWISNTSVQGSNSTGSNDSITLPCRIKQIINMWQRIGQ
AMYAPPIQGVIRCVSNITGLILTRDGGSTNSTTETFRPGGGDMRDNWRSELYKYKVVKIEPLGVAPTRAKRRVVGGGGGS
GGGGSAVGIGAVFLGFLGAAGSTMGAASMTLTVQARNLLSGIVQQQSNLLRAPEAQQHLLKLTVWGIKQLQARVLAVERY
LRDQQLLGIWGCSGKLICTTNVPWNSSWSNRNLSEIWDNMTWLQWDKEISNYTQIIYGLLEESQNQQEKNEQDLLALD
;
G
4 'polypeptide(L)'
;QVHLQESGPGLVKPSETLSLTCNVSGTLVRDNYWSWIRQPLGKQPEWIGYVHDSGDTNYNPSLKSRVHLSLDKSKNLVSL
RLTGVTAADSAIYYCATTKHGRRIYGVVAFKEWFTYFYMDVWGKGTSVTVSSASTKGPSVFPLAPSSKSTSGGTAALGCL
VKDYFPEPVTVSWNSGALTSGVHTFPAVLQSSGLYSLSSVVTVPSSSLGTQTYICNVNHKPSNTKVDKRVEPKSC
;
H
5 'polypeptide(L)'
;APTFVSVAPGQTARITCGEESLGSRSVIWYQQRPGQAPSLIIYNNNDRPSGIPDRFSGSPGSTFGTTATLTITSVEAGDE
ADYYCHIWDSRRPTNWVFGEGTTLIVLSQPKAAPSVTLFPPSSEELQANKATLVCLISDFYPGAVTVAWKADSSPVKAGV
ETTTPSKQSNNKYAASSYLSLTPEQWKSHKSYSCQVTHEGSTVEKTVAPTECS
;
L
#
# COMPACT_ATOMS: atom_id res chain seq x y z
N GLU A 1 -16.95 -0.29 -35.19
CA GLU A 1 -16.26 0.99 -35.03
C GLU A 1 -15.19 0.90 -33.94
N VAL A 2 -14.82 -0.32 -33.57
CA VAL A 2 -13.79 -0.56 -32.56
C VAL A 2 -12.44 -0.64 -33.26
N ARG A 3 -11.49 0.15 -32.79
CA ARG A 3 -10.15 0.17 -33.37
C ARG A 3 -9.15 0.59 -32.30
N LEU A 4 -7.97 -0.01 -32.35
CA LEU A 4 -6.88 0.30 -31.42
C LEU A 4 -5.86 1.18 -32.12
N VAL A 5 -5.44 2.25 -31.45
CA VAL A 5 -4.48 3.21 -31.99
C VAL A 5 -3.21 3.13 -31.17
N GLN A 6 -2.08 2.91 -31.84
CA GLN A 6 -0.80 2.76 -31.18
C GLN A 6 0.00 4.06 -31.28
N SER A 7 1.18 4.06 -30.68
CA SER A 7 2.06 5.23 -30.71
C SER A 7 2.84 5.27 -32.01
N GLY A 8 3.69 6.29 -32.16
CA GLY A 8 4.47 6.45 -33.36
C GLY A 8 5.80 5.73 -33.32
N ALA A 9 6.45 5.65 -34.48
CA ALA A 9 7.73 4.98 -34.58
C ALA A 9 8.81 5.76 -33.83
N GLU A 10 9.66 5.04 -33.10
CA GLU A 10 10.69 5.65 -32.27
C GLU A 10 11.96 4.81 -32.36
N VAL A 11 13.10 5.50 -32.28
CA VAL A 11 14.42 4.89 -32.36
C VAL A 11 15.18 5.23 -31.08
N LYS A 12 15.91 4.25 -30.55
CA LYS A 12 16.55 4.39 -29.25
C LYS A 12 17.79 3.51 -29.19
N LYS A 13 18.83 4.01 -28.51
CA LYS A 13 20.05 3.27 -28.23
C LYS A 13 19.78 2.24 -27.12
N PRO A 14 20.51 1.12 -27.10
CA PRO A 14 20.30 0.11 -26.05
C PRO A 14 20.24 0.71 -24.64
N GLY A 15 19.31 0.18 -23.85
CA GLY A 15 19.11 0.62 -22.49
C GLY A 15 18.18 1.81 -22.32
N ALA A 16 17.30 2.07 -23.30
CA ALA A 16 16.54 3.31 -23.31
C ALA A 16 15.12 3.17 -22.79
N SER A 17 14.56 1.95 -22.78
CA SER A 17 13.37 1.66 -22.01
C SER A 17 12.16 2.42 -22.54
N VAL A 18 11.77 2.08 -23.77
CA VAL A 18 10.70 2.80 -24.44
C VAL A 18 9.34 2.31 -23.93
N ARG A 19 8.37 3.22 -23.97
CA ARG A 19 6.99 2.95 -23.59
C ARG A 19 6.09 3.20 -24.79
N VAL A 20 5.07 2.36 -24.94
CA VAL A 20 4.13 2.44 -26.05
C VAL A 20 2.72 2.58 -25.49
N SER A 21 1.89 3.34 -26.20
CA SER A 21 0.51 3.59 -25.82
C SER A 21 -0.43 2.89 -26.80
N CYS A 22 -1.52 2.33 -26.28
CA CYS A 22 -2.54 1.65 -27.08
C CYS A 22 -3.89 2.25 -26.72
N ALA A 23 -4.48 3.01 -27.64
CA ALA A 23 -5.75 3.69 -27.39
C ALA A 23 -6.91 2.82 -27.82
N ALA A 24 -7.90 2.68 -26.95
CA ALA A 24 -9.08 1.88 -27.22
C ALA A 24 -10.30 2.78 -27.39
N SER A 25 -11.17 2.42 -28.33
CA SER A 25 -12.36 3.22 -28.62
C SER A 25 -13.43 2.33 -29.22
N GLY A 26 -14.68 2.73 -29.01
CA GLY A 26 -15.82 2.05 -29.58
C GLY A 26 -16.47 1.00 -28.69
N TYR A 27 -15.85 0.64 -27.57
CA TYR A 27 -16.39 -0.40 -26.71
C TYR A 27 -16.05 -0.06 -25.26
N THR A 28 -16.59 -0.86 -24.34
CA THR A 28 -16.31 -0.69 -22.92
C THR A 28 -14.90 -1.21 -22.65
N PHE A 29 -13.96 -0.27 -22.43
CA PHE A 29 -12.56 -0.63 -22.34
C PHE A 29 -12.27 -1.55 -21.15
N THR A 30 -13.02 -1.40 -20.06
CA THR A 30 -12.71 -2.10 -18.81
C THR A 30 -13.12 -3.58 -18.82
N ASP A 31 -13.45 -4.15 -19.98
CA ASP A 31 -13.93 -5.53 -20.03
C ASP A 31 -12.87 -6.51 -20.54
N PHE A 32 -12.25 -6.21 -21.68
CA PHE A 32 -11.34 -7.14 -22.33
C PHE A 32 -9.89 -6.80 -21.99
N ASP A 33 -9.08 -7.85 -21.91
CA ASP A 33 -7.65 -7.70 -21.67
C ASP A 33 -6.95 -7.24 -22.95
N ILE A 34 -5.88 -6.49 -22.76
CA ILE A 34 -5.08 -5.96 -23.90
C ILE A 34 -3.78 -6.76 -23.98
N HIS A 35 -3.41 -7.19 -25.17
CA HIS A 35 -2.20 -8.02 -25.37
C HIS A 35 -1.16 -7.28 -26.21
N TRP A 36 0.11 -7.48 -25.89
CA TRP A 36 1.23 -6.87 -26.63
C TRP A 36 1.95 -7.94 -27.45
N LEU A 37 1.94 -7.81 -28.76
CA LEU A 37 2.61 -8.80 -29.60
C LEU A 37 3.64 -8.10 -30.49
N ARG A 38 4.78 -8.75 -30.65
CA ARG A 38 5.92 -8.22 -31.41
C ARG A 38 6.31 -9.21 -32.50
N GLN A 39 6.56 -8.70 -33.70
CA GLN A 39 6.89 -9.53 -34.86
C GLN A 39 8.14 -9.00 -35.54
N ALA A 40 9.15 -9.85 -35.65
CA ALA A 40 10.37 -9.52 -36.37
C ALA A 40 10.17 -9.72 -37.87
N PRO A 41 11.01 -9.09 -38.71
CA PRO A 41 10.85 -9.28 -40.16
C PRO A 41 11.07 -10.71 -40.62
N GLY A 42 11.98 -11.44 -39.97
CA GLY A 42 12.23 -12.82 -40.35
C GLY A 42 11.77 -13.81 -39.31
N ARG A 43 10.81 -13.40 -38.48
CA ARG A 43 10.26 -14.27 -37.45
C ARG A 43 8.76 -14.12 -37.40
N GLY A 44 8.11 -15.08 -36.74
CA GLY A 44 6.68 -15.04 -36.55
C GLY A 44 6.29 -14.18 -35.36
N LEU A 45 4.98 -14.06 -35.15
CA LEU A 45 4.47 -13.26 -34.06
C LEU A 45 4.90 -13.85 -32.72
N GLU A 46 5.16 -12.97 -31.75
CA GLU A 46 5.58 -13.38 -30.42
C GLU A 46 4.71 -12.67 -29.38
N TRP A 47 4.24 -13.43 -28.40
CA TRP A 47 3.39 -12.89 -27.35
C TRP A 47 4.24 -12.42 -26.17
N MET A 48 4.04 -11.16 -25.81
CA MET A 48 4.83 -10.54 -24.71
C MET A 48 4.04 -10.55 -23.40
N GLY A 49 2.86 -9.94 -23.31
CA GLY A 49 2.07 -9.93 -22.05
C GLY A 49 0.63 -9.54 -22.26
N TRP A 50 -0.23 -9.66 -21.25
CA TRP A 50 -1.66 -9.24 -21.32
C TRP A 50 -1.95 -8.41 -20.07
N VAL A 51 -2.66 -7.30 -20.16
CA VAL A 51 -2.98 -6.59 -18.88
C VAL A 51 -4.46 -6.22 -18.94
N ARG A 52 -5.24 -6.50 -17.91
CA ARG A 52 -6.68 -6.14 -17.96
C ARG A 52 -6.84 -4.80 -17.25
N PRO A 53 -7.74 -3.96 -17.72
CA PRO A 53 -8.07 -2.61 -17.24
C PRO A 53 -8.60 -2.60 -15.81
N LEU A 54 -9.43 -3.54 -15.41
CA LEU A 54 -9.88 -3.47 -14.01
C LEU A 54 -8.84 -4.15 -13.11
N GLY A 55 -8.17 -3.37 -12.29
CA GLY A 55 -7.18 -3.88 -11.34
C GLY A 55 -5.78 -3.91 -11.93
N GLY A 56 -5.62 -3.73 -13.22
CA GLY A 56 -4.29 -3.70 -13.81
C GLY A 56 -3.61 -5.06 -13.80
N GLY A 57 -4.28 -6.14 -13.48
CA GLY A 57 -3.56 -7.40 -13.45
C GLY A 57 -2.71 -7.60 -14.68
N VAL A 58 -1.50 -8.09 -14.50
CA VAL A 58 -0.72 -8.33 -15.74
C VAL A 58 0.11 -9.60 -15.57
N SER A 59 0.22 -10.37 -16.63
CA SER A 59 1.05 -11.59 -16.63
C SER A 59 2.13 -11.37 -17.69
N TYR A 60 3.39 -11.50 -17.33
CA TYR A 60 4.48 -11.20 -18.30
C TYR A 60 5.16 -12.52 -18.69
N ALA A 61 5.73 -12.59 -19.88
CA ALA A 61 6.41 -13.82 -20.36
C ALA A 61 7.71 -14.08 -19.60
N ARG A 62 8.17 -15.32 -19.58
CA ARG A 62 9.34 -15.69 -18.78
C ARG A 62 10.56 -14.88 -19.18
N GLN A 63 10.84 -14.82 -20.49
CA GLN A 63 11.99 -14.10 -21.00
C GLN A 63 11.92 -12.58 -20.87
N PHE A 64 10.76 -12.02 -20.57
CA PHE A 64 10.60 -10.59 -20.39
C PHE A 64 10.40 -10.22 -18.92
N GLN A 65 10.70 -11.14 -18.00
CA GLN A 65 10.57 -10.84 -16.58
C GLN A 65 11.74 -9.92 -16.23
N GLY A 66 11.44 -8.87 -15.46
CA GLY A 66 12.43 -7.87 -15.12
C GLY A 66 12.80 -6.92 -16.25
N ARG A 67 12.29 -7.14 -17.45
CA ARG A 67 12.57 -6.29 -18.60
C ARG A 67 11.39 -5.47 -19.05
N VAL A 68 10.17 -5.95 -18.88
CA VAL A 68 8.97 -5.27 -19.37
C VAL A 68 8.00 -5.09 -18.22
N THR A 69 7.17 -4.05 -18.33
CA THR A 69 6.14 -3.75 -17.34
C THR A 69 5.01 -3.03 -18.05
N MET A 70 3.78 -3.46 -17.79
CA MET A 70 2.61 -2.92 -18.47
C MET A 70 1.62 -2.36 -17.44
N THR A 71 1.01 -1.24 -17.78
CA THR A 71 -0.01 -0.60 -16.94
C THR A 71 -1.10 -0.06 -17.87
N ARG A 72 -2.01 0.72 -17.29
CA ARG A 72 -3.13 1.27 -18.05
C ARG A 72 -3.70 2.45 -17.29
N ASP A 73 -4.64 3.22 -18.00
CA ASP A 73 -5.39 4.32 -17.34
C ASP A 73 -6.85 4.29 -17.80
N PHE A 74 -7.80 4.10 -16.91
CA PHE A 74 -9.25 4.01 -17.27
C PHE A 74 -9.75 5.32 -17.86
N TYR A 75 -9.33 6.44 -17.32
CA TYR A 75 -9.86 7.73 -17.80
C TYR A 75 -9.52 7.93 -19.28
N ILE A 76 -8.32 7.55 -19.72
CA ILE A 76 -7.93 7.74 -21.15
C ILE A 76 -8.10 6.42 -21.93
N ASP A 77 -8.70 5.39 -21.35
CA ASP A 77 -8.90 4.14 -22.08
C ASP A 77 -7.66 3.76 -22.88
N THR A 78 -6.53 3.68 -22.18
CA THR A 78 -5.25 3.41 -22.82
C THR A 78 -4.42 2.51 -21.92
N ALA A 79 -3.79 1.50 -22.52
CA ALA A 79 -2.89 0.59 -21.83
C ALA A 79 -1.47 0.84 -22.31
N PHE A 80 -0.53 0.94 -21.38
CA PHE A 80 0.86 1.25 -21.68
C PHE A 80 1.74 0.03 -21.42
N MET A 81 2.90 0.01 -22.09
CA MET A 81 3.86 -1.08 -21.97
C MET A 81 5.25 -0.49 -21.84
N ASP A 82 5.87 -0.66 -20.67
CA ASP A 82 7.22 -0.18 -20.41
C ASP A 82 8.19 -1.34 -20.62
N PHE A 83 9.09 -1.20 -21.58
CA PHE A 83 10.03 -2.26 -21.97
C PHE A 83 11.44 -1.75 -21.68
N ARG A 84 11.94 -2.05 -20.48
CA ARG A 84 13.22 -1.49 -20.05
C ARG A 84 14.38 -2.36 -20.52
N ASN A 85 15.54 -1.71 -20.68
CA ASN A 85 16.79 -2.38 -21.02
C ASN A 85 16.70 -3.09 -22.37
N LEU A 86 16.28 -2.35 -23.39
CA LEU A 86 16.07 -2.94 -24.69
C LEU A 86 17.39 -3.34 -25.33
N LYS A 87 17.34 -4.36 -26.19
CA LYS A 87 18.52 -5.01 -26.74
C LYS A 87 18.44 -5.00 -28.26
N MET A 88 19.59 -5.25 -28.89
CA MET A 88 19.67 -5.25 -30.35
C MET A 88 18.81 -6.36 -30.97
N ASP A 89 18.65 -7.47 -30.26
CA ASP A 89 17.84 -8.58 -30.78
C ASP A 89 16.35 -8.26 -30.75
N ASP A 90 15.93 -7.29 -29.94
CA ASP A 90 14.52 -7.03 -29.70
C ASP A 90 13.94 -5.97 -30.64
N THR A 91 14.58 -5.70 -31.77
CA THR A 91 14.05 -4.71 -32.71
C THR A 91 13.04 -5.38 -33.64
N ALA A 92 11.82 -4.85 -33.66
CA ALA A 92 10.74 -5.39 -34.47
C ALA A 92 9.54 -4.45 -34.37
N LEU A 93 8.43 -4.88 -34.96
CA LEU A 93 7.18 -4.12 -34.91
C LEU A 93 6.35 -4.60 -33.73
N TYR A 94 5.80 -3.65 -32.97
CA TYR A 94 5.05 -3.94 -31.76
C TYR A 94 3.56 -3.68 -32.00
N PHE A 95 2.76 -4.74 -31.83
CA PHE A 95 1.32 -4.68 -32.01
C PHE A 95 0.62 -4.84 -30.67
N CYS A 96 -0.49 -4.12 -30.49
CA CYS A 96 -1.39 -4.33 -29.36
C CYS A 96 -2.75 -4.74 -29.89
N ALA A 97 -3.27 -5.85 -29.37
CA ALA A 97 -4.52 -6.42 -29.88
C ALA A 97 -5.45 -6.74 -28.72
N ARG A 98 -6.71 -6.97 -29.06
CA ARG A 98 -7.75 -7.32 -28.10
C ARG A 98 -8.35 -8.67 -28.50
N MET A 99 -8.60 -9.52 -27.51
CA MET A 99 -9.23 -10.80 -27.77
C MET A 99 -10.66 -10.60 -28.26
N GLY A 100 -11.09 -11.50 -29.14
CA GLY A 100 -12.44 -11.44 -29.67
C GLY A 100 -13.50 -11.70 -28.61
N ALA A 101 -14.75 -11.50 -29.03
CA ALA A 101 -15.86 -11.70 -28.10
C ALA A 101 -16.05 -13.16 -27.72
N ALA A 102 -15.44 -14.09 -28.47
CA ALA A 102 -15.59 -15.51 -28.16
C ALA A 102 -14.79 -15.95 -26.95
N ARG A 103 -13.96 -15.07 -26.39
CA ARG A 103 -13.16 -15.32 -25.18
C ARG A 103 -12.15 -16.44 -25.36
N GLU A 104 -11.94 -16.91 -26.57
CA GLU A 104 -10.86 -17.85 -26.85
C GLU A 104 -9.62 -17.08 -27.29
N TRP A 105 -8.49 -17.78 -27.34
CA TRP A 105 -7.23 -17.12 -27.68
C TRP A 105 -7.21 -16.74 -29.16
N ASP A 106 -8.03 -15.76 -29.51
CA ASP A 106 -8.14 -15.23 -30.86
C ASP A 106 -8.20 -13.72 -30.76
N PHE A 107 -7.69 -13.04 -31.79
CA PHE A 107 -7.60 -11.58 -31.79
C PHE A 107 -8.42 -11.05 -32.97
N GLN A 108 -9.51 -10.35 -32.65
CA GLN A 108 -10.39 -9.81 -33.68
C GLN A 108 -10.05 -8.37 -34.05
N TYR A 109 -9.42 -7.63 -33.15
CA TYR A 109 -9.08 -6.22 -33.38
C TYR A 109 -7.60 -6.01 -33.12
N TRP A 110 -6.97 -5.21 -33.98
CA TRP A 110 -5.54 -4.93 -33.85
C TRP A 110 -5.27 -3.44 -33.96
N GLY A 111 -3.99 -3.07 -34.04
CA GLY A 111 -3.60 -1.69 -34.22
C GLY A 111 -2.66 -1.54 -35.40
N GLN A 112 -2.47 -0.29 -35.82
CA GLN A 112 -1.60 -0.01 -36.96
C GLN A 112 -0.15 -0.37 -36.69
N GLY A 113 0.25 -0.43 -35.44
CA GLY A 113 1.59 -0.85 -35.08
C GLY A 113 2.55 0.32 -34.92
N THR A 114 3.64 0.05 -34.20
CA THR A 114 4.72 1.01 -34.00
C THR A 114 6.03 0.37 -34.37
N ARG A 115 6.94 1.16 -34.93
CA ARG A 115 8.24 0.69 -35.37
C ARG A 115 9.29 1.09 -34.34
N VAL A 116 9.93 0.10 -33.73
CA VAL A 116 10.97 0.33 -32.72
C VAL A 116 12.25 -0.32 -33.23
N LEU A 117 13.23 0.50 -33.60
CA LEU A 117 14.52 0.04 -34.08
C LEU A 117 15.60 0.50 -33.11
N VAL A 118 16.48 -0.42 -32.71
CA VAL A 118 17.60 -0.13 -31.81
C VAL A 118 18.89 -0.26 -32.61
N SER A 119 19.69 0.80 -32.61
CA SER A 119 20.94 0.82 -33.35
C SER A 119 21.81 1.93 -32.81
N SER A 120 23.07 1.93 -33.23
CA SER A 120 24.06 2.93 -32.84
C SER A 120 24.41 3.76 -34.07
N ALA A 121 23.80 4.94 -34.17
CA ALA A 121 24.04 5.82 -35.31
C ALA A 121 23.80 7.26 -34.90
N SER A 122 24.50 8.17 -35.55
CA SER A 122 24.34 9.59 -35.27
C SER A 122 22.97 10.07 -35.72
N THR A 123 22.33 10.89 -34.87
CA THR A 123 20.99 11.36 -35.19
C THR A 123 20.98 12.31 -36.38
N LYS A 124 22.09 13.03 -36.62
CA LYS A 124 22.13 13.95 -37.75
C LYS A 124 22.27 13.22 -39.07
N GLY A 125 22.94 12.06 -39.08
CA GLY A 125 23.10 11.27 -40.28
C GLY A 125 24.15 11.83 -41.23
N CYS A 147 18.16 11.90 -58.59
CA CYS A 147 19.33 12.61 -58.09
C CYS A 147 20.08 11.79 -57.05
N LEU A 148 21.32 12.17 -56.79
CA LEU A 148 22.09 11.56 -55.71
C LEU A 148 21.55 12.01 -54.36
N VAL A 149 21.61 11.10 -53.39
CA VAL A 149 21.05 11.36 -52.07
C VAL A 149 22.15 11.79 -51.11
N LYS A 150 21.79 12.67 -50.19
CA LYS A 150 22.64 13.02 -49.06
C LYS A 150 22.31 12.11 -47.89
N ASP A 151 23.33 11.72 -47.13
CA ASP A 151 23.15 10.87 -45.96
C ASP A 151 22.10 11.47 -45.04
N TYR A 152 20.92 10.84 -44.99
CA TYR A 152 19.73 11.46 -44.42
C TYR A 152 19.20 10.74 -43.20
N PHE A 153 20.00 9.90 -42.56
CA PHE A 153 19.57 9.12 -41.38
C PHE A 153 18.87 10.01 -40.36
N PRO A 154 17.69 9.58 -39.86
CA PRO A 154 17.04 8.28 -40.04
C PRO A 154 16.43 8.03 -41.43
N GLU A 155 15.77 6.88 -41.57
CA GLU A 155 15.31 6.44 -42.89
C GLU A 155 14.29 7.36 -43.57
N PRO A 156 13.30 7.95 -42.89
CA PRO A 156 12.28 8.70 -43.62
C PRO A 156 12.85 9.88 -44.39
N VAL A 157 12.45 9.99 -45.66
CA VAL A 157 12.84 11.08 -46.55
C VAL A 157 11.61 11.59 -47.28
N THR A 158 11.74 12.77 -47.87
CA THR A 158 10.65 13.42 -48.61
C THR A 158 11.19 13.93 -49.94
N VAL A 159 11.04 13.13 -50.99
CA VAL A 159 11.53 13.48 -52.32
C VAL A 159 10.43 14.21 -53.09
N SER A 160 10.83 15.24 -53.82
CA SER A 160 9.89 16.01 -54.63
C SER A 160 10.63 16.58 -55.83
N TRP A 161 9.95 16.62 -56.97
CA TRP A 161 10.52 17.17 -58.20
C TRP A 161 9.92 18.55 -58.45
N ASN A 162 10.79 19.55 -58.56
CA ASN A 162 10.39 20.94 -58.79
C ASN A 162 9.35 21.39 -57.76
N SER A 163 9.65 21.09 -56.49
CA SER A 163 8.77 21.42 -55.37
C SER A 163 7.37 20.86 -55.57
N HIS A 171 9.80 8.21 -60.26
CA HIS A 171 10.02 6.85 -59.78
C HIS A 171 11.09 6.83 -58.69
N THR A 172 10.66 6.55 -57.46
CA THR A 172 11.54 6.51 -56.31
C THR A 172 11.86 5.05 -55.94
N PHE A 173 13.11 4.81 -55.53
CA PHE A 173 13.60 3.48 -55.21
C PHE A 173 13.80 3.33 -53.70
N PRO A 174 13.69 2.11 -53.18
CA PRO A 174 13.91 1.89 -51.75
C PRO A 174 15.35 2.20 -51.35
N ALA A 175 15.56 2.27 -50.03
CA ALA A 175 16.87 2.61 -49.49
C ALA A 175 17.67 1.35 -49.19
N VAL A 176 18.97 1.54 -48.99
CA VAL A 176 19.90 0.45 -48.69
C VAL A 176 20.53 0.71 -47.34
N LEU A 177 20.78 -0.37 -46.60
CA LEU A 177 21.37 -0.30 -45.27
C LEU A 177 22.84 -0.70 -45.38
N GLN A 178 23.73 0.26 -45.10
CA GLN A 178 25.16 0.02 -45.14
C GLN A 178 25.63 -0.52 -43.79
N SER A 179 26.93 -0.83 -43.71
CA SER A 179 27.50 -1.30 -42.45
C SER A 179 27.48 -0.23 -41.38
N SER A 180 27.62 1.04 -41.77
CA SER A 180 27.58 2.13 -40.81
C SER A 180 26.17 2.39 -40.27
N GLY A 181 25.14 1.95 -41.00
CA GLY A 181 23.77 2.19 -40.62
C GLY A 181 23.10 3.34 -41.37
N LEU A 182 23.85 4.07 -42.18
CA LEU A 182 23.28 5.17 -42.95
C LEU A 182 22.52 4.63 -44.17
N TYR A 183 21.48 5.36 -44.56
CA TYR A 183 20.59 4.95 -45.64
C TYR A 183 20.85 5.79 -46.88
N SER A 184 21.00 5.12 -48.02
CA SER A 184 21.19 5.76 -49.31
C SER A 184 20.11 5.28 -50.28
N LEU A 185 19.68 6.18 -51.15
CA LEU A 185 18.60 5.89 -52.09
C LEU A 185 18.85 6.66 -53.38
N SER A 186 17.90 6.59 -54.30
CA SER A 186 18.00 7.28 -55.58
C SER A 186 16.60 7.60 -56.09
N SER A 187 16.49 8.71 -56.82
CA SER A 187 15.22 9.15 -57.36
C SER A 187 15.43 9.60 -58.81
N VAL A 188 14.71 8.97 -59.73
CA VAL A 188 14.79 9.28 -61.16
C VAL A 188 13.39 9.50 -61.68
N VAL A 189 13.24 10.47 -62.58
CA VAL A 189 11.95 10.79 -63.16
C VAL A 189 11.98 10.54 -64.67
N CYS A 203 15.19 18.28 -57.26
CA CYS A 203 15.14 17.41 -56.10
C CYS A 203 15.02 18.21 -54.81
N ASN A 204 16.17 18.47 -54.17
CA ASN A 204 16.23 19.18 -52.88
C ASN A 204 15.37 18.47 -51.84
N VAL A 205 15.73 17.22 -51.55
CA VAL A 205 14.98 16.40 -50.62
C VAL A 205 15.12 16.96 -49.22
N ASN A 206 14.00 17.19 -48.56
CA ASN A 206 14.01 17.71 -47.20
C ASN A 206 14.40 16.60 -46.22
N HIS A 207 15.24 16.96 -45.25
CA HIS A 207 15.72 16.03 -44.24
C HIS A 207 15.13 16.40 -42.89
N LYS A 208 14.46 15.44 -42.25
CA LYS A 208 13.95 15.67 -40.90
C LYS A 208 15.06 15.96 -39.88
N PRO A 209 16.21 15.25 -39.88
CA PRO A 209 17.27 15.63 -38.92
C PRO A 209 17.87 17.00 -39.20
N SER A 210 17.88 17.45 -40.45
CA SER A 210 18.43 18.75 -40.78
C SER A 210 17.42 19.88 -40.65
N ASN A 211 16.13 19.58 -40.86
CA ASN A 211 15.06 20.56 -40.78
C ASN A 211 15.30 21.72 -41.76
N THR A 212 15.43 21.37 -43.03
CA THR A 212 15.67 22.35 -44.08
C THR A 212 14.40 23.15 -44.38
N SER B 2 9.08 -20.46 -30.77
CA SER B 2 8.04 -21.16 -31.52
C SER B 2 7.81 -22.56 -30.94
N ALA B 3 6.87 -22.66 -30.00
CA ALA B 3 6.52 -23.96 -29.44
C ALA B 3 5.97 -24.90 -30.50
N LEU B 4 5.25 -24.35 -31.47
CA LEU B 4 4.77 -25.11 -32.62
C LEU B 4 5.61 -24.75 -33.84
N THR B 5 5.28 -25.35 -34.98
CA THR B 5 5.97 -25.09 -36.23
C THR B 5 4.95 -25.00 -37.35
N GLN B 6 5.31 -24.26 -38.39
CA GLN B 6 4.47 -24.06 -39.55
C GLN B 6 5.27 -24.35 -40.82
N PRO B 7 4.59 -24.73 -41.90
CA PRO B 7 5.30 -25.00 -43.16
C PRO B 7 5.98 -23.74 -43.68
N ALA B 8 7.16 -23.91 -44.27
CA ALA B 8 7.94 -22.78 -44.74
C ALA B 8 7.25 -22.07 -45.90
N SER B 9 6.91 -22.82 -46.95
CA SER B 9 6.35 -22.23 -48.14
C SER B 9 5.29 -23.16 -48.73
N VAL B 10 4.29 -22.55 -49.36
CA VAL B 10 3.25 -23.27 -50.08
C VAL B 10 3.11 -22.64 -51.47
N SER B 11 2.64 -23.43 -52.43
CA SER B 11 2.48 -22.96 -53.79
C SER B 11 1.30 -23.67 -54.43
N GLY B 12 0.57 -22.94 -55.27
CA GLY B 12 -0.58 -23.51 -55.94
C GLY B 12 -1.12 -22.56 -56.98
N SER B 13 -1.82 -23.15 -57.95
CA SER B 13 -2.46 -22.40 -59.03
C SER B 13 -3.75 -21.77 -58.55
N PRO B 14 -4.19 -20.67 -59.18
CA PRO B 14 -5.45 -20.03 -58.77
C PRO B 14 -6.63 -20.95 -58.99
N GLY B 15 -7.54 -20.98 -58.01
CA GLY B 15 -8.69 -21.84 -58.04
C GLY B 15 -8.48 -23.23 -57.46
N GLN B 16 -7.24 -23.60 -57.15
CA GLN B 16 -6.93 -24.90 -56.59
C GLN B 16 -6.91 -24.84 -55.08
N SER B 17 -7.32 -25.94 -54.44
CA SER B 17 -7.39 -26.02 -52.99
C SER B 17 -6.07 -26.54 -52.44
N ILE B 18 -5.45 -25.75 -51.56
CA ILE B 18 -4.20 -26.13 -50.90
C ILE B 18 -4.39 -26.02 -49.40
N THR B 19 -3.74 -26.93 -48.66
CA THR B 19 -3.90 -27.01 -47.22
C THR B 19 -2.65 -26.52 -46.50
N ILE B 20 -2.84 -26.04 -45.28
CA ILE B 20 -1.77 -25.58 -44.41
C ILE B 20 -1.87 -26.32 -43.08
N SER B 21 -0.72 -26.61 -42.49
CA SER B 21 -0.65 -27.41 -41.27
C SER B 21 -0.10 -26.59 -40.12
N CYS B 22 -0.35 -27.08 -38.91
CA CYS B 22 0.14 -26.47 -37.67
C CYS B 22 0.63 -27.60 -36.77
N THR B 23 1.94 -27.70 -36.58
CA THR B 23 2.50 -28.81 -35.83
C THR B 23 2.17 -28.70 -34.35
N ALA B 24 2.34 -29.80 -33.63
CA ALA B 24 2.13 -29.86 -32.19
C ALA B 24 3.28 -30.63 -31.55
N SER B 25 3.77 -30.13 -30.43
CA SER B 25 4.83 -30.81 -29.71
C SER B 25 4.29 -32.03 -28.98
N SER B 26 5.20 -32.98 -28.69
CA SER B 26 4.83 -34.17 -27.95
C SER B 26 4.52 -33.87 -26.48
N ASP B 27 4.82 -32.67 -26.01
CA ASP B 27 4.53 -32.27 -24.64
C ASP B 27 3.43 -31.21 -24.55
N PHE B 28 2.65 -31.04 -25.63
CA PHE B 28 1.57 -30.08 -25.62
C PHE B 28 0.44 -30.54 -24.70
N ARG B 29 -0.17 -29.59 -24.00
CA ARG B 29 -1.21 -29.88 -23.03
C ARG B 29 -2.46 -29.10 -23.36
N GLY B 30 -3.60 -29.80 -23.45
CA GLY B 30 -4.88 -29.16 -23.64
C GLY B 30 -5.03 -28.41 -24.95
N PHE B 31 -4.52 -28.99 -26.05
CA PHE B 31 -4.59 -28.37 -27.36
C PHE B 31 -6.00 -28.55 -27.91
N SER B 32 -6.87 -27.57 -27.65
CA SER B 32 -8.28 -27.69 -27.96
C SER B 32 -8.84 -26.53 -28.78
N SER B 33 -8.03 -25.55 -29.15
CA SER B 33 -8.53 -24.42 -29.92
C SER B 33 -7.40 -23.80 -30.74
N VAL B 34 -7.75 -23.30 -31.91
CA VAL B 34 -6.80 -22.68 -32.83
C VAL B 34 -7.49 -21.52 -33.53
N SER B 35 -6.76 -20.43 -33.72
CA SER B 35 -7.23 -19.30 -34.51
C SER B 35 -6.17 -18.97 -35.56
N TRP B 36 -6.63 -18.77 -36.80
CA TRP B 36 -5.75 -18.46 -37.92
C TRP B 36 -5.87 -16.98 -38.27
N TYR B 37 -4.78 -16.43 -38.83
CA TYR B 37 -4.71 -15.02 -39.18
C TYR B 37 -4.14 -14.87 -40.58
N GLN B 38 -4.58 -13.83 -41.27
CA GLN B 38 -4.06 -13.46 -42.59
C GLN B 38 -3.37 -12.10 -42.43
N GLN B 39 -2.05 -12.12 -42.25
CA GLN B 39 -1.28 -10.91 -42.01
C GLN B 39 -0.68 -10.42 -43.32
N VAL B 40 -1.10 -9.23 -43.75
CA VAL B 40 -0.44 -8.57 -44.87
C VAL B 40 1.03 -8.32 -44.51
N PRO B 41 1.99 -8.63 -45.38
CA PRO B 41 3.41 -8.47 -45.02
C PRO B 41 3.75 -7.05 -44.57
N GLY B 42 3.96 -6.89 -43.26
CA GLY B 42 4.29 -5.60 -42.70
C GLY B 42 3.11 -4.78 -42.24
N ARG B 43 1.95 -5.40 -42.03
CA ARG B 43 0.76 -4.67 -41.60
C ARG B 43 0.04 -5.49 -40.52
N ALA B 44 -1.11 -4.99 -40.11
CA ALA B 44 -1.85 -5.62 -39.02
C ALA B 44 -2.47 -6.94 -39.49
N PRO B 45 -2.40 -7.98 -38.66
CA PRO B 45 -3.01 -9.26 -39.05
C PRO B 45 -4.52 -9.16 -39.11
N LYS B 46 -5.11 -10.07 -39.89
CA LYS B 46 -6.55 -10.15 -40.06
C LYS B 46 -7.01 -11.54 -39.63
N LEU B 47 -7.95 -11.58 -38.68
CA LEU B 47 -8.44 -12.84 -38.14
C LEU B 47 -9.31 -13.56 -39.15
N LEU B 48 -8.86 -14.73 -39.62
CA LEU B 48 -9.64 -15.49 -40.59
C LEU B 48 -10.70 -16.34 -39.90
N ILE B 49 -10.31 -17.09 -38.88
CA ILE B 49 -11.22 -17.90 -38.08
C ILE B 49 -10.78 -17.82 -36.63
N PHE B 50 -11.68 -17.40 -35.75
CA PHE B 50 -11.25 -17.34 -34.32
C PHE B 50 -11.20 -18.75 -33.72
N SER B 51 -12.26 -19.50 -33.87
CA SER B 51 -12.31 -20.87 -33.30
C SER B 51 -11.82 -21.88 -34.34
N VAL B 52 -11.81 -23.16 -34.03
CA VAL B 52 -11.31 -24.14 -35.03
C VAL B 52 -12.18 -24.06 -36.30
N ASN B 53 -13.49 -23.98 -36.17
CA ASN B 53 -14.33 -23.96 -37.39
C ASN B 53 -15.14 -22.68 -37.55
N ARG B 54 -15.37 -21.90 -36.50
CA ARG B 54 -16.23 -20.73 -36.64
C ARG B 54 -15.50 -19.62 -37.37
N ARG B 55 -16.27 -18.83 -38.13
CA ARG B 55 -15.71 -17.76 -38.94
C ARG B 55 -16.41 -16.44 -38.61
N PRO B 56 -15.67 -15.32 -38.58
CA PRO B 56 -16.32 -14.01 -38.38
C PRO B 56 -17.19 -13.61 -39.55
N SER B 57 -17.79 -12.42 -39.45
CA SER B 57 -18.70 -11.96 -40.49
C SER B 57 -17.95 -11.43 -41.71
N GLY B 58 -16.96 -10.57 -41.48
CA GLY B 58 -16.22 -9.95 -42.57
C GLY B 58 -15.32 -10.87 -43.35
N ILE B 59 -15.22 -12.14 -42.96
CA ILE B 59 -14.34 -13.11 -43.62
C ILE B 59 -15.16 -13.92 -44.61
N SER B 60 -14.57 -14.24 -45.75
CA SER B 60 -15.26 -14.96 -46.80
C SER B 60 -15.52 -16.41 -46.41
N HIS B 61 -16.46 -17.04 -47.12
CA HIS B 61 -16.79 -18.44 -46.86
C HIS B 61 -15.72 -19.40 -47.38
N ARG B 62 -14.85 -18.93 -48.28
CA ARG B 62 -13.85 -19.81 -48.88
C ARG B 62 -12.83 -20.30 -47.87
N PHE B 63 -12.60 -19.55 -46.79
CA PHE B 63 -11.66 -19.96 -45.76
C PHE B 63 -12.34 -20.96 -44.83
N SER B 64 -11.68 -22.08 -44.57
CA SER B 64 -12.19 -23.12 -43.70
C SER B 64 -11.05 -23.72 -42.89
N GLY B 65 -11.42 -24.40 -41.81
CA GLY B 65 -10.43 -25.01 -40.94
C GLY B 65 -10.96 -26.16 -40.10
N SER B 66 -10.16 -27.21 -39.95
CA SER B 66 -10.55 -28.35 -39.14
C SER B 66 -9.31 -28.91 -38.44
N LYS B 67 -9.55 -29.62 -37.34
CA LYS B 67 -8.49 -30.19 -36.52
C LYS B 67 -8.66 -31.70 -36.45
N SER B 68 -7.58 -32.42 -36.72
CA SER B 68 -7.55 -33.88 -36.65
C SER B 68 -6.36 -34.29 -35.80
N GLY B 69 -6.64 -34.82 -34.62
CA GLY B 69 -5.59 -35.17 -33.68
C GLY B 69 -4.82 -33.97 -33.16
N ASN B 70 -3.52 -33.93 -33.44
CA ASN B 70 -2.65 -32.85 -33.01
C ASN B 70 -2.33 -31.87 -34.14
N THR B 71 -3.01 -31.97 -35.27
CA THR B 71 -2.72 -31.14 -36.44
C THR B 71 -3.95 -30.32 -36.80
N ALA B 72 -3.75 -29.02 -37.00
CA ALA B 72 -4.80 -28.13 -37.47
C ALA B 72 -4.59 -27.83 -38.95
N SER B 73 -5.68 -27.88 -39.71
CA SER B 73 -5.62 -27.75 -41.16
C SER B 73 -6.50 -26.59 -41.63
N LEU B 74 -5.96 -25.77 -42.53
CA LEU B 74 -6.68 -24.70 -43.19
C LEU B 74 -6.68 -24.96 -44.68
N THR B 75 -7.86 -24.88 -45.30
CA THR B 75 -8.01 -25.12 -46.74
C THR B 75 -8.64 -23.90 -47.38
N ILE B 76 -8.07 -23.46 -48.50
CA ILE B 76 -8.57 -22.32 -49.26
C ILE B 76 -9.15 -22.83 -50.57
N SER B 77 -10.32 -22.30 -50.94
CA SER B 77 -10.97 -22.62 -52.19
C SER B 77 -11.19 -21.33 -52.99
N GLY B 78 -11.12 -21.45 -54.31
CA GLY B 78 -11.26 -20.29 -55.17
C GLY B 78 -10.24 -19.21 -54.85
N LEU B 79 -8.96 -19.59 -54.87
CA LEU B 79 -7.89 -18.68 -54.50
C LEU B 79 -7.84 -17.48 -55.45
N GLN B 80 -7.51 -16.31 -54.90
CA GLN B 80 -7.44 -15.08 -55.66
C GLN B 80 -6.13 -14.54 -55.12
N ILE B 81 -5.63 -13.49 -55.77
CA ILE B 81 -4.39 -12.85 -55.31
C ILE B 81 -4.46 -11.93 -54.04
N GLU B 82 -5.71 -11.57 -53.75
CA GLU B 82 -6.00 -10.70 -52.62
C GLU B 82 -5.68 -11.59 -51.43
N ASP B 83 -5.87 -12.90 -51.55
CA ASP B 83 -5.67 -13.81 -50.42
C ASP B 83 -4.21 -13.96 -50.03
N GLU B 84 -3.28 -13.68 -50.94
CA GLU B 84 -1.86 -13.85 -50.68
C GLU B 84 -1.40 -12.92 -49.55
N ALA B 85 -0.88 -13.52 -48.49
CA ALA B 85 -0.36 -12.78 -47.33
C ALA B 85 0.36 -13.78 -46.41
N ASP B 86 0.78 -13.32 -45.24
CA ASP B 86 1.42 -14.18 -44.25
C ASP B 86 0.35 -14.75 -43.32
N TYR B 87 0.41 -16.06 -43.07
CA TYR B 87 -0.56 -16.76 -42.26
C TYR B 87 0.10 -17.33 -41.01
N HIS B 88 -0.64 -17.32 -39.91
CA HIS B 88 -0.13 -17.77 -38.62
C HIS B 88 -1.23 -18.49 -37.85
N CYS B 89 -0.88 -19.63 -37.26
CA CYS B 89 -1.78 -20.38 -36.39
C CYS B 89 -1.26 -20.29 -34.96
N ASN B 90 -2.12 -19.90 -34.03
CA ASN B 90 -1.73 -19.76 -32.63
C ASN B 90 -2.57 -20.68 -31.76
N ALA B 91 -1.93 -21.25 -30.74
CA ALA B 91 -2.59 -22.06 -29.72
C ALA B 91 -2.22 -21.46 -28.39
N TYR B 92 -3.20 -20.83 -27.73
CA TYR B 92 -2.99 -20.09 -26.48
C TYR B 92 -2.01 -18.96 -26.79
N GLU B 93 -0.91 -18.81 -26.04
CA GLU B 93 0.03 -17.74 -26.32
C GLU B 93 1.06 -18.09 -27.39
N PHE B 94 1.23 -19.37 -27.71
CA PHE B 94 2.23 -19.78 -28.67
C PHE B 94 1.78 -19.47 -30.09
N PHE B 95 2.71 -18.98 -30.90
CA PHE B 95 2.48 -18.67 -32.30
C PHE B 95 3.41 -19.49 -33.18
N GLY B 96 3.39 -19.21 -34.48
CA GLY B 96 4.22 -19.90 -35.44
C GLY B 96 5.10 -18.93 -36.22
N GLY B 97 6.05 -19.50 -36.94
CA GLY B 97 6.99 -18.72 -37.73
C GLY B 97 6.46 -18.19 -39.03
N GLY B 98 5.18 -18.41 -39.32
CA GLY B 98 4.60 -17.89 -40.55
C GLY B 98 4.73 -18.88 -41.70
N THR B 99 3.75 -18.80 -42.61
CA THR B 99 3.70 -19.66 -43.78
C THR B 99 3.75 -18.78 -45.03
N LYS B 100 4.86 -18.87 -45.76
CA LYS B 100 4.98 -18.11 -47.00
C LYS B 100 4.03 -18.67 -48.05
N VAL B 101 3.43 -17.77 -48.83
CA VAL B 101 2.47 -18.13 -49.86
C VAL B 101 3.04 -17.71 -51.22
N PHE B 102 2.76 -18.52 -52.24
CA PHE B 102 3.21 -18.24 -53.60
C PHE B 102 2.10 -18.60 -54.57
N VAL B 103 1.74 -17.66 -55.44
CA VAL B 103 0.66 -17.89 -56.43
C VAL B 103 1.29 -18.12 -57.82
N LEU B 104 0.98 -19.24 -58.46
CA LEU B 104 1.53 -19.56 -59.81
C LEU B 104 0.40 -19.54 -60.83
N GLY B 105 0.56 -18.82 -61.93
CA GLY B 105 1.82 -18.11 -62.21
C GLY B 105 1.58 -16.69 -62.70
N GLN B 106 2.65 -15.97 -63.00
CA GLN B 106 2.54 -14.60 -63.49
C GLN B 106 3.65 -14.33 -64.48
N PRO B 107 3.34 -13.69 -65.62
CA PRO B 107 4.36 -13.49 -66.65
C PRO B 107 5.51 -12.63 -66.14
N LYS B 108 6.72 -13.00 -66.56
CA LYS B 108 7.93 -12.31 -66.14
C LYS B 108 8.05 -10.97 -66.87
N ALA B 109 9.05 -10.19 -66.46
CA ALA B 109 9.30 -8.88 -67.04
C ALA B 109 10.79 -8.62 -67.08
N ALA B 110 11.23 -7.92 -68.12
CA ALA B 110 12.65 -7.59 -68.25
C ALA B 110 13.00 -6.40 -67.36
N PRO B 111 14.14 -6.43 -66.68
CA PRO B 111 14.51 -5.32 -65.79
C PRO B 111 14.84 -4.06 -66.58
N SER B 112 14.27 -2.94 -66.15
CA SER B 112 14.56 -1.64 -66.75
C SER B 112 15.80 -1.05 -66.06
N VAL B 113 16.93 -1.70 -66.32
CA VAL B 113 18.19 -1.32 -65.68
C VAL B 113 18.64 0.04 -66.20
N THR B 114 18.93 0.96 -65.28
CA THR B 114 19.40 2.29 -65.62
C THR B 114 20.57 2.62 -64.69
N LEU B 115 21.79 2.44 -65.19
CA LEU B 115 23.00 2.72 -64.42
C LEU B 115 23.49 4.13 -64.77
N PHE B 116 23.83 4.90 -63.73
CA PHE B 116 24.28 6.26 -63.91
C PHE B 116 25.72 6.41 -63.43
N PRO B 117 26.55 7.12 -64.17
CA PRO B 117 27.97 7.29 -63.77
C PRO B 117 28.06 8.14 -62.50
N PRO B 118 29.20 8.10 -61.82
CA PRO B 118 29.35 8.91 -60.61
C PRO B 118 29.26 10.40 -60.94
N SER B 119 28.57 11.14 -60.09
CA SER B 119 28.34 12.55 -60.32
C SER B 119 29.65 13.34 -60.19
N SER B 120 29.60 14.59 -60.65
CA SER B 120 30.78 15.45 -60.57
C SER B 120 31.15 15.76 -59.13
N GLU B 121 30.15 16.10 -58.31
CA GLU B 121 30.40 16.36 -56.90
C GLU B 121 30.77 15.08 -56.15
N GLU B 122 30.36 13.92 -56.66
CA GLU B 122 30.69 12.66 -56.01
C GLU B 122 32.19 12.39 -56.04
N LEU B 123 32.78 12.40 -57.24
CA LEU B 123 34.21 12.14 -57.37
C LEU B 123 35.06 13.25 -56.78
N GLN B 124 34.49 14.44 -56.55
CA GLN B 124 35.27 15.53 -55.98
C GLN B 124 35.64 15.26 -54.52
N ALA B 125 34.78 14.54 -53.79
CA ALA B 125 35.04 14.20 -52.40
C ALA B 125 35.89 12.95 -52.23
N ASN B 126 36.58 12.52 -53.30
CA ASN B 126 37.46 11.35 -53.28
C ASN B 126 36.69 10.08 -52.92
N LYS B 127 35.39 10.05 -53.21
CA LYS B 127 34.53 8.90 -52.97
C LYS B 127 33.77 8.59 -54.24
N ALA B 128 33.97 7.38 -54.77
CA ALA B 128 33.27 6.94 -55.98
C ALA B 128 32.09 6.07 -55.61
N THR B 129 30.96 6.30 -56.28
CA THR B 129 29.73 5.57 -56.00
C THR B 129 29.07 5.20 -57.32
N LEU B 130 29.03 3.90 -57.62
CA LEU B 130 28.36 3.39 -58.81
C LEU B 130 26.96 2.94 -58.44
N VAL B 131 25.96 3.59 -59.03
CA VAL B 131 24.55 3.34 -58.74
C VAL B 131 23.93 2.61 -59.91
N CYS B 132 23.27 1.49 -59.62
CA CYS B 132 22.55 0.70 -60.63
C CYS B 132 21.14 0.46 -60.13
N LEU B 133 20.14 0.86 -60.91
CA LEU B 133 18.75 0.74 -60.55
C LEU B 133 18.10 -0.38 -61.36
N ILE B 134 17.43 -1.29 -60.67
CA ILE B 134 16.76 -2.43 -61.30
C ILE B 134 15.27 -2.29 -60.99
N SER B 135 14.50 -1.80 -61.94
CA SER B 135 13.08 -1.55 -61.76
C SER B 135 12.28 -2.22 -62.88
N ASP B 136 10.98 -2.32 -62.64
CA ASP B 136 10.03 -2.87 -63.63
C ASP B 136 10.41 -4.29 -64.04
N PHE B 137 10.79 -5.11 -63.06
CA PHE B 137 11.19 -6.48 -63.32
C PHE B 137 10.37 -7.43 -62.46
N TYR B 138 10.15 -8.63 -62.98
CA TYR B 138 9.40 -9.67 -62.28
C TYR B 138 9.90 -11.05 -62.72
N PRO B 139 10.08 -11.98 -61.76
CA PRO B 139 9.84 -11.78 -60.33
C PRO B 139 11.02 -11.10 -59.63
N GLY B 140 10.85 -10.84 -58.33
CA GLY B 140 11.88 -10.20 -57.54
C GLY B 140 13.08 -11.09 -57.28
N ALA B 141 14.15 -10.88 -58.06
CA ALA B 141 15.35 -11.68 -57.90
C ALA B 141 16.60 -10.80 -58.00
N TRP B 146 29.34 -6.78 -58.95
CA TRP B 146 29.72 -5.58 -59.69
C TRP B 146 30.86 -5.86 -60.65
N LYS B 147 30.57 -6.55 -61.75
CA LYS B 147 31.56 -6.87 -62.77
C LYS B 147 31.03 -6.55 -64.16
N ALA B 148 31.86 -5.92 -64.99
CA ALA B 148 33.23 -5.54 -64.61
C ALA B 148 33.43 -4.04 -64.70
N GLU B 158 26.14 -3.88 -51.66
CA GLU B 158 24.89 -3.20 -51.33
C GLU B 158 23.72 -3.84 -52.07
N THR B 159 22.95 -4.66 -51.36
CA THR B 159 21.82 -5.38 -51.93
C THR B 159 20.52 -4.82 -51.38
N THR B 160 19.59 -4.50 -52.27
CA THR B 160 18.28 -3.97 -51.90
C THR B 160 17.20 -4.94 -52.34
N THR B 161 16.34 -5.34 -51.42
CA THR B 161 15.26 -6.26 -51.75
C THR B 161 14.22 -5.55 -52.61
N PRO B 162 13.62 -6.24 -53.58
CA PRO B 162 12.63 -5.59 -54.44
C PRO B 162 11.34 -5.30 -53.68
N SER B 163 10.68 -4.22 -54.09
CA SER B 163 9.42 -3.79 -53.50
C SER B 163 8.35 -3.67 -54.59
N LYS B 164 7.10 -3.88 -54.20
CA LYS B 164 6.00 -3.81 -55.14
C LYS B 164 5.80 -2.38 -55.63
N GLN B 165 5.19 -2.26 -56.81
CA GLN B 165 4.91 -0.97 -57.43
C GLN B 165 3.45 -0.96 -57.88
N SER B 166 2.99 0.21 -58.33
CA SER B 166 1.59 0.36 -58.69
C SER B 166 1.21 -0.44 -59.93
N ASN B 167 2.18 -0.71 -60.82
CA ASN B 167 1.92 -1.48 -62.03
C ASN B 167 2.12 -2.98 -61.82
N ASN B 168 2.03 -3.46 -60.58
CA ASN B 168 2.14 -4.89 -60.26
C ASN B 168 3.51 -5.44 -60.67
N LYS B 169 4.55 -4.63 -60.49
CA LYS B 169 5.92 -5.03 -60.78
C LYS B 169 6.81 -4.68 -59.60
N TYR B 170 7.99 -5.30 -59.57
CA TYR B 170 8.95 -5.08 -58.50
C TYR B 170 10.09 -4.19 -58.97
N ALA B 171 10.72 -3.50 -58.02
CA ALA B 171 11.81 -2.58 -58.31
C ALA B 171 12.83 -2.64 -57.18
N ALA B 172 14.10 -2.83 -57.54
CA ALA B 172 15.17 -2.89 -56.55
C ALA B 172 16.30 -1.93 -56.93
N SER B 173 17.43 -2.02 -56.24
CA SER B 173 18.57 -1.15 -56.52
C SER B 173 19.83 -1.83 -56.04
N SER B 174 20.97 -1.27 -56.43
CA SER B 174 22.27 -1.78 -56.04
C SER B 174 23.28 -0.64 -56.07
N TYR B 175 24.16 -0.62 -55.07
CA TYR B 175 25.15 0.43 -54.93
C TYR B 175 26.53 -0.20 -54.71
N LEU B 176 27.56 0.64 -54.82
CA LEU B 176 28.94 0.17 -54.68
C LEU B 176 29.82 1.33 -54.25
N SER B 177 30.52 1.17 -53.14
CA SER B 177 31.47 2.16 -52.67
C SER B 177 32.82 1.89 -53.32
N LEU B 178 33.22 2.76 -54.24
CA LEU B 178 34.45 2.60 -55.01
C LEU B 178 35.39 3.76 -54.74
N THR B 179 36.55 3.73 -55.40
CA THR B 179 37.56 4.77 -55.29
C THR B 179 37.70 5.51 -56.60
N PRO B 180 37.74 6.84 -56.59
CA PRO B 180 37.93 7.58 -57.85
C PRO B 180 39.22 7.22 -58.56
N GLU B 181 40.30 6.98 -57.81
CA GLU B 181 41.53 6.49 -58.44
C GLU B 181 41.32 5.12 -59.07
N GLN B 182 40.43 4.31 -58.49
CA GLN B 182 40.11 3.01 -59.07
C GLN B 182 39.14 3.15 -60.24
N TRP B 183 38.29 4.18 -60.24
CA TRP B 183 37.38 4.40 -61.35
C TRP B 183 38.07 5.08 -62.53
N LYS B 184 39.12 5.86 -62.27
CA LYS B 184 39.87 6.49 -63.35
C LYS B 184 40.98 5.60 -63.88
N SER B 185 41.35 4.54 -63.16
CA SER B 185 42.32 3.58 -63.67
C SER B 185 41.69 2.63 -64.67
N HIS B 186 40.43 2.27 -64.46
CA HIS B 186 39.67 1.43 -65.38
C HIS B 186 38.84 2.31 -66.29
N LYS B 187 38.80 1.97 -67.59
CA LYS B 187 38.17 2.86 -68.55
C LYS B 187 36.65 2.89 -68.39
N SER B 188 36.03 1.79 -67.96
CA SER B 188 34.58 1.74 -67.85
C SER B 188 34.18 0.60 -66.93
N TYR B 189 32.92 0.64 -66.51
CA TYR B 189 32.33 -0.41 -65.68
C TYR B 189 30.94 -0.73 -66.22
N SER B 190 30.43 -1.89 -65.82
CA SER B 190 29.13 -2.36 -66.27
C SER B 190 28.46 -3.09 -65.11
N CYS B 191 27.33 -3.73 -65.40
CA CYS B 191 26.59 -4.48 -64.40
C CYS B 191 25.78 -5.56 -65.09
N GLN B 192 25.61 -6.68 -64.42
CA GLN B 192 24.88 -7.84 -64.95
C GLN B 192 23.68 -8.11 -64.06
N VAL B 193 22.49 -8.04 -64.65
CA VAL B 193 21.24 -8.30 -63.94
C VAL B 193 20.56 -9.44 -64.69
N THR B 194 20.78 -10.67 -64.23
CA THR B 194 20.20 -11.86 -64.87
C THR B 194 18.91 -12.22 -64.16
N HIS B 195 17.81 -12.25 -64.92
CA HIS B 195 16.49 -12.60 -64.40
C HIS B 195 16.08 -13.95 -64.94
N GLU B 196 15.67 -14.85 -64.04
CA GLU B 196 15.26 -16.21 -64.40
C GLU B 196 16.34 -16.94 -65.19
N GLU C 2 -52.01 -50.63 -29.65
CA GLU C 2 -52.33 -50.52 -31.07
C GLU C 2 -52.68 -49.09 -31.44
N ASN C 3 -53.70 -48.56 -30.78
CA ASN C 3 -54.10 -47.15 -30.93
C ASN C 3 -53.56 -46.36 -29.75
N LEU C 4 -52.69 -45.41 -30.03
CA LEU C 4 -52.07 -44.58 -29.01
C LEU C 4 -52.64 -43.17 -29.06
N TRP C 5 -52.90 -42.60 -27.88
CA TRP C 5 -53.47 -41.27 -27.77
C TRP C 5 -52.65 -40.43 -26.80
N VAL C 6 -52.57 -39.13 -27.09
CA VAL C 6 -51.76 -38.22 -26.29
C VAL C 6 -52.38 -38.06 -24.91
N THR C 7 -51.53 -38.03 -23.88
CA THR C 7 -51.97 -37.91 -22.50
C THR C 7 -51.27 -36.73 -21.83
N VAL C 8 -52.05 -35.90 -21.15
CA VAL C 8 -51.54 -34.72 -20.46
C VAL C 8 -51.29 -35.07 -18.99
N TYR C 9 -50.11 -34.73 -18.50
CA TYR C 9 -49.76 -34.94 -17.10
C TYR C 9 -49.34 -33.61 -16.49
N TYR C 10 -49.85 -33.33 -15.29
CA TYR C 10 -49.57 -32.10 -14.56
C TYR C 10 -48.78 -32.44 -13.30
N GLY C 11 -47.58 -31.87 -13.19
CA GLY C 11 -46.71 -32.14 -12.07
C GLY C 11 -45.57 -33.08 -12.36
N VAL C 12 -45.18 -33.25 -13.62
CA VAL C 12 -44.09 -34.17 -13.96
C VAL C 12 -42.77 -33.57 -13.51
N PRO C 13 -41.87 -34.35 -12.92
CA PRO C 13 -40.54 -33.81 -12.56
C PRO C 13 -39.66 -33.56 -13.77
N VAL C 14 -39.96 -32.50 -14.52
CA VAL C 14 -39.14 -32.06 -15.64
C VAL C 14 -38.78 -30.61 -15.41
N TRP C 15 -37.50 -30.31 -15.48
CA TRP C 15 -37.02 -28.94 -15.21
C TRP C 15 -36.09 -28.48 -16.32
N LYS C 16 -36.04 -27.20 -16.55
CA LYS C 16 -35.07 -26.67 -17.54
C LYS C 16 -34.27 -25.57 -16.84
N ASP C 17 -32.99 -25.46 -17.14
CA ASP C 17 -32.16 -24.43 -16.49
C ASP C 17 -32.42 -23.09 -17.18
N ALA C 18 -32.62 -22.05 -16.40
CA ALA C 18 -32.84 -20.70 -16.95
C ALA C 18 -32.47 -19.66 -15.90
N GLU C 19 -32.27 -18.43 -16.31
CA GLU C 19 -31.88 -17.36 -15.36
C GLU C 19 -33.14 -16.69 -14.81
N THR C 20 -33.23 -16.53 -13.51
CA THR C 20 -34.40 -15.88 -12.88
C THR C 20 -33.93 -14.97 -11.76
N THR C 21 -34.76 -14.04 -11.32
CA THR C 21 -34.32 -13.07 -10.28
C THR C 21 -34.49 -13.65 -8.88
N LEU C 22 -33.43 -14.15 -8.30
CA LEU C 22 -33.41 -14.72 -6.97
C LEU C 22 -33.63 -13.62 -5.92
N PHE C 23 -34.12 -14.05 -4.78
CA PHE C 23 -34.31 -13.16 -3.67
C PHE C 23 -33.41 -13.60 -2.53
N CYS C 24 -33.70 -13.20 -1.30
CA CYS C 24 -32.83 -13.48 -0.18
C CYS C 24 -33.46 -14.22 0.99
N ALA C 25 -32.64 -15.01 1.70
CA ALA C 25 -33.05 -15.70 2.94
C ALA C 25 -31.93 -15.65 3.98
N SER C 26 -32.22 -15.23 5.20
CA SER C 26 -31.17 -15.13 6.20
C SER C 26 -31.76 -15.18 7.56
N ASP C 27 -31.17 -15.98 8.45
CA ASP C 27 -31.72 -16.17 9.79
C ASP C 27 -31.72 -14.86 10.57
N ALA C 28 -32.71 -14.71 11.45
CA ALA C 28 -32.84 -13.51 12.26
C ALA C 28 -31.94 -13.66 13.49
N LYS C 29 -30.82 -12.94 13.48
CA LYS C 29 -29.88 -13.02 14.59
C LYS C 29 -30.34 -12.21 15.80
N ALA C 30 -31.00 -11.09 15.55
CA ALA C 30 -31.49 -10.25 16.66
C ALA C 30 -32.67 -9.41 16.18
N TYR C 31 -33.52 -8.95 17.07
CA TYR C 31 -34.67 -8.11 16.67
C TYR C 31 -34.14 -6.81 16.06
N GLU C 32 -33.08 -6.24 16.64
CA GLU C 32 -32.48 -4.97 16.15
C GLU C 32 -32.13 -5.10 14.66
N GLU C 34 -27.83 -0.07 16.75
CA GLU C 34 -28.63 -0.15 15.50
C GLU C 34 -27.75 -0.83 14.43
N LYS C 35 -27.92 -2.13 14.29
CA LYS C 35 -26.96 -2.92 13.47
C LYS C 35 -26.92 -2.37 12.07
N HIS C 36 -28.07 -2.26 11.42
CA HIS C 36 -28.13 -1.67 10.06
C HIS C 36 -27.05 -2.38 9.26
N ASN C 37 -27.00 -3.69 9.29
CA ASN C 37 -25.92 -4.35 8.52
C ASN C 37 -26.14 -3.98 7.05
N VAL C 38 -25.08 -3.56 6.39
CA VAL C 38 -25.14 -3.08 4.98
C VAL C 38 -25.63 -4.20 4.07
N TRP C 39 -25.16 -5.41 4.29
CA TRP C 39 -25.52 -6.54 3.40
C TRP C 39 -27.04 -6.68 3.42
N ALA C 40 -27.63 -6.54 4.57
CA ALA C 40 -29.09 -6.56 4.70
C ALA C 40 -29.45 -5.58 5.79
N THR C 41 -30.57 -4.89 5.65
CA THR C 41 -31.09 -4.04 6.76
C THR C 41 -32.25 -4.83 7.39
N HIS C 42 -32.14 -6.17 7.28
CA HIS C 42 -33.10 -7.26 7.65
C HIS C 42 -34.10 -7.42 6.50
N ALA C 43 -33.83 -6.79 5.36
CA ALA C 43 -34.72 -6.86 4.18
C ALA C 43 -34.81 -8.30 3.68
N CYS C 44 -33.72 -9.07 3.66
CA CYS C 44 -33.86 -10.46 3.17
C CYS C 44 -34.81 -11.13 4.16
N VAL C 45 -35.91 -11.70 3.71
CA VAL C 45 -36.83 -12.37 4.68
C VAL C 45 -36.13 -13.62 5.19
N PRO C 46 -36.30 -13.95 6.46
CA PRO C 46 -35.72 -15.04 7.23
C PRO C 46 -36.13 -16.45 6.79
N THR C 47 -35.17 -17.34 6.67
CA THR C 47 -35.48 -18.72 6.23
C THR C 47 -36.15 -19.48 7.37
N ASP C 48 -36.89 -20.52 7.05
CA ASP C 48 -37.56 -21.36 8.08
C ASP C 48 -36.44 -22.04 8.89
N PRO C 49 -36.71 -22.30 10.16
CA PRO C 49 -35.73 -22.86 11.07
C PRO C 49 -35.25 -24.18 10.48
N ASN C 50 -36.12 -24.95 9.87
CA ASN C 50 -35.67 -26.23 9.27
C ASN C 50 -35.71 -26.10 7.74
N PRO C 51 -34.61 -26.41 7.08
CA PRO C 51 -34.44 -26.33 5.64
C PRO C 51 -34.68 -27.73 5.08
N GLN C 52 -35.35 -27.83 3.96
CA GLN C 52 -35.62 -29.16 3.40
C GLN C 52 -34.73 -29.37 2.18
N GLU C 53 -33.86 -30.36 2.21
CA GLU C 53 -32.97 -30.66 1.07
C GLU C 53 -33.40 -32.03 0.55
N ILE C 54 -33.61 -32.18 -0.74
CA ILE C 54 -34.09 -33.49 -1.25
C ILE C 54 -32.98 -34.17 -2.05
N HIS C 55 -32.70 -35.43 -1.79
CA HIS C 55 -31.64 -36.14 -2.55
C HIS C 55 -32.29 -36.86 -3.73
N LEU C 56 -31.84 -36.59 -4.95
CA LEU C 56 -32.42 -37.24 -6.14
C LEU C 56 -31.60 -38.47 -6.48
N GLU C 57 -32.28 -39.56 -6.70
CA GLU C 57 -31.71 -40.85 -7.08
C GLU C 57 -31.55 -40.93 -8.58
N ASN C 58 -30.41 -41.47 -9.02
CA ASN C 58 -30.15 -41.77 -10.43
C ASN C 58 -30.28 -40.52 -11.31
N VAL C 59 -29.90 -39.36 -10.78
CA VAL C 59 -29.94 -38.10 -11.52
C VAL C 59 -28.51 -37.64 -11.75
N THR C 60 -28.17 -37.41 -13.02
CA THR C 60 -26.84 -36.96 -13.42
C THR C 60 -27.02 -35.66 -14.19
N GLU C 61 -27.22 -34.58 -13.45
CA GLU C 61 -27.36 -33.23 -14.01
C GLU C 61 -26.04 -32.51 -13.79
N GLU C 62 -25.46 -32.00 -14.87
CA GLU C 62 -24.21 -31.26 -14.77
C GLU C 62 -24.48 -29.77 -14.95
N PHE C 63 -23.60 -28.96 -14.38
CA PHE C 63 -23.68 -27.51 -14.49
C PHE C 63 -22.30 -26.94 -14.73
N ASN C 64 -22.25 -25.80 -15.39
CA ASN C 64 -20.95 -25.15 -15.70
C ASN C 64 -20.70 -24.05 -14.67
N MET C 65 -19.62 -24.14 -13.91
CA MET C 65 -19.34 -23.15 -12.85
C MET C 65 -19.09 -21.75 -13.42
N TRP C 66 -18.29 -21.64 -14.47
CA TRP C 66 -17.91 -20.33 -15.05
C TRP C 66 -19.08 -19.57 -15.68
N LYS C 67 -20.03 -20.23 -16.32
CA LYS C 67 -21.15 -19.47 -16.93
C LYS C 67 -22.30 -19.36 -15.93
N ASN C 68 -22.11 -19.88 -14.72
CA ASN C 68 -23.16 -19.85 -13.72
C ASN C 68 -23.67 -18.43 -13.56
N ASN C 69 -24.98 -18.25 -13.73
CA ASN C 69 -25.59 -16.94 -13.65
C ASN C 69 -25.76 -16.46 -12.21
N MET C 70 -25.59 -17.34 -11.23
CA MET C 70 -25.81 -16.93 -9.85
C MET C 70 -24.75 -15.98 -9.33
N VAL C 71 -23.53 -16.09 -9.84
CA VAL C 71 -22.43 -15.20 -9.37
C VAL C 71 -22.69 -13.76 -9.80
N GLU C 72 -23.04 -13.53 -11.05
CA GLU C 72 -23.24 -12.14 -11.49
C GLU C 72 -24.44 -11.53 -10.76
N GLN C 73 -25.48 -12.27 -10.49
CA GLN C 73 -26.62 -11.63 -9.80
C GLN C 73 -26.14 -11.16 -8.43
N MET C 74 -25.40 -11.97 -7.69
CA MET C 74 -24.94 -11.52 -6.37
C MET C 74 -24.02 -10.32 -6.56
N HIS C 75 -23.12 -10.41 -7.50
CA HIS C 75 -22.18 -9.31 -7.73
C HIS C 75 -22.91 -7.99 -7.87
N THR C 76 -23.85 -7.94 -8.80
CA THR C 76 -24.63 -6.71 -9.01
C THR C 76 -25.44 -6.47 -7.75
N ASP C 77 -25.72 -7.52 -6.99
CA ASP C 77 -26.48 -7.35 -5.72
C ASP C 77 -25.62 -6.64 -4.67
N ILE C 78 -24.39 -7.04 -4.48
CA ILE C 78 -23.57 -6.35 -3.45
C ILE C 78 -23.32 -4.92 -3.89
N ILE C 79 -22.96 -4.73 -5.14
CA ILE C 79 -22.68 -3.36 -5.66
C ILE C 79 -23.94 -2.53 -5.47
N SER C 80 -25.11 -3.03 -5.81
CA SER C 80 -26.31 -2.19 -5.58
C SER C 80 -26.51 -1.96 -4.09
N LEU C 81 -26.26 -2.96 -3.27
CA LEU C 81 -26.43 -2.81 -1.81
C LEU C 81 -25.49 -1.73 -1.27
N TRP C 82 -24.27 -1.64 -1.75
CA TRP C 82 -23.35 -0.61 -1.21
C TRP C 82 -23.92 0.79 -1.48
N ASP C 83 -24.26 1.12 -2.71
CA ASP C 83 -24.77 2.45 -3.03
C ASP C 83 -26.01 2.79 -2.23
N GLN C 84 -26.80 1.78 -1.83
CA GLN C 84 -28.01 2.05 -1.05
C GLN C 84 -27.68 2.40 0.39
N SER C 85 -26.49 2.07 0.86
CA SER C 85 -26.08 2.38 2.23
C SER C 85 -25.30 3.68 2.33
N LEU C 86 -24.54 4.05 1.30
CA LEU C 86 -23.76 5.28 1.31
C LEU C 86 -24.54 6.50 0.85
N LYS C 87 -25.63 6.29 0.10
CA LYS C 87 -26.45 7.43 -0.32
C LYS C 87 -26.99 8.25 0.85
N PRO C 88 -27.52 7.67 1.93
CA PRO C 88 -28.01 8.50 3.04
C PRO C 88 -26.93 9.10 3.92
N CYS C 89 -25.69 8.67 3.79
CA CYS C 89 -24.63 9.16 4.66
C CYS C 89 -24.15 10.55 4.22
N VAL C 90 -23.40 11.19 5.10
CA VAL C 90 -22.95 12.56 4.86
C VAL C 90 -21.87 12.57 3.77
N LYS C 91 -21.83 13.66 3.01
CA LYS C 91 -20.88 13.82 1.91
C LYS C 91 -19.79 14.79 2.33
N LEU C 92 -18.54 14.41 2.07
CA LEU C 92 -17.37 15.23 2.38
C LEU C 92 -16.93 16.05 1.18
N THR C 93 -17.87 16.78 0.57
CA THR C 93 -17.52 17.67 -0.53
C THR C 93 -16.67 18.86 -0.07
N PRO C 94 -16.87 19.43 1.13
CA PRO C 94 -16.00 20.54 1.55
C PRO C 94 -14.63 20.12 2.02
N LEU C 95 -14.35 18.83 2.18
CA LEU C 95 -13.05 18.38 2.67
C LEU C 95 -11.97 18.44 1.59
N CYS C 96 -12.34 18.60 0.32
CA CYS C 96 -11.37 18.75 -0.76
C CYS C 96 -10.78 20.17 -0.69
N VAL C 97 -9.87 20.35 0.25
CA VAL C 97 -9.22 21.63 0.51
C VAL C 97 -7.72 21.40 0.64
N THR C 98 -6.93 22.38 0.19
CA THR C 98 -5.48 22.33 0.34
C THR C 98 -5.09 22.08 1.78
N LEU C 99 -4.44 20.94 2.02
CA LEU C 99 -3.99 20.57 3.35
C LEU C 99 -2.56 21.03 3.57
N GLN C 100 -2.24 21.33 4.82
CA GLN C 100 -0.87 21.69 5.23
C GLN C 100 -0.43 20.67 6.27
N CYS C 101 0.37 19.69 5.84
CA CYS C 101 0.65 18.51 6.63
C CYS C 101 2.05 18.57 7.24
N THR C 102 2.16 18.03 8.45
CA THR C 102 3.43 17.87 9.15
C THR C 102 3.52 16.41 9.60
N ASN C 103 4.64 15.77 9.31
CA ASN C 103 4.78 14.35 9.62
C ASN C 103 4.55 14.11 11.10
N VAL C 104 3.91 12.97 11.40
CA VAL C 104 3.56 12.65 12.78
C VAL C 104 4.82 12.39 13.58
N THR C 105 4.79 12.79 14.86
CA THR C 105 5.91 12.64 15.78
C THR C 105 6.46 11.22 15.77
N ASN C 106 7.69 11.07 15.27
CA ASN C 106 8.30 9.75 15.11
C ASN C 106 9.80 9.92 14.99
N ASN C 107 10.54 8.93 15.49
CA ASN C 107 11.99 8.90 15.35
C ASN C 107 12.35 8.21 14.04
N ILE C 108 13.01 8.94 13.15
CA ILE C 108 13.31 8.44 11.80
C ILE C 108 14.56 7.58 11.88
N THR C 109 14.38 6.26 11.88
CA THR C 109 15.49 5.32 11.76
C THR C 109 15.47 4.56 10.45
N ASP C 110 14.29 4.27 9.91
CA ASP C 110 14.12 3.66 8.58
C ASP C 110 14.98 2.40 8.41
N MET C 112 11.34 6.23 10.74
CA MET C 112 10.58 4.96 10.51
C MET C 112 9.74 5.09 9.24
N ARG C 113 9.94 6.16 8.47
CA ARG C 113 9.21 6.37 7.19
C ARG C 113 7.71 6.23 7.41
N GLY C 114 7.17 6.89 8.41
CA GLY C 114 5.73 6.77 8.71
C GLY C 114 4.90 7.32 7.57
N GLU C 115 3.92 6.58 7.11
CA GLU C 115 2.99 7.09 6.12
C GLU C 115 2.05 8.15 6.68
N LEU C 116 1.94 8.22 8.00
CA LEU C 116 0.93 9.06 8.62
C LEU C 116 1.35 10.51 8.48
N LYS C 117 0.37 11.37 8.25
CA LYS C 117 0.56 12.81 8.22
C LYS C 117 -0.35 13.47 9.25
N ASN C 118 -0.06 14.72 9.56
CA ASN C 118 -0.83 15.51 10.52
C ASN C 118 -1.13 16.84 9.83
N CYS C 119 -2.35 17.01 9.37
CA CYS C 119 -2.69 18.09 8.47
C CYS C 119 -3.76 18.99 9.10
N SER C 120 -3.52 20.29 9.04
CA SER C 120 -4.48 21.28 9.58
C SER C 120 -5.17 21.91 8.37
N PHE C 121 -6.48 22.05 8.38
CA PHE C 121 -7.15 22.62 7.19
C PHE C 121 -8.19 23.65 7.63
N ASN C 122 -8.55 24.56 6.75
CA ASN C 122 -9.59 25.56 7.09
C ASN C 122 -10.90 24.90 6.73
N MET C 123 -11.62 24.42 7.73
CA MET C 123 -12.86 23.69 7.52
C MET C 123 -14.05 24.59 7.80
N THR C 124 -15.18 24.31 7.14
CA THR C 124 -16.39 25.03 7.43
C THR C 124 -16.94 24.60 8.79
N THR C 125 -18.01 25.26 9.21
CA THR C 125 -18.65 24.97 10.50
C THR C 125 -20.16 25.09 10.33
N GLU C 126 -20.86 25.10 11.46
CA GLU C 126 -22.32 25.15 11.45
C GLU C 126 -22.82 26.43 10.78
N LEU C 127 -22.12 27.54 10.98
CA LEU C 127 -22.51 28.81 10.39
C LEU C 127 -21.77 29.02 9.08
N ARG C 128 -22.45 29.67 8.14
CA ARG C 128 -21.89 29.83 6.80
C ARG C 128 -20.75 30.83 6.79
N ASP C 129 -20.92 31.97 7.47
CA ASP C 129 -19.88 33.00 7.44
C ASP C 129 -18.64 32.57 8.22
N LYS C 130 -18.82 31.79 9.29
CA LYS C 130 -17.69 31.40 10.12
C LYS C 130 -16.92 30.26 9.47
N LYS C 131 -15.65 30.12 9.89
CA LYS C 131 -14.82 28.99 9.51
C LYS C 131 -14.14 28.43 10.75
N GLN C 132 -13.23 27.48 10.56
CA GLN C 132 -12.46 26.94 11.67
C GLN C 132 -11.23 26.24 11.12
N LYS C 133 -10.14 26.34 11.87
CA LYS C 133 -8.88 25.67 11.52
C LYS C 133 -8.77 24.45 12.43
N VAL C 134 -9.02 23.28 11.85
CA VAL C 134 -8.95 22.02 12.58
C VAL C 134 -7.87 21.15 11.92
N TYR C 135 -7.39 20.17 12.69
CA TYR C 135 -6.37 19.25 12.21
C TYR C 135 -6.93 17.84 12.18
N SER C 136 -6.15 16.95 11.57
CA SER C 136 -6.53 15.55 11.44
C SER C 136 -5.27 14.75 11.10
N LEU C 137 -5.45 13.45 10.90
CA LEU C 137 -4.37 12.57 10.50
C LEU C 137 -4.80 11.78 9.28
N PHE C 138 -3.89 11.63 8.33
CA PHE C 138 -4.15 10.91 7.09
C PHE C 138 -2.94 10.07 6.73
N TYR C 139 -3.19 8.86 6.24
CA TYR C 139 -2.09 8.02 5.79
C TYR C 139 -1.52 8.56 4.49
N ARG C 140 -0.37 8.01 4.10
CA ARG C 140 0.31 8.47 2.89
C ARG C 140 -0.51 8.18 1.64
N LEU C 141 -1.26 7.08 1.64
CA LEU C 141 -2.01 6.66 0.45
C LEU C 141 -3.22 7.54 0.16
N ASP C 142 -3.66 8.34 1.12
CA ASP C 142 -4.87 9.15 0.95
C ASP C 142 -4.60 10.55 0.42
N VAL C 143 -3.36 11.02 0.52
CA VAL C 143 -3.02 12.39 0.16
C VAL C 143 -1.92 12.38 -0.89
N VAL C 144 -1.96 13.38 -1.77
CA VAL C 144 -0.94 13.57 -2.80
C VAL C 144 -0.41 14.99 -2.70
N GLN C 145 0.79 15.19 -3.24
CA GLN C 145 1.45 16.48 -3.16
C GLN C 145 0.96 17.45 -4.22
N ILE C 146 0.64 18.67 -3.81
CA ILE C 146 0.23 19.74 -4.71
C ILE C 146 1.29 20.84 -4.76
N ASN C 147 1.97 20.97 -5.89
CA ASN C 147 3.04 21.94 -6.02
C ASN C 147 2.46 23.34 -6.16
N SER C 157 7.90 22.75 8.78
CA SER C 157 8.28 22.29 7.46
C SER C 157 7.07 21.70 6.74
N ASN C 158 5.91 22.35 6.88
CA ASN C 158 4.69 21.85 6.29
C ASN C 158 4.56 22.28 4.84
N LYS C 159 4.10 21.35 3.99
CA LYS C 159 3.87 21.61 2.59
C LYS C 159 2.39 21.34 2.27
N GLU C 160 2.00 21.69 1.04
CA GLU C 160 0.61 21.58 0.62
C GLU C 160 0.32 20.18 0.10
N TYR C 161 -0.71 19.54 0.67
CA TYR C 161 -1.14 18.21 0.28
C TYR C 161 -2.61 18.24 -0.11
N ARG C 162 -2.98 17.36 -1.04
CA ARG C 162 -4.34 17.26 -1.55
C ARG C 162 -4.82 15.83 -1.44
N LEU C 163 -6.11 15.71 -1.12
CA LEU C 163 -6.78 14.40 -0.99
C LEU C 163 -6.72 13.76 -2.37
N ILE C 164 -6.51 12.46 -2.43
CA ILE C 164 -6.28 11.74 -3.73
C ILE C 164 -7.48 11.80 -4.67
N ASN C 165 -8.71 11.73 -4.20
CA ASN C 165 -9.87 11.65 -5.11
C ASN C 165 -10.39 13.01 -5.58
N CYS C 166 -9.85 14.12 -5.15
CA CYS C 166 -10.45 15.41 -5.49
C CYS C 166 -10.35 15.70 -6.99
N ASN C 167 -9.27 15.26 -7.64
CA ASN C 167 -9.11 15.55 -9.06
C ASN C 167 -9.93 14.61 -9.94
N THR C 168 -10.36 13.46 -9.42
CA THR C 168 -11.06 12.47 -10.22
C THR C 168 -12.54 12.33 -9.87
N SER C 169 -12.86 12.11 -8.60
CA SER C 169 -14.19 11.70 -8.21
C SER C 169 -14.58 12.34 -6.88
N ALA C 170 -15.90 12.53 -6.69
CA ALA C 170 -16.38 12.99 -5.40
C ALA C 170 -16.20 11.91 -4.34
N ILE C 171 -16.30 12.32 -3.09
CA ILE C 171 -16.08 11.43 -1.95
C ILE C 171 -17.26 11.53 -1.00
N THR C 172 -17.59 10.43 -0.35
CA THR C 172 -18.66 10.39 0.64
C THR C 172 -18.26 9.45 1.77
N GLN C 173 -18.58 9.85 3.00
CA GLN C 173 -18.16 9.14 4.19
C GLN C 173 -19.19 8.09 4.59
N ALA C 174 -18.73 6.89 4.89
CA ALA C 174 -19.62 5.83 5.35
C ALA C 174 -20.17 6.16 6.73
N CYS C 175 -21.47 5.92 6.90
CA CYS C 175 -22.09 6.19 8.18
C CYS C 175 -21.36 5.43 9.28
N PRO C 176 -21.17 6.04 10.43
CA PRO C 176 -20.45 5.32 11.49
C PRO C 176 -21.23 4.10 11.98
N LYS C 177 -22.55 4.22 12.07
CA LYS C 177 -23.43 3.15 12.61
C LYS C 177 -23.39 1.87 11.76
N VAL C 178 -23.41 1.93 10.44
CA VAL C 178 -23.46 0.66 9.65
C VAL C 178 -22.19 -0.16 9.86
N SER C 179 -22.32 -1.47 9.87
CA SER C 179 -21.17 -2.36 10.11
C SER C 179 -20.84 -3.11 8.82
N PHE C 180 -19.58 -3.22 8.48
CA PHE C 180 -19.16 -3.92 7.26
C PHE C 180 -18.94 -5.41 7.49
N GLU C 181 -19.44 -5.96 8.58
CA GLU C 181 -19.18 -7.36 8.90
C GLU C 181 -19.99 -8.27 7.99
N PRO C 182 -19.38 -9.28 7.37
CA PRO C 182 -20.15 -10.19 6.51
C PRO C 182 -21.03 -11.11 7.36
N ILE C 183 -22.28 -11.25 6.95
CA ILE C 183 -23.23 -12.15 7.60
C ILE C 183 -23.72 -13.14 6.54
N PRO C 184 -24.10 -14.35 6.96
CA PRO C 184 -24.51 -15.32 5.97
C PRO C 184 -25.80 -14.91 5.37
N ILE C 185 -25.93 -15.04 4.05
CA ILE C 185 -27.18 -14.77 3.39
C ILE C 185 -27.41 -15.90 2.43
N HIS C 186 -28.64 -16.39 2.35
CA HIS C 186 -29.00 -17.48 1.46
C HIS C 186 -29.78 -16.90 0.32
N TYR C 187 -29.55 -17.43 -0.87
CA TYR C 187 -30.26 -16.98 -2.03
C TYR C 187 -31.23 -18.07 -2.44
N CYS C 188 -32.51 -17.78 -2.54
CA CYS C 188 -33.42 -18.81 -2.98
C CYS C 188 -34.02 -18.42 -4.27
N ALA C 189 -34.70 -19.38 -4.85
CA ALA C 189 -35.33 -19.17 -6.13
C ALA C 189 -36.80 -18.98 -5.97
N PRO C 190 -37.40 -18.25 -6.90
CA PRO C 190 -38.83 -17.94 -6.77
C PRO C 190 -39.69 -19.19 -6.96
N ALA C 191 -40.96 -19.05 -6.58
CA ALA C 191 -41.89 -20.16 -6.67
C ALA C 191 -42.06 -20.60 -8.12
N GLY C 192 -41.88 -21.90 -8.37
CA GLY C 192 -41.85 -22.43 -9.71
C GLY C 192 -40.45 -22.62 -10.27
N PHE C 193 -39.42 -22.41 -9.46
CA PHE C 193 -38.04 -22.61 -9.87
C PHE C 193 -37.33 -23.45 -8.80
N ALA C 194 -36.20 -24.04 -9.19
CA ALA C 194 -35.49 -24.94 -8.29
C ALA C 194 -33.99 -24.70 -8.39
N ILE C 195 -33.29 -25.09 -7.34
CA ILE C 195 -31.83 -24.97 -7.26
C ILE C 195 -31.25 -26.35 -7.02
N LEU C 196 -30.33 -26.76 -7.88
CA LEU C 196 -29.72 -28.09 -7.81
C LEU C 196 -28.34 -27.99 -7.17
N LYS C 197 -28.10 -28.79 -6.14
CA LYS C 197 -26.89 -28.70 -5.33
C LYS C 197 -26.06 -29.97 -5.52
N CYS C 198 -24.86 -29.81 -6.05
CA CYS C 198 -23.95 -30.94 -6.20
C CYS C 198 -23.40 -31.35 -4.84
N LYS C 199 -23.39 -32.66 -4.58
CA LYS C 199 -22.87 -33.20 -3.33
C LYS C 199 -21.66 -34.09 -3.57
N ASP C 200 -21.00 -33.94 -4.71
CA ASP C 200 -19.82 -34.74 -5.02
C ASP C 200 -18.60 -34.11 -4.34
N LYS C 201 -17.94 -34.88 -3.46
CA LYS C 201 -16.79 -34.35 -2.73
C LYS C 201 -15.64 -34.00 -3.66
N LYS C 202 -15.37 -34.85 -4.65
CA LYS C 202 -14.29 -34.64 -5.60
C LYS C 202 -14.74 -33.89 -6.86
N PHE C 203 -15.76 -33.05 -6.74
CA PHE C 203 -16.39 -32.45 -7.90
C PHE C 203 -15.43 -31.47 -8.60
N ASN C 204 -15.26 -31.67 -9.90
CA ASN C 204 -14.51 -30.75 -10.74
C ASN C 204 -15.36 -29.50 -11.01
N GLY C 205 -14.72 -28.50 -11.61
CA GLY C 205 -15.40 -27.26 -11.94
C GLY C 205 -16.60 -27.46 -12.84
N THR C 206 -16.37 -27.92 -14.06
CA THR C 206 -17.42 -28.19 -15.02
C THR C 206 -17.46 -29.68 -15.33
N GLY C 207 -18.67 -30.24 -15.37
CA GLY C 207 -18.84 -31.64 -15.66
C GLY C 207 -20.01 -32.25 -14.93
N PRO C 208 -20.28 -33.53 -15.19
CA PRO C 208 -21.40 -34.21 -14.54
C PRO C 208 -21.17 -34.38 -13.04
N CYS C 209 -22.23 -34.19 -12.27
CA CYS C 209 -22.21 -34.45 -10.83
C CYS C 209 -23.04 -35.70 -10.58
N PRO C 210 -22.40 -36.85 -10.28
CA PRO C 210 -23.17 -38.10 -10.14
C PRO C 210 -24.22 -38.06 -9.05
N SER C 211 -23.98 -37.35 -7.95
CA SER C 211 -24.93 -37.26 -6.84
C SER C 211 -25.45 -35.83 -6.75
N VAL C 212 -26.70 -35.62 -7.16
CA VAL C 212 -27.32 -34.31 -7.19
C VAL C 212 -28.53 -34.31 -6.26
N SER C 213 -28.68 -33.24 -5.49
CA SER C 213 -29.87 -33.00 -4.70
C SER C 213 -30.47 -31.66 -5.10
N THR C 214 -31.62 -31.34 -4.52
CA THR C 214 -32.29 -30.07 -4.76
C THR C 214 -32.60 -29.40 -3.43
N VAL C 215 -32.56 -28.07 -3.43
CA VAL C 215 -32.82 -27.28 -2.23
C VAL C 215 -33.47 -25.96 -2.65
N GLN C 216 -34.29 -25.40 -1.79
CA GLN C 216 -34.93 -24.11 -2.07
C GLN C 216 -34.02 -22.88 -2.09
N CYS C 217 -33.21 -22.74 -1.04
CA CYS C 217 -32.26 -21.66 -0.90
C CYS C 217 -30.94 -22.29 -0.59
N THR C 218 -29.87 -21.69 -1.06
CA THR C 218 -28.51 -22.21 -0.86
C THR C 218 -28.08 -22.00 0.59
N HIS C 219 -27.08 -22.71 1.09
CA HIS C 219 -26.60 -22.44 2.46
C HIS C 219 -26.03 -21.02 2.44
N GLY C 220 -26.24 -20.20 3.45
CA GLY C 220 -25.79 -18.79 3.33
C GLY C 220 -24.30 -18.63 3.10
N ILE C 221 -23.94 -17.76 2.17
CA ILE C 221 -22.56 -17.43 1.89
C ILE C 221 -22.24 -16.10 2.57
N LYS C 222 -21.21 -16.10 3.40
CA LYS C 222 -20.73 -14.86 4.00
C LYS C 222 -20.02 -14.05 2.92
N PRO C 223 -20.55 -12.91 2.49
CA PRO C 223 -19.87 -12.13 1.45
C PRO C 223 -18.63 -11.42 1.98
N VAL C 224 -17.46 -12.02 1.75
CA VAL C 224 -16.19 -11.48 2.23
C VAL C 224 -15.39 -11.01 1.03
N VAL C 225 -15.12 -9.72 0.96
CA VAL C 225 -14.29 -9.16 -0.10
C VAL C 225 -12.83 -9.45 0.26
N SER C 226 -12.18 -10.29 -0.54
CA SER C 226 -10.79 -10.65 -0.34
C SER C 226 -10.10 -10.68 -1.69
N THR C 227 -8.90 -10.10 -1.77
CA THR C 227 -8.25 -9.97 -3.06
C THR C 227 -7.39 -11.19 -3.39
N GLN C 228 -6.50 -11.52 -2.49
CA GLN C 228 -5.52 -12.60 -2.78
C GLN C 228 -5.92 -13.88 -2.02
N LEU C 229 -6.43 -13.78 -0.82
CA LEU C 229 -6.78 -15.01 -0.05
C LEU C 229 -8.28 -15.04 0.23
N LEU C 230 -8.94 -16.14 -0.04
CA LEU C 230 -10.37 -16.22 0.30
C LEU C 230 -10.47 -16.28 1.82
N LEU C 231 -11.43 -15.63 2.43
CA LEU C 231 -11.50 -15.62 3.91
C LEU C 231 -12.83 -16.21 4.41
N ASN C 232 -12.77 -17.01 5.45
CA ASN C 232 -13.98 -17.56 6.08
C ASN C 232 -14.89 -18.23 5.05
N GLY C 233 -14.29 -19.01 4.16
CA GLY C 233 -15.03 -19.73 3.14
C GLY C 233 -15.30 -21.18 3.55
N SER C 234 -16.06 -21.86 2.70
CA SER C 234 -16.41 -23.25 2.95
C SER C 234 -15.22 -24.16 2.65
N LEU C 235 -14.89 -25.01 3.60
CA LEU C 235 -13.76 -25.92 3.43
C LEU C 235 -14.12 -27.03 2.43
N ALA C 236 -13.11 -27.46 1.69
CA ALA C 236 -13.28 -28.60 0.79
C ALA C 236 -13.21 -29.85 1.66
N GLU C 237 -13.34 -31.01 1.03
CA GLU C 237 -13.31 -32.29 1.72
C GLU C 237 -12.20 -33.12 1.10
N GLU C 238 -11.41 -33.77 1.95
CA GLU C 238 -10.28 -34.61 1.55
C GLU C 238 -9.27 -33.74 0.79
N GLU C 239 -8.93 -34.06 -0.45
CA GLU C 239 -7.93 -33.28 -1.16
C GLU C 239 -8.47 -31.92 -1.56
N VAL C 240 -7.59 -30.92 -1.56
CA VAL C 240 -7.98 -29.57 -1.94
C VAL C 240 -8.29 -29.53 -3.44
N MET C 241 -9.26 -28.69 -3.82
CA MET C 241 -9.71 -28.62 -5.19
C MET C 241 -8.96 -27.52 -5.95
N ILE C 242 -8.72 -27.77 -7.23
CA ILE C 242 -8.09 -26.80 -8.12
C ILE C 242 -9.03 -26.55 -9.28
N ARG C 243 -10.02 -25.70 -9.07
CA ARG C 243 -11.04 -25.44 -10.07
C ARG C 243 -10.59 -24.34 -11.03
N SER C 244 -10.69 -24.61 -12.33
CA SER C 244 -10.29 -23.66 -13.35
C SER C 244 -11.10 -23.91 -14.62
N GLU C 245 -11.45 -22.83 -15.31
CA GLU C 245 -12.19 -22.95 -16.56
C GLU C 245 -11.36 -23.65 -17.63
N ASN C 246 -10.06 -23.36 -17.66
CA ASN C 246 -9.15 -24.04 -18.59
C ASN C 246 -7.75 -23.91 -17.98
N ILE C 247 -7.26 -25.00 -17.39
CA ILE C 247 -5.97 -24.97 -16.70
C ILE C 247 -4.84 -24.64 -17.67
N THR C 248 -5.03 -24.98 -18.95
CA THR C 248 -4.01 -24.69 -19.95
C THR C 248 -3.98 -23.22 -20.33
N ASN C 249 -5.14 -22.55 -20.29
CA ASN C 249 -5.21 -21.12 -20.59
C ASN C 249 -4.81 -20.32 -19.36
N ASN C 250 -3.83 -19.44 -19.52
CA ASN C 250 -3.35 -18.65 -18.38
C ASN C 250 -4.28 -17.50 -18.05
N ALA C 251 -5.04 -17.01 -19.01
CA ALA C 251 -5.91 -15.83 -18.75
C ALA C 251 -6.93 -16.17 -17.65
N LYS C 252 -7.51 -17.35 -17.65
CA LYS C 252 -8.48 -17.69 -16.59
C LYS C 252 -7.74 -17.87 -15.27
N ASN C 253 -8.32 -17.43 -14.17
CA ASN C 253 -7.69 -17.53 -12.84
C ASN C 253 -7.79 -18.97 -12.31
N ILE C 254 -6.99 -19.31 -11.34
CA ILE C 254 -7.01 -20.66 -10.77
C ILE C 254 -7.57 -20.53 -9.36
N LEU C 255 -8.79 -21.00 -9.16
CA LEU C 255 -9.42 -20.95 -7.86
C LEU C 255 -9.11 -22.22 -7.09
N VAL C 256 -8.78 -22.06 -5.81
CA VAL C 256 -8.40 -23.16 -4.94
C VAL C 256 -9.35 -23.16 -3.74
N GLN C 257 -9.62 -24.34 -3.21
CA GLN C 257 -10.42 -24.50 -2.01
C GLN C 257 -9.67 -25.38 -1.03
N PHE C 258 -9.52 -24.92 0.20
CA PHE C 258 -8.77 -25.63 1.22
C PHE C 258 -9.68 -26.60 1.98
N ASN C 259 -9.07 -27.69 2.45
CA ASN C 259 -9.76 -28.64 3.32
C ASN C 259 -9.47 -28.41 4.79
N THR C 260 -8.32 -27.83 5.12
CA THR C 260 -7.94 -27.49 6.47
C THR C 260 -7.77 -25.97 6.58
N PRO C 261 -8.45 -25.32 7.52
CA PRO C 261 -8.37 -23.85 7.58
C PRO C 261 -7.03 -23.39 8.10
N VAL C 262 -6.53 -22.29 7.52
CA VAL C 262 -5.29 -21.66 7.95
C VAL C 262 -5.67 -20.38 8.68
N GLN C 263 -5.40 -20.35 9.98
CA GLN C 263 -5.77 -19.19 10.79
C GLN C 263 -4.79 -18.05 10.55
N ILE C 264 -5.31 -16.83 10.59
CA ILE C 264 -4.52 -15.63 10.35
C ILE C 264 -4.88 -14.59 11.40
N ASN C 265 -3.86 -13.94 11.96
CA ASN C 265 -4.03 -12.93 12.99
C ASN C 265 -3.52 -11.59 12.46
N CYS C 266 -4.44 -10.62 12.32
CA CYS C 266 -4.10 -9.29 11.85
C CYS C 266 -4.49 -8.27 12.91
N THR C 267 -3.66 -7.22 13.04
CA THR C 267 -3.88 -6.17 14.02
C THR C 267 -3.48 -4.83 13.44
N ARG C 268 -4.01 -3.76 14.04
CA ARG C 268 -3.54 -2.39 13.81
C ARG C 268 -3.05 -1.89 15.15
N PRO C 269 -1.75 -2.03 15.44
CA PRO C 269 -1.27 -1.73 16.80
C PRO C 269 -1.41 -0.26 17.20
N ASN C 270 -1.63 0.64 16.25
CA ASN C 270 -1.74 2.05 16.56
C ASN C 270 -3.07 2.33 17.25
N ASN C 271 -3.01 2.89 18.45
CA ASN C 271 -4.21 3.21 19.24
C ASN C 271 -4.71 4.59 18.83
N ASN C 272 -5.37 4.63 17.67
CA ASN C 272 -5.90 5.89 17.17
C ASN C 272 -7.04 6.38 18.05
N THR C 273 -7.54 7.56 17.72
CA THR C 273 -8.71 8.12 18.40
C THR C 273 -9.59 8.83 17.37
N ARG C 274 -10.89 8.89 17.67
CA ARG C 274 -11.86 9.51 16.79
C ARG C 274 -12.14 10.93 17.28
N LYS C 275 -12.18 11.87 16.33
CA LYS C 275 -12.48 13.27 16.63
C LYS C 275 -13.60 13.72 15.69
N SER C 276 -14.75 13.99 16.28
CA SER C 276 -15.91 14.41 15.46
C SER C 276 -15.92 15.93 15.41
N ILE C 277 -15.63 16.51 14.26
CA ILE C 277 -15.63 17.99 14.19
C ILE C 277 -16.84 18.38 13.34
N ARG C 278 -17.77 19.10 13.91
CA ARG C 278 -18.98 19.43 13.12
C ARG C 278 -18.54 20.27 11.93
N ILE C 279 -18.96 19.90 10.76
CA ILE C 279 -18.62 20.59 9.48
C ILE C 279 -19.88 21.06 8.77
N GLY C 280 -21.05 20.81 9.30
CA GLY C 280 -22.30 21.26 8.63
C GLY C 280 -23.47 21.18 9.58
N PRO C 281 -24.58 21.84 9.28
CA PRO C 281 -25.64 21.69 10.27
C PRO C 281 -26.16 20.26 10.15
N GLY C 282 -26.17 19.51 11.24
CA GLY C 282 -26.69 18.13 11.22
C GLY C 282 -25.69 17.20 10.58
N GLN C 283 -24.58 17.74 10.12
CA GLN C 283 -23.55 16.95 9.48
C GLN C 283 -22.28 16.99 10.32
N ALA C 284 -21.65 15.84 10.51
CA ALA C 284 -20.45 15.73 11.34
C ALA C 284 -19.44 14.86 10.62
N PHE C 285 -18.19 15.34 10.54
CA PHE C 285 -17.10 14.61 9.92
C PHE C 285 -16.19 14.02 11.00
N TYR C 286 -15.76 12.79 10.79
CA TYR C 286 -14.97 12.05 11.77
C TYR C 286 -13.52 11.98 11.29
N ALA C 287 -12.61 12.55 12.07
CA ALA C 287 -11.20 12.58 11.75
C ALA C 287 -10.38 11.92 12.85
N THR C 288 -9.22 11.41 12.47
CA THR C 288 -8.34 10.77 13.43
C THR C 288 -7.69 11.81 14.35
N GLY C 289 -7.62 11.50 15.62
CA GLY C 289 -7.05 12.44 16.61
C GLY C 289 -5.61 12.12 16.95
N ASP C 290 -5.22 12.33 18.21
CA ASP C 290 -3.84 12.06 18.68
C ASP C 290 -3.64 10.55 18.75
N ILE C 291 -2.49 10.03 18.38
CA ILE C 291 -2.28 8.55 18.45
C ILE C 291 -1.61 8.25 19.79
N ILE C 292 -2.23 7.45 20.64
CA ILE C 292 -1.65 7.14 21.98
C ILE C 292 -0.70 5.95 21.86
N GLY C 293 0.49 6.02 22.41
CA GLY C 293 1.35 4.83 22.32
C GLY C 293 2.29 4.84 21.14
N ASP C 294 3.04 3.77 21.03
CA ASP C 294 4.10 3.59 20.01
C ASP C 294 3.53 3.57 18.59
N ILE C 295 4.23 4.19 17.66
CA ILE C 295 3.93 4.09 16.24
C ILE C 295 4.42 2.74 15.74
N ARG C 296 3.50 1.91 15.27
CA ARG C 296 3.82 0.57 14.78
C ARG C 296 3.12 0.34 13.45
N GLN C 297 3.59 -0.67 12.73
CA GLN C 297 3.00 -1.06 11.46
C GLN C 297 1.91 -2.10 11.66
N ALA C 298 0.88 -2.03 10.82
CA ALA C 298 -0.14 -3.06 10.81
C ALA C 298 0.45 -4.34 10.23
N HIS C 299 0.31 -5.45 10.95
CA HIS C 299 0.93 -6.69 10.54
C HIS C 299 -0.04 -7.85 10.70
N CYS C 300 0.14 -8.87 9.87
CA CYS C 300 -0.62 -10.12 9.96
C CYS C 300 0.36 -11.26 10.22
N ASN C 301 0.03 -12.10 11.20
CA ASN C 301 0.89 -13.21 11.61
C ASN C 301 0.22 -14.53 11.28
N VAL C 302 0.87 -15.35 10.46
CA VAL C 302 0.40 -16.67 10.07
C VAL C 302 1.48 -17.69 10.42
N SER C 303 1.08 -18.78 11.05
CA SER C 303 2.05 -19.80 11.46
C SER C 303 2.69 -20.44 10.23
N LYS C 304 4.01 -20.59 10.28
CA LYS C 304 4.72 -21.15 9.13
C LYS C 304 4.57 -22.66 9.03
N ALA C 305 4.45 -23.35 10.15
CA ALA C 305 4.31 -24.81 10.00
C ALA C 305 3.03 -25.09 9.21
N THR C 306 1.92 -24.50 9.63
CA THR C 306 0.63 -24.77 8.95
C THR C 306 0.68 -24.26 7.50
N TRP C 307 1.17 -23.06 7.27
CA TRP C 307 1.20 -22.57 5.87
C TRP C 307 2.14 -23.46 5.05
N ASN C 308 3.27 -23.85 5.60
CA ASN C 308 4.16 -24.75 4.83
C ASN C 308 3.39 -26.06 4.58
N GLU C 309 2.72 -26.59 5.58
CA GLU C 309 1.97 -27.85 5.36
C GLU C 309 0.87 -27.65 4.32
N THR C 310 0.06 -26.61 4.42
CA THR C 310 -1.03 -26.49 3.42
C THR C 310 -0.43 -26.25 2.04
N LEU C 311 0.53 -25.36 1.95
CA LEU C 311 1.14 -25.14 0.64
C LEU C 311 1.61 -26.45 0.02
N GLY C 312 2.00 -27.43 0.85
CA GLY C 312 2.38 -28.73 0.34
C GLY C 312 1.22 -29.55 -0.20
N LYS C 313 0.00 -29.25 0.25
CA LYS C 313 -1.17 -29.92 -0.29
C LYS C 313 -1.54 -29.38 -1.67
N VAL C 314 -1.41 -28.06 -1.86
CA VAL C 314 -1.77 -27.47 -3.14
C VAL C 314 -0.77 -27.88 -4.22
N VAL C 315 0.52 -27.90 -3.88
CA VAL C 315 1.53 -28.24 -4.87
C VAL C 315 1.44 -29.71 -5.29
N LYS C 316 0.98 -30.58 -4.41
CA LYS C 316 0.86 -32.00 -4.77
C LYS C 316 -0.21 -32.19 -5.86
N GLN C 317 -1.36 -31.58 -5.68
CA GLN C 317 -2.49 -31.73 -6.62
C GLN C 317 -2.13 -31.12 -7.97
N LEU C 318 -1.41 -30.03 -7.96
CA LEU C 318 -1.10 -29.32 -9.23
C LEU C 318 -0.28 -30.21 -10.17
N ARG C 319 0.53 -31.12 -9.66
CA ARG C 319 1.36 -31.96 -10.51
C ARG C 319 0.53 -32.90 -11.39
N LYS C 320 -0.70 -33.19 -11.00
CA LYS C 320 -1.54 -34.10 -11.80
C LYS C 320 -1.78 -33.53 -13.19
N HIS C 321 -1.92 -32.21 -13.30
CA HIS C 321 -2.22 -31.59 -14.58
C HIS C 321 -0.97 -31.36 -15.42
N PHE C 322 0.18 -31.13 -14.79
CA PHE C 322 1.39 -30.74 -15.50
C PHE C 322 2.48 -31.80 -15.48
N GLY C 323 2.29 -32.91 -14.78
CA GLY C 323 3.30 -33.95 -14.76
C GLY C 323 3.87 -34.23 -13.39
N ASN C 324 4.44 -35.42 -13.22
CA ASN C 324 4.91 -35.83 -11.89
C ASN C 324 6.15 -35.05 -11.47
N ASN C 325 7.13 -34.94 -12.35
CA ASN C 325 8.42 -34.32 -12.03
C ASN C 325 8.60 -33.06 -12.86
N THR C 326 8.12 -31.93 -12.34
CA THR C 326 8.30 -30.64 -12.98
C THR C 326 8.52 -29.58 -11.91
N ILE C 327 9.19 -28.49 -12.28
CA ILE C 327 9.52 -27.43 -11.35
C ILE C 327 8.26 -26.62 -11.08
N ILE C 328 7.83 -26.58 -9.82
CA ILE C 328 6.65 -25.83 -9.39
C ILE C 328 7.13 -24.78 -8.40
N ARG C 329 7.32 -23.56 -8.88
CA ARG C 329 7.76 -22.44 -8.07
C ARG C 329 6.58 -21.53 -7.76
N PHE C 330 6.69 -20.80 -6.65
CA PHE C 330 5.71 -19.78 -6.29
C PHE C 330 6.41 -18.42 -6.27
N ALA C 331 5.74 -17.40 -6.79
CA ALA C 331 6.35 -16.08 -6.94
C ALA C 331 5.50 -14.99 -6.30
N ASN C 332 5.90 -13.74 -6.49
CA ASN C 332 5.24 -12.58 -5.93
C ASN C 332 4.27 -11.99 -6.94
N SER C 333 3.53 -10.96 -6.51
CA SER C 333 2.66 -10.24 -7.42
C SER C 333 3.49 -9.57 -8.51
N SER C 334 3.04 -9.67 -9.75
CA SER C 334 3.80 -9.17 -10.89
C SER C 334 3.39 -7.77 -11.31
N GLY C 335 2.43 -7.16 -10.64
CA GLY C 335 2.03 -5.80 -10.96
C GLY C 335 0.57 -5.59 -10.65
N GLY C 336 0.09 -4.41 -11.02
CA GLY C 336 -1.30 -4.02 -10.81
C GLY C 336 -1.44 -2.92 -9.79
N ASP C 337 -2.69 -2.53 -9.54
CA ASP C 337 -2.99 -1.53 -8.55
C ASP C 337 -2.71 -2.07 -7.15
N LEU C 338 -2.89 -1.20 -6.15
CA LEU C 338 -2.66 -1.62 -4.76
C LEU C 338 -3.65 -2.72 -4.36
N GLU C 339 -4.81 -2.76 -5.01
CA GLU C 339 -5.80 -3.80 -4.71
C GLU C 339 -5.27 -5.17 -5.08
N VAL C 340 -4.93 -5.36 -6.36
CA VAL C 340 -4.51 -6.67 -6.85
C VAL C 340 -3.20 -7.09 -6.22
N THR C 341 -2.28 -6.15 -6.03
CA THR C 341 -0.92 -6.51 -5.60
C THR C 341 -0.87 -7.04 -4.18
N THR C 342 -1.75 -6.56 -3.30
CA THR C 342 -1.72 -6.94 -1.90
C THR C 342 -3.00 -7.67 -1.51
N HIS C 343 -2.98 -8.25 -0.30
CA HIS C 343 -4.13 -8.95 0.25
C HIS C 343 -5.07 -7.91 0.87
N SER C 344 -5.84 -7.25 0.01
CA SER C 344 -6.77 -6.23 0.45
C SER C 344 -7.96 -6.88 1.12
N PHE C 345 -8.15 -6.63 2.41
CA PHE C 345 -9.30 -7.13 3.14
C PHE C 345 -9.71 -6.11 4.18
N ASN C 346 -10.96 -6.21 4.62
CA ASN C 346 -11.50 -5.31 5.62
C ASN C 346 -11.55 -6.02 6.97
N CYS C 347 -11.32 -5.26 8.04
CA CYS C 347 -11.39 -5.80 9.39
C CYS C 347 -11.62 -4.66 10.38
N GLY C 348 -12.58 -4.84 11.27
CA GLY C 348 -12.84 -3.87 12.32
C GLY C 348 -13.32 -2.53 11.84
N GLY C 349 -13.60 -2.41 10.54
CA GLY C 349 -14.00 -1.15 9.93
C GLY C 349 -12.98 -0.47 9.05
N GLU C 350 -11.72 -0.88 9.10
CA GLU C 350 -10.68 -0.33 8.25
C GLU C 350 -10.28 -1.37 7.21
N PHE C 351 -9.40 -0.96 6.29
CA PHE C 351 -9.08 -1.76 5.12
C PHE C 351 -7.57 -1.97 5.00
N PHE C 352 -7.11 -3.16 5.33
CA PHE C 352 -5.70 -3.48 5.28
C PHE C 352 -5.27 -3.76 3.85
N TYR C 353 -3.95 -3.76 3.64
CA TYR C 353 -3.32 -4.05 2.36
C TYR C 353 -1.96 -4.68 2.66
N CYS C 354 -1.89 -6.00 2.62
CA CYS C 354 -0.73 -6.76 3.10
C CYS C 354 0.09 -7.28 1.93
N ASN C 355 1.37 -6.93 1.91
CA ASN C 355 2.31 -7.59 1.01
C ASN C 355 2.46 -9.04 1.43
N THR C 356 2.24 -9.96 0.48
CA THR C 356 2.27 -11.39 0.75
C THR C 356 3.52 -12.06 0.17
N SER C 357 4.62 -11.30 0.05
CA SER C 357 5.83 -11.86 -0.54
C SER C 357 6.43 -12.97 0.31
N GLY C 358 6.23 -12.91 1.63
CA GLY C 358 6.77 -13.93 2.50
C GLY C 358 6.01 -15.25 2.43
N LEU C 359 4.74 -15.20 1.99
CA LEU C 359 3.95 -16.41 1.85
C LEU C 359 4.28 -17.16 0.57
N PHE C 360 4.71 -16.45 -0.47
CA PHE C 360 4.73 -17.00 -1.83
C PHE C 360 6.13 -17.05 -2.43
N ASN C 361 7.18 -17.20 -1.61
CA ASN C 361 8.52 -17.42 -2.11
C ASN C 361 8.94 -18.85 -1.74
N SER C 362 8.85 -19.75 -2.71
CA SER C 362 9.17 -21.15 -2.49
C SER C 362 9.39 -21.80 -3.84
N THR C 363 10.06 -22.96 -3.82
CA THR C 363 10.32 -23.72 -5.03
C THR C 363 10.17 -25.20 -4.71
N TRP C 364 9.36 -25.90 -5.50
CA TRP C 364 9.06 -27.30 -5.29
C TRP C 364 9.44 -28.09 -6.55
N ILE C 365 10.06 -29.25 -6.34
CA ILE C 365 10.46 -30.11 -7.45
C ILE C 365 10.55 -31.56 -6.98
N SER C 366 9.73 -32.43 -7.59
CA SER C 366 9.68 -33.87 -7.29
C SER C 366 9.37 -34.03 -5.81
N ASN C 367 10.07 -34.90 -5.08
CA ASN C 367 9.84 -35.10 -3.66
C ASN C 367 11.17 -34.96 -2.92
N THR C 368 11.07 -34.81 -1.60
CA THR C 368 12.22 -34.65 -0.72
C THR C 368 13.12 -33.50 -1.16
N SER C 378 12.21 -23.80 14.64
CA SER C 378 11.88 -22.40 14.93
C SER C 378 10.42 -22.26 15.35
N ASN C 379 9.52 -22.84 14.55
CA ASN C 379 8.08 -22.86 14.84
C ASN C 379 7.51 -21.44 14.93
N ASP C 380 8.16 -20.49 14.27
CA ASP C 380 7.73 -19.10 14.32
C ASP C 380 6.76 -18.80 13.19
N SER C 381 5.90 -17.83 13.45
CA SER C 381 4.84 -17.40 12.51
C SER C 381 5.42 -16.53 11.41
N ILE C 382 4.67 -16.30 10.35
CA ILE C 382 5.10 -15.41 9.22
C ILE C 382 4.46 -14.04 9.47
N THR C 383 5.20 -12.96 9.33
CA THR C 383 4.59 -11.62 9.59
C THR C 383 4.52 -10.84 8.28
N LEU C 384 3.43 -10.12 8.10
CA LEU C 384 3.13 -9.40 6.87
C LEU C 384 3.02 -7.91 7.12
N PRO C 385 3.86 -7.08 6.50
CA PRO C 385 3.66 -5.62 6.60
C PRO C 385 2.42 -5.21 5.82
N CYS C 386 1.46 -4.61 6.54
CA CYS C 386 0.17 -4.24 5.95
C CYS C 386 -0.01 -2.73 6.02
N ARG C 387 -0.32 -2.13 4.88
CA ARG C 387 -0.69 -0.73 4.81
C ARG C 387 -2.18 -0.58 5.01
N ILE C 388 -2.60 0.64 5.33
CA ILE C 388 -4.01 0.94 5.61
C ILE C 388 -4.38 2.22 4.88
N LYS C 389 -5.54 2.20 4.23
CA LYS C 389 -6.03 3.34 3.47
C LYS C 389 -7.47 3.62 3.86
N GLN C 390 -7.86 4.88 3.83
CA GLN C 390 -9.20 5.28 4.22
C GLN C 390 -10.07 5.73 3.06
N ILE C 391 -9.49 6.18 1.95
CA ILE C 391 -10.24 6.57 0.77
C ILE C 391 -10.10 5.46 -0.27
N ILE C 392 -11.21 4.82 -0.61
CA ILE C 392 -11.21 3.64 -1.45
C ILE C 392 -12.38 3.69 -2.43
N ASN C 393 -12.17 3.08 -3.59
CA ASN C 393 -13.20 2.90 -4.62
C ASN C 393 -13.35 1.39 -4.83
N MET C 394 -14.31 0.80 -4.13
CA MET C 394 -14.54 -0.63 -4.24
C MET C 394 -14.98 -1.00 -5.65
N TRP C 395 -14.44 -2.11 -6.15
CA TRP C 395 -14.82 -2.66 -7.45
C TRP C 395 -14.46 -1.74 -8.62
N GLN C 396 -13.44 -0.90 -8.44
CA GLN C 396 -12.89 -0.07 -9.52
C GLN C 396 -13.94 0.80 -10.19
N ARG C 397 -14.89 1.31 -9.41
CA ARG C 397 -15.95 2.14 -9.96
C ARG C 397 -15.42 3.53 -10.24
N ILE C 398 -15.95 4.15 -11.29
CA ILE C 398 -15.52 5.46 -11.75
C ILE C 398 -16.48 6.52 -11.24
N GLY C 399 -15.94 7.61 -10.68
CA GLY C 399 -16.74 8.70 -10.17
C GLY C 399 -17.25 8.55 -8.76
N GLN C 400 -16.77 7.54 -8.03
CA GLN C 400 -17.24 7.29 -6.67
C GLN C 400 -16.06 6.98 -5.77
N ALA C 401 -16.23 7.29 -4.49
CA ALA C 401 -15.18 7.07 -3.49
C ALA C 401 -15.80 7.09 -2.11
N MET C 402 -15.25 6.30 -1.20
CA MET C 402 -15.73 6.20 0.16
C MET C 402 -14.61 6.48 1.15
N TYR C 403 -14.89 7.29 2.17
CA TYR C 403 -13.97 7.54 3.27
C TYR C 403 -14.45 6.77 4.49
N ALA C 404 -13.72 5.73 4.86
CA ALA C 404 -14.08 4.95 6.05
C ALA C 404 -13.73 5.74 7.30
N PRO C 405 -14.65 5.89 8.24
CA PRO C 405 -14.36 6.64 9.47
C PRO C 405 -13.32 5.90 10.31
N PRO C 406 -12.60 6.62 11.17
CA PRO C 406 -11.58 5.96 11.99
C PRO C 406 -12.21 5.05 13.03
N ILE C 407 -11.42 4.07 13.46
CA ILE C 407 -11.85 3.09 14.45
C ILE C 407 -11.06 3.35 15.73
N GLN C 408 -11.76 3.80 16.76
CA GLN C 408 -11.09 4.13 18.03
C GLN C 408 -10.59 2.86 18.71
N GLY C 409 -9.35 2.93 19.19
CA GLY C 409 -8.75 1.81 19.90
C GLY C 409 -7.99 0.87 19.01
N VAL C 410 -7.36 -0.10 19.64
CA VAL C 410 -6.60 -1.13 18.92
C VAL C 410 -7.56 -2.22 18.47
N ILE C 411 -7.36 -2.72 17.26
CA ILE C 411 -8.23 -3.72 16.66
C ILE C 411 -7.42 -4.96 16.31
N ARG C 412 -8.07 -6.12 16.45
CA ARG C 412 -7.48 -7.41 16.13
C ARG C 412 -8.37 -8.16 15.15
N CYS C 413 -7.75 -8.95 14.27
CA CYS C 413 -8.46 -9.71 13.26
C CYS C 413 -7.93 -11.13 13.35
N VAL C 414 -8.83 -12.11 13.25
CA VAL C 414 -8.48 -13.53 13.19
C VAL C 414 -9.52 -14.15 12.27
N SER C 415 -9.06 -14.73 11.15
CA SER C 415 -9.97 -15.27 10.15
C SER C 415 -9.35 -16.59 9.73
N ASN C 416 -10.04 -17.30 8.86
CA ASN C 416 -9.58 -18.56 8.30
C ASN C 416 -9.32 -18.39 6.82
N ILE C 417 -8.18 -18.90 6.35
CA ILE C 417 -7.84 -18.89 4.94
C ILE C 417 -8.32 -20.21 4.34
N THR C 418 -9.28 -20.13 3.43
CA THR C 418 -9.87 -21.33 2.84
C THR C 418 -9.61 -21.46 1.35
N GLY C 419 -8.96 -20.50 0.72
CA GLY C 419 -8.72 -20.59 -0.71
C GLY C 419 -7.83 -19.48 -1.22
N LEU C 420 -7.24 -19.75 -2.38
CA LEU C 420 -6.36 -18.80 -3.05
C LEU C 420 -6.83 -18.60 -4.49
N ILE C 421 -6.36 -17.52 -5.09
CA ILE C 421 -6.63 -17.22 -6.50
C ILE C 421 -5.27 -17.06 -7.16
N LEU C 422 -4.84 -18.06 -7.91
CA LEU C 422 -3.52 -18.08 -8.50
C LEU C 422 -3.59 -17.66 -9.97
N THR C 423 -2.45 -17.76 -10.67
CA THR C 423 -2.38 -17.41 -12.08
C THR C 423 -1.23 -18.19 -12.71
N ARG C 424 -1.43 -18.57 -13.97
CA ARG C 424 -0.36 -19.19 -14.75
C ARG C 424 0.62 -18.14 -15.24
N ASP C 425 1.91 -18.45 -15.19
CA ASP C 425 2.92 -17.51 -15.65
C ASP C 425 2.99 -17.43 -17.16
N GLY C 426 2.89 -18.58 -17.83
CA GLY C 426 3.03 -18.62 -19.27
C GLY C 426 4.48 -18.68 -19.70
N GLY C 427 4.75 -18.15 -20.88
CA GLY C 427 6.08 -18.10 -21.44
C GLY C 427 6.27 -19.10 -22.57
N SER C 428 7.40 -18.96 -23.25
CA SER C 428 7.70 -19.80 -24.40
C SER C 428 8.18 -21.19 -23.98
N THR C 429 8.92 -21.29 -22.88
CA THR C 429 9.45 -22.57 -22.44
C THR C 429 8.35 -23.42 -21.84
N ASN C 430 8.39 -24.72 -22.13
CA ASN C 430 7.41 -25.68 -21.64
C ASN C 430 8.11 -26.84 -20.95
N SER C 431 7.51 -27.32 -19.86
CA SER C 431 8.01 -28.46 -19.10
C SER C 431 9.38 -28.19 -18.46
N THR C 432 9.80 -26.93 -18.40
CA THR C 432 11.04 -26.54 -17.74
C THR C 432 10.80 -25.98 -16.35
N THR C 433 9.87 -25.05 -16.20
CA THR C 433 9.54 -24.48 -14.90
C THR C 433 8.15 -23.90 -14.95
N GLU C 434 7.43 -24.01 -13.84
CA GLU C 434 6.06 -23.50 -13.72
C GLU C 434 5.96 -22.69 -12.45
N THR C 435 5.61 -21.41 -12.58
CA THR C 435 5.44 -20.52 -11.43
C THR C 435 4.02 -20.01 -11.38
N PHE C 436 3.48 -19.93 -10.17
CA PHE C 436 2.11 -19.48 -9.94
C PHE C 436 2.14 -18.17 -9.17
N ARG C 437 1.50 -17.14 -9.71
CA ARG C 437 1.50 -15.81 -9.11
C ARG C 437 0.12 -15.50 -8.58
N PRO C 438 -0.04 -15.32 -7.27
CA PRO C 438 -1.36 -14.98 -6.72
C PRO C 438 -1.84 -13.63 -7.21
N GLY C 439 -3.15 -13.54 -7.45
CA GLY C 439 -3.75 -12.29 -7.91
C GLY C 439 -5.22 -12.17 -7.60
N GLY C 440 -5.72 -10.93 -7.59
CA GLY C 440 -7.12 -10.67 -7.34
C GLY C 440 -7.66 -9.70 -8.37
N GLY C 441 -7.77 -10.18 -9.61
CA GLY C 441 -8.26 -9.36 -10.70
C GLY C 441 -9.68 -8.87 -10.56
N ASP C 442 -10.56 -9.76 -10.11
CA ASP C 442 -11.98 -9.40 -9.94
C ASP C 442 -12.60 -9.99 -8.67
N MET C 443 -13.65 -9.33 -8.20
CA MET C 443 -14.37 -9.78 -7.01
C MET C 443 -15.36 -10.90 -7.31
N ARG C 444 -15.69 -11.11 -8.59
CA ARG C 444 -16.61 -12.18 -8.95
C ARG C 444 -16.05 -13.55 -8.59
N ASP C 445 -14.73 -13.72 -8.71
CA ASP C 445 -14.11 -14.99 -8.37
C ASP C 445 -14.26 -15.33 -6.89
N ASN C 446 -14.53 -14.34 -6.05
CA ASN C 446 -14.83 -14.62 -4.64
C ASN C 446 -16.20 -15.24 -4.46
N TRP C 447 -17.12 -15.03 -5.41
CA TRP C 447 -18.44 -15.65 -5.35
C TRP C 447 -18.47 -17.01 -6.03
N ARG C 448 -17.70 -17.20 -7.10
CA ARG C 448 -17.61 -18.51 -7.73
C ARG C 448 -17.01 -19.55 -6.80
N SER C 449 -16.24 -19.14 -5.79
CA SER C 449 -15.66 -20.07 -4.84
C SER C 449 -16.70 -20.71 -3.93
N GLU C 450 -17.91 -20.18 -3.90
CA GLU C 450 -18.98 -20.71 -3.05
C GLU C 450 -20.23 -21.10 -3.81
N LEU C 451 -20.56 -20.41 -4.90
CA LEU C 451 -21.69 -20.77 -5.74
C LEU C 451 -21.34 -21.82 -6.79
N TYR C 452 -20.20 -22.50 -6.63
CA TYR C 452 -19.81 -23.52 -7.59
C TYR C 452 -20.75 -24.71 -7.55
N LYS C 453 -21.28 -25.04 -6.38
CA LYS C 453 -22.10 -26.22 -6.18
C LYS C 453 -23.59 -25.97 -6.41
N TYR C 454 -23.95 -24.93 -7.15
CA TYR C 454 -25.35 -24.59 -7.31
C TYR C 454 -25.66 -24.28 -8.77
N LYS C 455 -26.95 -24.35 -9.10
CA LYS C 455 -27.48 -24.10 -10.43
C LYS C 455 -28.97 -23.80 -10.30
N VAL C 456 -29.46 -22.89 -11.13
CA VAL C 456 -30.87 -22.50 -11.10
C VAL C 456 -31.59 -23.15 -12.28
N VAL C 457 -32.71 -23.81 -11.99
CA VAL C 457 -33.53 -24.46 -12.99
C VAL C 457 -34.99 -24.11 -12.74
N LYS C 458 -35.75 -24.00 -13.82
CA LYS C 458 -37.20 -23.82 -13.74
C LYS C 458 -37.87 -25.14 -14.08
N ILE C 459 -38.86 -25.50 -13.28
CA ILE C 459 -39.55 -26.78 -13.46
C ILE C 459 -40.74 -26.55 -14.39
N GLU C 460 -40.93 -27.49 -15.32
CA GLU C 460 -42.03 -27.47 -16.26
C GLU C 460 -42.92 -28.69 -16.03
N PRO C 461 -44.17 -28.51 -15.63
CA PRO C 461 -45.00 -29.63 -15.19
C PRO C 461 -45.93 -30.23 -16.24
N LEU C 462 -45.89 -29.76 -17.48
CA LEU C 462 -46.80 -30.24 -18.53
C LEU C 462 -46.02 -31.16 -19.47
N GLY C 463 -45.99 -32.44 -19.13
CA GLY C 463 -45.35 -33.44 -19.98
C GLY C 463 -46.36 -34.37 -20.63
N VAL C 464 -46.37 -34.40 -21.96
CA VAL C 464 -47.31 -35.23 -22.71
C VAL C 464 -46.61 -36.52 -23.14
N ALA C 465 -47.40 -37.59 -23.25
CA ALA C 465 -46.90 -38.90 -23.63
C ALA C 465 -48.05 -39.70 -24.21
N PRO C 466 -47.77 -40.63 -25.11
CA PRO C 466 -48.85 -41.44 -25.69
C PRO C 466 -49.24 -42.61 -24.79
N THR C 467 -50.52 -42.95 -24.80
CA THR C 467 -51.05 -44.09 -24.09
C THR C 467 -52.30 -44.57 -24.82
N ARG C 468 -52.56 -45.88 -24.72
CA ARG C 468 -53.70 -46.47 -25.43
C ARG C 468 -55.05 -45.98 -24.92
N ALA C 469 -55.08 -45.30 -23.77
CA ALA C 469 -56.34 -44.79 -23.24
C ALA C 469 -56.89 -43.69 -24.15
N LYS C 470 -58.21 -43.68 -24.32
CA LYS C 470 -58.87 -42.72 -25.20
C LYS C 470 -60.00 -41.93 -24.53
N ARG C 471 -60.38 -40.84 -25.17
CA ARG C 471 -61.43 -39.99 -24.58
C ARG C 471 -62.76 -40.69 -24.36
N ARG C 472 -63.40 -40.38 -23.24
CA ARG C 472 -64.72 -40.94 -22.94
C ARG C 472 -65.57 -40.54 -24.14
N VAL C 473 -66.38 -41.49 -24.61
CA VAL C 473 -67.19 -41.27 -25.80
C VAL C 473 -68.11 -40.06 -25.58
N VAL C 474 -68.31 -39.28 -26.65
CA VAL C 474 -69.10 -38.06 -26.53
C VAL C 474 -70.57 -38.39 -26.27
N GLY C 475 -71.05 -39.51 -26.80
CA GLY C 475 -72.43 -39.90 -26.58
C GLY C 475 -72.71 -40.45 -25.19
N GLY C 476 -71.66 -40.88 -24.49
CA GLY C 476 -71.85 -41.41 -23.15
C GLY C 476 -71.90 -40.30 -22.12
N GLY C 477 -72.77 -40.50 -21.12
CA GLY C 477 -72.94 -39.52 -20.06
C GLY C 477 -73.85 -40.01 -18.94
N SER C 485 -60.90 -48.18 -4.49
CA SER C 485 -60.22 -46.90 -4.31
C SER C 485 -59.36 -46.91 -3.06
N ALA C 486 -58.04 -46.89 -3.25
CA ALA C 486 -57.12 -46.83 -2.11
C ALA C 486 -57.24 -45.49 -1.40
N VAL C 487 -57.28 -45.54 -0.07
CA VAL C 487 -57.52 -44.36 0.76
C VAL C 487 -56.26 -43.84 1.43
N GLY C 488 -55.10 -44.43 1.17
CA GLY C 488 -53.87 -43.89 1.73
C GLY C 488 -52.74 -44.88 1.67
N ILE C 489 -51.79 -44.67 2.60
CA ILE C 489 -50.60 -45.49 2.83
C ILE C 489 -49.84 -45.78 1.55
N GLY C 490 -49.78 -44.80 0.65
CA GLY C 490 -48.84 -44.90 -0.46
C GLY C 490 -47.41 -44.92 0.04
N ALA C 491 -46.57 -45.73 -0.60
CA ALA C 491 -45.27 -46.09 -0.06
C ALA C 491 -44.14 -45.30 -0.69
N VAL C 492 -43.05 -45.16 0.09
CA VAL C 492 -41.75 -44.61 -0.30
C VAL C 492 -41.87 -43.41 -1.24
N PHE C 493 -42.50 -42.35 -0.76
CA PHE C 493 -42.47 -41.08 -1.50
C PHE C 493 -41.08 -40.46 -1.40
N LEU C 494 -40.67 -39.76 -2.45
CA LEU C 494 -39.31 -39.27 -2.57
C LEU C 494 -39.17 -37.79 -2.28
N GLY C 495 -40.26 -37.09 -1.98
CA GLY C 495 -40.22 -35.66 -1.79
C GLY C 495 -40.33 -34.92 -3.11
N PHE C 496 -40.10 -33.62 -3.04
CA PHE C 496 -40.22 -32.79 -4.23
C PHE C 496 -39.12 -33.12 -5.22
N LEU C 497 -39.51 -33.34 -6.48
CA LEU C 497 -38.59 -33.67 -7.56
C LEU C 497 -37.76 -34.91 -7.28
N GLY C 498 -38.21 -35.75 -6.34
CA GLY C 498 -37.44 -36.96 -6.04
C GLY C 498 -37.55 -38.02 -7.11
N ALA C 499 -38.65 -38.03 -7.86
CA ALA C 499 -38.88 -39.00 -8.91
C ALA C 499 -38.32 -38.56 -10.26
N ALA C 500 -37.37 -37.62 -10.27
CA ALA C 500 -36.82 -37.14 -11.54
C ALA C 500 -35.88 -38.17 -12.16
N GLY C 501 -35.27 -39.04 -11.35
CA GLY C 501 -34.42 -40.09 -11.83
C GLY C 501 -35.07 -41.45 -11.92
N SER C 502 -36.34 -41.56 -11.57
CA SER C 502 -37.06 -42.82 -11.66
C SER C 502 -37.79 -42.91 -13.00
N THR C 503 -38.32 -44.10 -13.28
CA THR C 503 -38.96 -44.37 -14.56
C THR C 503 -40.22 -43.52 -14.73
N MET C 504 -40.63 -43.35 -16.00
CA MET C 504 -41.81 -42.54 -16.29
C MET C 504 -43.05 -43.08 -15.59
N GLY C 505 -43.15 -44.40 -15.49
CA GLY C 505 -44.27 -44.98 -14.75
C GLY C 505 -44.19 -44.69 -13.26
N ALA C 506 -43.01 -44.88 -12.67
CA ALA C 506 -42.86 -44.60 -11.25
C ALA C 506 -42.96 -43.11 -10.96
N ALA C 507 -42.44 -42.27 -11.87
CA ALA C 507 -42.51 -40.82 -11.67
C ALA C 507 -43.94 -40.32 -11.79
N SER C 508 -44.75 -40.92 -12.68
CA SER C 508 -46.14 -40.52 -12.82
C SER C 508 -46.98 -40.90 -11.62
N MET C 509 -46.43 -41.69 -10.68
CA MET C 509 -47.20 -42.05 -9.49
C MET C 509 -47.32 -40.88 -8.51
N THR C 510 -46.39 -39.94 -8.56
CA THR C 510 -46.39 -38.78 -7.65
C THR C 510 -46.52 -37.51 -8.50
N LEU C 511 -47.74 -36.97 -8.56
CA LEU C 511 -48.00 -35.73 -9.26
C LEU C 511 -48.44 -34.59 -8.35
N THR C 512 -49.10 -34.89 -7.23
CA THR C 512 -49.46 -33.84 -6.28
C THR C 512 -48.25 -33.29 -5.55
N VAL C 513 -47.14 -34.02 -5.54
CA VAL C 513 -45.93 -33.52 -4.88
C VAL C 513 -45.45 -32.24 -5.56
N GLN C 514 -45.35 -32.26 -6.89
CA GLN C 514 -44.93 -31.06 -7.61
C GLN C 514 -46.02 -30.00 -7.62
N ALA C 515 -47.29 -30.41 -7.82
CA ALA C 515 -48.36 -29.44 -7.95
C ALA C 515 -48.54 -28.60 -6.70
N ARG C 516 -48.20 -29.15 -5.53
CA ARG C 516 -48.17 -28.34 -4.32
C ARG C 516 -47.12 -27.24 -4.43
N ASN C 517 -45.96 -27.57 -5.00
CA ASN C 517 -44.80 -26.69 -4.93
C ASN C 517 -44.66 -25.76 -6.12
N LEU C 518 -45.50 -25.91 -7.13
CA LEU C 518 -45.41 -25.05 -8.29
C LEU C 518 -45.70 -23.63 -7.89
N LEU C 519 -46.59 -23.49 -6.92
CA LEU C 519 -46.98 -22.15 -6.44
C LEU C 519 -46.82 -22.10 -4.93
N SER C 520 -46.56 -20.92 -4.39
CA SER C 520 -46.39 -20.64 -2.93
C SER C 520 -45.09 -21.23 -2.39
N GLY C 521 -44.95 -21.34 -1.08
CA GLY C 521 -43.68 -21.86 -0.55
C GLY C 521 -43.45 -23.32 -0.90
N ILE C 522 -42.27 -23.68 -1.38
CA ILE C 522 -42.02 -25.12 -1.63
C ILE C 522 -42.06 -25.83 -0.28
N VAL C 523 -41.41 -25.29 0.75
CA VAL C 523 -41.38 -25.98 2.07
C VAL C 523 -41.36 -24.96 3.21
N GLN C 524 -41.78 -25.39 4.39
CA GLN C 524 -41.71 -24.57 5.63
C GLN C 524 -41.99 -23.10 5.34
N GLN C 525 -43.15 -22.74 4.80
CA GLN C 525 -43.42 -21.30 4.58
C GLN C 525 -42.30 -20.66 3.76
N GLN C 526 -41.91 -21.28 2.66
CA GLN C 526 -40.72 -20.80 1.90
C GLN C 526 -40.85 -19.36 1.38
N SER C 527 -41.95 -18.90 0.82
CA SER C 527 -41.89 -17.51 0.30
C SER C 527 -43.16 -16.71 0.62
N ASN C 528 -44.28 -17.10 0.05
CA ASN C 528 -45.55 -16.35 0.23
C ASN C 528 -45.93 -16.33 1.71
N LEU C 529 -45.76 -17.43 2.42
CA LEU C 529 -46.13 -17.43 3.86
C LEU C 529 -45.27 -16.38 4.57
N LEU C 530 -43.99 -16.27 4.22
CA LEU C 530 -43.10 -15.28 4.78
C LEU C 530 -43.45 -13.82 4.51
N ARG C 531 -43.93 -13.49 3.32
CA ARG C 531 -44.12 -12.06 3.08
C ARG C 531 -45.28 -11.46 3.87
N ALA C 532 -45.88 -12.20 4.80
CA ALA C 532 -47.03 -11.76 5.58
C ALA C 532 -46.68 -10.80 6.72
N PRO C 533 -45.56 -10.99 7.45
CA PRO C 533 -45.22 -10.02 8.50
C PRO C 533 -45.22 -8.58 8.01
N GLU C 534 -45.73 -7.70 8.86
CA GLU C 534 -45.95 -6.31 8.54
C GLU C 534 -44.66 -5.50 8.70
N ALA C 535 -44.61 -4.37 7.99
CA ALA C 535 -43.51 -3.40 8.01
C ALA C 535 -42.18 -4.00 7.55
N GLN C 536 -42.17 -5.24 7.07
CA GLN C 536 -40.95 -5.80 6.53
C GLN C 536 -40.60 -5.18 5.18
N GLN C 537 -41.61 -5.15 4.32
CA GLN C 537 -41.46 -4.60 3.00
C GLN C 537 -41.99 -3.18 2.92
N HIS C 538 -42.88 -2.81 3.83
CA HIS C 538 -43.40 -1.46 3.78
C HIS C 538 -42.27 -0.49 4.08
N LEU C 539 -41.53 -0.77 5.15
CA LEU C 539 -40.39 0.06 5.55
C LEU C 539 -39.31 -0.06 4.50
N LEU C 540 -39.14 -1.28 3.99
CA LEU C 540 -38.20 -1.60 2.95
C LEU C 540 -38.56 -0.86 1.68
N LYS C 541 -39.86 -0.72 1.39
CA LYS C 541 -40.38 -0.03 0.23
C LYS C 541 -39.75 -0.70 -0.95
N LEU C 542 -39.10 0.09 -1.80
CA LEU C 542 -38.44 -0.39 -2.97
C LEU C 542 -36.96 -0.58 -2.75
N THR C 543 -36.50 -0.43 -1.51
CA THR C 543 -35.08 -0.55 -1.30
C THR C 543 -34.62 -1.99 -1.36
N VAL C 544 -33.59 -2.23 -2.16
CA VAL C 544 -33.04 -3.58 -2.24
C VAL C 544 -34.09 -4.63 -2.62
N TRP C 545 -34.14 -5.65 -1.79
CA TRP C 545 -34.90 -6.88 -1.99
C TRP C 545 -36.39 -6.61 -2.16
N GLY C 546 -36.87 -5.42 -1.79
CA GLY C 546 -38.30 -5.14 -1.90
C GLY C 546 -38.81 -5.28 -3.33
N ILE C 547 -38.02 -4.82 -4.30
CA ILE C 547 -38.40 -4.99 -5.69
C ILE C 547 -38.04 -6.39 -6.17
N LYS C 548 -37.06 -7.04 -5.53
CA LYS C 548 -36.76 -8.43 -5.85
C LYS C 548 -37.92 -9.35 -5.50
N GLN C 549 -38.65 -9.05 -4.43
CA GLN C 549 -39.74 -9.90 -4.01
C GLN C 549 -40.95 -9.77 -4.93
N LEU C 550 -41.28 -8.54 -5.33
CA LEU C 550 -42.43 -8.35 -6.22
C LEU C 550 -42.21 -9.04 -7.55
N GLN C 551 -40.99 -8.98 -8.09
CA GLN C 551 -40.72 -9.67 -9.35
C GLN C 551 -40.70 -11.17 -9.18
N ALA C 552 -40.40 -11.66 -7.97
CA ALA C 552 -40.39 -13.10 -7.73
C ALA C 552 -41.79 -13.64 -7.44
N ARG C 553 -42.66 -12.84 -6.84
CA ARG C 553 -44.01 -13.31 -6.57
C ARG C 553 -44.95 -13.13 -7.76
N VAL C 554 -44.71 -12.11 -8.59
CA VAL C 554 -45.53 -11.92 -9.77
C VAL C 554 -45.18 -12.93 -10.85
N LEU C 555 -43.90 -13.24 -11.03
CA LEU C 555 -43.50 -14.24 -12.01
C LEU C 555 -44.02 -15.63 -11.61
N ALA C 556 -44.10 -15.90 -10.31
CA ALA C 556 -44.63 -17.18 -9.84
C ALA C 556 -46.09 -17.33 -10.27
N VAL C 557 -46.90 -16.30 -10.05
CA VAL C 557 -48.30 -16.35 -10.45
C VAL C 557 -48.43 -16.48 -11.96
N GLU C 558 -47.59 -15.75 -12.70
CA GLU C 558 -47.71 -15.75 -14.16
C GLU C 558 -47.35 -17.11 -14.77
N ARG C 559 -46.50 -17.88 -14.10
CA ARG C 559 -46.17 -19.20 -14.63
C ARG C 559 -47.20 -20.25 -14.23
N TYR C 560 -47.77 -20.12 -13.02
CA TYR C 560 -48.82 -21.05 -12.61
C TYR C 560 -50.07 -20.87 -13.47
N LEU C 561 -50.56 -19.63 -13.60
CA LEU C 561 -51.74 -19.38 -14.41
C LEU C 561 -51.50 -19.65 -15.89
N ARG C 562 -50.24 -19.72 -16.33
CA ARG C 562 -49.98 -20.07 -17.72
C ARG C 562 -50.33 -21.52 -17.99
N ASP C 563 -49.96 -22.42 -17.07
CA ASP C 563 -50.28 -23.82 -17.25
C ASP C 563 -51.78 -24.07 -17.11
N GLN C 564 -52.43 -23.41 -16.15
CA GLN C 564 -53.88 -23.55 -16.00
C GLN C 564 -54.60 -23.01 -17.23
N GLN C 565 -54.13 -21.89 -17.78
CA GLN C 565 -54.70 -21.40 -19.03
C GLN C 565 -54.46 -22.37 -20.17
N LEU C 566 -53.29 -23.02 -20.17
CA LEU C 566 -53.03 -24.06 -21.16
C LEU C 566 -54.00 -25.22 -21.00
N LEU C 567 -54.34 -25.58 -19.76
CA LEU C 567 -55.32 -26.62 -19.55
C LEU C 567 -56.71 -26.15 -19.95
N GLY C 568 -57.09 -24.93 -19.54
CA GLY C 568 -58.41 -24.42 -19.86
C GLY C 568 -58.78 -24.58 -21.33
N ILE C 569 -57.81 -24.39 -22.22
CA ILE C 569 -58.08 -24.61 -23.63
C ILE C 569 -57.96 -26.08 -24.00
N TRP C 570 -57.15 -26.81 -23.27
CA TRP C 570 -56.89 -28.22 -23.55
C TRP C 570 -57.81 -29.20 -22.87
N GLY C 571 -58.78 -28.70 -22.13
CA GLY C 571 -59.60 -29.59 -21.34
C GLY C 571 -58.79 -29.90 -20.09
N CYS C 572 -59.12 -30.97 -19.38
CA CYS C 572 -58.36 -31.37 -18.19
C CYS C 572 -58.18 -30.27 -17.12
N SER C 573 -59.18 -29.44 -16.91
CA SER C 573 -59.00 -28.35 -15.98
C SER C 573 -58.72 -28.75 -14.56
N GLY C 574 -59.41 -29.72 -14.04
CA GLY C 574 -59.16 -30.10 -12.67
C GLY C 574 -58.42 -31.40 -12.56
N LYS C 575 -57.93 -31.88 -13.68
CA LYS C 575 -57.31 -33.18 -13.64
C LYS C 575 -55.83 -33.21 -13.78
N LEU C 576 -55.15 -33.88 -12.88
CA LEU C 576 -53.70 -33.98 -13.05
C LEU C 576 -53.36 -34.85 -14.25
N ILE C 577 -54.11 -35.93 -14.44
CA ILE C 577 -53.97 -36.81 -15.61
C ILE C 577 -55.28 -36.76 -16.38
N CYS C 578 -55.21 -36.35 -17.63
CA CYS C 578 -56.38 -36.41 -18.50
C CYS C 578 -55.97 -37.02 -19.83
N THR C 579 -56.90 -37.74 -20.42
CA THR C 579 -56.68 -38.32 -21.70
C THR C 579 -57.74 -37.69 -22.53
N THR C 580 -57.36 -37.21 -23.69
CA THR C 580 -58.32 -36.60 -24.57
C THR C 580 -58.12 -37.22 -25.94
N ASN C 581 -59.13 -37.13 -26.80
CA ASN C 581 -58.99 -37.79 -28.06
C ASN C 581 -58.16 -37.06 -29.07
N VAL C 582 -56.93 -37.51 -29.17
CA VAL C 582 -55.94 -37.02 -30.13
C VAL C 582 -55.05 -38.18 -30.56
N PRO C 583 -54.89 -38.42 -31.86
CA PRO C 583 -54.02 -39.50 -32.31
C PRO C 583 -52.55 -39.14 -32.17
N TRP C 584 -51.78 -40.09 -31.65
CA TRP C 584 -50.33 -39.94 -31.54
C TRP C 584 -49.70 -40.38 -32.85
N ASN C 585 -49.01 -39.46 -33.52
CA ASN C 585 -48.35 -39.78 -34.78
C ASN C 585 -47.09 -40.60 -34.51
N SER C 586 -46.84 -41.57 -35.39
CA SER C 586 -45.71 -42.48 -35.22
C SER C 586 -44.37 -41.84 -35.55
N SER C 587 -44.38 -40.71 -36.27
CA SER C 587 -43.12 -40.06 -36.63
C SER C 587 -42.47 -39.33 -35.46
N TRP C 588 -43.23 -39.01 -34.42
CA TRP C 588 -42.67 -38.32 -33.27
C TRP C 588 -41.73 -39.22 -32.48
N SER C 589 -42.02 -40.53 -32.43
CA SER C 589 -41.17 -41.50 -31.78
C SER C 589 -41.62 -42.89 -32.21
N ASN C 590 -40.64 -43.77 -32.45
CA ASN C 590 -40.92 -45.13 -32.89
C ASN C 590 -40.83 -46.15 -31.75
N ARG C 591 -40.64 -45.69 -30.52
CA ARG C 591 -40.56 -46.60 -29.39
C ARG C 591 -41.95 -47.00 -28.91
N ASN C 592 -42.04 -48.22 -28.39
CA ASN C 592 -43.32 -48.76 -27.95
C ASN C 592 -43.65 -48.29 -26.54
N LEU C 593 -44.88 -48.57 -26.11
CA LEU C 593 -45.35 -48.12 -24.79
C LEU C 593 -44.48 -48.69 -23.68
N SER C 594 -44.14 -49.97 -23.78
CA SER C 594 -43.35 -50.59 -22.71
C SER C 594 -42.01 -49.89 -22.54
N GLU C 595 -41.18 -49.89 -23.58
CA GLU C 595 -39.84 -49.33 -23.49
C GLU C 595 -39.86 -47.88 -23.01
N ILE C 596 -40.88 -47.12 -23.39
CA ILE C 596 -40.99 -45.73 -22.95
C ILE C 596 -41.27 -45.65 -21.46
N TRP C 597 -42.26 -46.41 -20.99
CA TRP C 597 -42.65 -46.34 -19.59
C TRP C 597 -41.88 -47.30 -18.69
N ASP C 598 -41.15 -48.27 -19.26
CA ASP C 598 -40.46 -49.24 -18.43
C ASP C 598 -39.19 -48.67 -17.82
N ASN C 599 -38.35 -48.02 -18.65
CA ASN C 599 -37.05 -47.55 -18.21
C ASN C 599 -36.70 -46.23 -18.91
N MET C 600 -37.45 -45.18 -18.58
CA MET C 600 -37.14 -43.85 -19.05
C MET C 600 -37.57 -42.84 -18.00
N THR C 601 -36.75 -41.83 -17.79
CA THR C 601 -37.09 -40.71 -16.94
C THR C 601 -37.78 -39.63 -17.75
N TRP C 602 -38.68 -38.89 -17.10
CA TRP C 602 -39.38 -37.82 -17.79
C TRP C 602 -38.43 -36.80 -18.38
N LEU C 603 -37.24 -36.65 -17.80
CA LEU C 603 -36.25 -35.72 -18.35
C LEU C 603 -35.79 -36.15 -19.72
N GLN C 604 -35.42 -37.42 -19.88
CA GLN C 604 -35.04 -37.93 -21.19
C GLN C 604 -36.21 -37.89 -22.16
N TRP C 605 -37.44 -38.05 -21.66
CA TRP C 605 -38.60 -38.02 -22.52
C TRP C 605 -38.83 -36.63 -23.10
N ASP C 606 -38.66 -35.59 -22.29
CA ASP C 606 -38.87 -34.24 -22.77
C ASP C 606 -37.86 -33.83 -23.83
N LYS C 607 -36.71 -34.51 -23.90
CA LYS C 607 -35.70 -34.15 -24.89
C LYS C 607 -36.11 -34.58 -26.29
N GLU C 608 -36.56 -35.83 -26.45
CA GLU C 608 -36.91 -36.33 -27.76
C GLU C 608 -38.16 -35.64 -28.30
N ILE C 609 -39.16 -35.41 -27.45
CA ILE C 609 -40.40 -34.76 -27.87
C ILE C 609 -40.26 -33.25 -27.93
N SER C 610 -39.11 -32.69 -27.55
CA SER C 610 -38.93 -31.24 -27.57
C SER C 610 -39.09 -30.67 -28.97
N ASN C 611 -38.69 -31.44 -30.00
CA ASN C 611 -38.82 -30.94 -31.37
C ASN C 611 -40.28 -30.82 -31.79
N TYR C 612 -41.16 -31.65 -31.24
CA TYR C 612 -42.56 -31.67 -31.64
C TYR C 612 -43.50 -31.19 -30.53
N THR C 613 -42.94 -30.80 -29.41
CA THR C 613 -43.82 -30.41 -28.29
C THR C 613 -44.67 -29.21 -28.68
N GLN C 614 -44.15 -28.27 -29.45
CA GLN C 614 -45.01 -27.12 -29.80
C GLN C 614 -46.19 -27.60 -30.66
N ILE C 615 -45.97 -28.47 -31.65
CA ILE C 615 -47.10 -28.89 -32.52
C ILE C 615 -48.14 -29.62 -31.69
N ILE C 616 -47.72 -30.54 -30.84
CA ILE C 616 -48.72 -31.23 -30.03
C ILE C 616 -49.59 -30.21 -29.30
N TYR C 617 -49.00 -29.11 -28.83
CA TYR C 617 -49.75 -28.12 -28.06
C TYR C 617 -50.71 -27.34 -28.92
N GLY C 618 -50.58 -27.39 -30.24
CA GLY C 618 -51.47 -26.68 -31.13
C GLY C 618 -52.65 -27.53 -31.58
N LEU C 619 -52.39 -28.81 -31.86
CA LEU C 619 -53.47 -29.72 -32.22
C LEU C 619 -54.38 -29.99 -31.04
N LEU C 620 -53.79 -30.15 -29.85
CA LEU C 620 -54.54 -30.49 -28.66
C LEU C 620 -55.34 -29.32 -28.09
N GLU C 621 -55.01 -28.09 -28.47
CA GLU C 621 -55.64 -26.93 -27.83
C GLU C 621 -57.02 -26.63 -28.40
N GLU C 622 -57.20 -26.85 -29.71
CA GLU C 622 -58.44 -26.50 -30.37
C GLU C 622 -59.12 -27.71 -31.00
N SER C 623 -58.41 -28.43 -31.87
CA SER C 623 -58.99 -29.60 -32.51
C SER C 623 -59.47 -30.61 -31.46
N GLN C 624 -58.74 -30.73 -30.35
CA GLN C 624 -59.09 -31.70 -29.32
C GLN C 624 -60.22 -31.20 -28.43
N ASN C 625 -60.23 -29.92 -28.08
CA ASN C 625 -61.14 -29.43 -27.06
C ASN C 625 -62.06 -28.30 -27.52
N GLN C 626 -61.79 -27.68 -28.68
CA GLN C 626 -62.72 -26.69 -29.22
C GLN C 626 -63.63 -27.27 -30.29
N GLN C 627 -63.17 -28.28 -31.03
CA GLN C 627 -64.08 -29.03 -31.89
C GLN C 627 -65.18 -29.69 -31.05
N GLU C 628 -64.83 -30.14 -29.85
CA GLU C 628 -65.83 -30.69 -28.94
C GLU C 628 -66.88 -29.65 -28.58
N LYS C 629 -66.43 -28.45 -28.21
CA LYS C 629 -67.37 -27.39 -27.84
C LYS C 629 -68.31 -27.07 -28.99
N ASN C 630 -67.78 -26.95 -30.21
CA ASN C 630 -68.64 -26.65 -31.35
C ASN C 630 -69.58 -27.81 -31.65
N GLU C 631 -69.19 -29.04 -31.34
CA GLU C 631 -70.04 -30.20 -31.57
C GLU C 631 -70.90 -30.54 -30.37
N GLN C 632 -70.33 -30.34 -29.20
CA GLN C 632 -71.02 -30.68 -27.93
C GLN C 632 -72.27 -29.80 -27.83
N ASP C 633 -72.20 -28.51 -28.11
CA ASP C 633 -73.45 -27.73 -28.03
C ASP C 633 -74.31 -27.92 -29.28
N LEU C 634 -73.71 -28.23 -30.43
CA LEU C 634 -74.56 -28.44 -31.62
C LEU C 634 -75.45 -29.62 -31.30
N LEU C 635 -74.86 -30.61 -30.67
CA LEU C 635 -75.57 -31.83 -30.27
C LEU C 635 -76.86 -31.49 -29.52
N ALA C 636 -76.78 -30.51 -28.62
CA ALA C 636 -77.95 -30.06 -27.86
C ALA C 636 -78.62 -28.83 -28.46
N LEU C 637 -78.15 -28.37 -29.63
CA LEU C 637 -78.74 -27.20 -30.26
C LEU C 637 -80.13 -27.53 -30.80
N ASP C 638 -81.01 -26.54 -30.77
CA ASP C 638 -82.38 -26.70 -31.22
C ASP C 638 -82.45 -26.91 -32.73
N GLN D 1 38.09 -3.19 39.64
CA GLN D 1 38.13 -1.73 39.76
C GLN D 1 38.57 -1.10 38.44
N VAL D 2 37.97 0.05 38.13
CA VAL D 2 38.26 0.79 36.90
C VAL D 2 38.75 2.17 37.29
N HIS D 3 39.99 2.49 36.91
CA HIS D 3 40.61 3.77 37.21
C HIS D 3 40.63 4.61 35.93
N LEU D 4 39.77 5.63 35.88
CA LEU D 4 39.67 6.53 34.75
C LEU D 4 40.15 7.92 35.17
N GLN D 5 41.09 8.47 34.41
CA GLN D 5 41.66 9.77 34.72
C GLN D 5 41.46 10.71 33.55
N GLU D 6 40.97 11.92 33.83
CA GLU D 6 40.67 12.92 32.83
C GLU D 6 41.71 14.03 32.92
N SER D 7 42.51 14.17 31.87
CA SER D 7 43.59 15.16 31.82
C SER D 7 43.32 16.17 30.73
N GLY D 8 43.61 17.44 31.01
CA GLY D 8 43.43 18.51 30.06
C GLY D 8 44.11 19.79 30.51
N PRO D 9 44.32 20.72 29.56
CA PRO D 9 44.94 22.00 29.92
C PRO D 9 44.12 22.78 30.93
N GLY D 10 42.80 22.86 30.75
CA GLY D 10 41.92 23.55 31.66
C GLY D 10 41.69 25.01 31.35
N LEU D 11 42.50 25.61 30.49
CA LEU D 11 42.36 27.02 30.14
C LEU D 11 42.88 27.22 28.73
N VAL D 12 42.01 27.69 27.84
CA VAL D 12 42.31 27.80 26.42
C VAL D 12 41.71 29.09 25.88
N LYS D 13 42.50 29.82 25.09
CA LYS D 13 42.04 31.06 24.49
C LYS D 13 40.90 30.79 23.50
N PRO D 14 40.06 31.79 23.24
CA PRO D 14 38.97 31.60 22.27
C PRO D 14 39.50 31.29 20.88
N SER D 15 38.68 30.58 20.10
CA SER D 15 39.01 30.16 18.73
C SER D 15 40.33 29.39 18.70
N GLU D 16 40.45 28.41 19.58
CA GLU D 16 41.64 27.57 19.67
C GLU D 16 41.23 26.12 19.80
N THR D 17 42.08 25.23 19.30
CA THR D 17 41.79 23.80 19.28
C THR D 17 42.00 23.23 20.68
N LEU D 18 40.91 22.85 21.34
CA LEU D 18 40.97 22.22 22.65
C LEU D 18 41.18 20.72 22.49
N SER D 19 42.03 20.16 23.34
CA SER D 19 42.34 18.73 23.30
C SER D 19 42.46 18.21 24.72
N LEU D 20 41.73 17.13 25.01
CA LEU D 20 41.75 16.48 26.31
C LEU D 20 42.22 15.03 26.14
N THR D 21 42.36 14.34 27.28
CA THR D 21 42.80 12.95 27.28
C THR D 21 42.20 12.25 28.49
N CYS D 22 41.68 11.04 28.28
CA CYS D 22 41.06 10.26 29.35
C CYS D 22 41.88 8.99 29.57
N ASN D 23 42.68 8.98 30.62
CA ASN D 23 43.44 7.78 30.98
C ASN D 23 42.49 6.70 31.48
N VAL D 24 42.79 5.45 31.13
CA VAL D 24 41.93 4.31 31.44
C VAL D 24 42.77 3.22 32.07
N SER D 25 42.25 2.62 33.15
CA SER D 25 42.90 1.51 33.83
C SER D 25 41.86 0.49 34.23
N GLY D 26 42.31 -0.74 34.46
CA GLY D 26 41.45 -1.83 34.86
C GLY D 26 40.82 -2.61 33.71
N THR D 27 40.69 -1.98 32.54
CA THR D 27 40.11 -2.65 31.38
C THR D 27 40.67 -2.01 30.11
N LEU D 28 40.66 -2.77 29.03
CA LEU D 28 41.15 -2.27 27.76
C LEU D 28 40.23 -1.18 27.23
N VAL D 29 40.83 -0.20 26.56
CA VAL D 29 40.07 0.93 26.02
C VAL D 29 39.18 0.52 24.86
N ARG D 30 39.50 -0.58 24.19
CA ARG D 30 38.76 -0.99 23.00
C ARG D 30 37.54 -1.85 23.31
N ASP D 31 37.53 -2.54 24.45
CA ASP D 31 36.43 -3.45 24.75
C ASP D 31 35.15 -2.73 25.16
N ASN D 32 35.26 -1.60 25.87
CA ASN D 32 34.09 -0.89 26.38
C ASN D 32 33.83 0.38 25.57
N TYR D 33 32.58 0.83 25.62
CA TYR D 33 32.18 2.07 24.99
C TYR D 33 32.62 3.26 25.83
N TRP D 34 32.85 4.39 25.16
CA TRP D 34 33.32 5.59 25.83
C TRP D 34 32.50 6.79 25.37
N SER D 35 32.26 7.72 26.30
CA SER D 35 31.48 8.90 26.03
C SER D 35 32.07 10.08 26.79
N TRP D 36 31.77 11.28 26.31
CA TRP D 36 32.21 12.52 26.94
C TRP D 36 30.98 13.36 27.28
N ILE D 37 30.96 13.91 28.49
CA ILE D 37 29.83 14.69 28.98
C ILE D 37 30.37 15.97 29.61
N ARG D 38 30.04 17.11 29.01
CA ARG D 38 30.36 18.41 29.56
C ARG D 38 29.17 18.99 30.31
N GLN D 39 29.45 19.90 31.25
CA GLN D 39 28.38 20.47 32.05
C GLN D 39 28.69 21.91 32.44
N PRO D 40 27.92 22.88 31.92
CA PRO D 40 28.11 24.28 32.34
C PRO D 40 27.79 24.45 33.83
N LEU D 41 28.41 25.47 34.42
CA LEU D 41 28.22 25.74 35.84
C LEU D 41 26.82 26.26 36.09
N GLY D 42 26.03 25.49 36.84
CA GLY D 42 24.66 25.86 37.13
C GLY D 42 23.64 25.34 36.16
N LYS D 43 24.02 24.42 35.26
CA LYS D 43 23.12 23.87 34.26
C LYS D 43 23.21 22.35 34.27
N GLN D 44 22.48 21.72 33.34
CA GLN D 44 22.38 20.28 33.17
C GLN D 44 23.50 19.76 32.27
N PRO D 45 23.92 18.50 32.46
CA PRO D 45 24.98 17.94 31.62
C PRO D 45 24.60 17.93 30.14
N GLU D 46 25.57 17.56 29.31
CA GLU D 46 25.36 17.57 27.87
C GLU D 46 26.20 16.46 27.25
N TRP D 47 25.54 15.54 26.57
CA TRP D 47 26.24 14.43 25.92
C TRP D 47 27.02 14.95 24.73
N ILE D 48 28.32 14.69 24.70
CA ILE D 48 29.18 15.20 23.64
C ILE D 48 29.53 14.09 22.66
N GLY D 49 28.64 13.11 22.54
CA GLY D 49 28.86 12.01 21.64
C GLY D 49 29.71 10.90 22.26
N TYR D 50 29.55 9.70 21.72
CA TYR D 50 30.26 8.52 22.19
C TYR D 50 31.24 8.04 21.13
N VAL D 51 32.02 7.02 21.49
CA VAL D 51 33.03 6.46 20.61
C VAL D 51 33.25 5.01 20.98
N HIS D 52 33.52 4.20 19.97
CA HIS D 52 33.79 2.77 20.15
C HIS D 52 34.49 2.25 18.92
N ASP D 53 35.07 1.06 19.05
CA ASP D 53 35.75 0.41 17.93
C ASP D 53 34.73 0.00 16.87
N SER D 54 35.25 -0.51 15.75
CA SER D 54 34.44 -0.96 14.62
C SER D 54 33.59 0.18 14.05
N GLY D 55 34.12 1.40 14.10
CA GLY D 55 33.45 2.54 13.50
C GLY D 55 32.22 3.02 14.23
N ASP D 56 31.93 2.50 15.41
CA ASP D 56 30.76 2.91 16.19
C ASP D 56 31.07 4.24 16.86
N THR D 57 30.66 5.34 16.23
CA THR D 57 30.91 6.67 16.76
C THR D 57 29.86 7.63 16.24
N ASN D 58 29.20 8.35 17.15
CA ASN D 58 28.21 9.36 16.80
C ASN D 58 28.52 10.64 17.57
N TYR D 59 28.07 11.76 17.02
CA TYR D 59 28.37 13.07 17.56
C TYR D 59 27.08 13.80 17.95
N ASN D 60 27.26 14.83 18.76
CA ASN D 60 26.15 15.71 19.11
C ASN D 60 25.77 16.55 17.89
N PRO D 61 24.50 16.58 17.49
CA PRO D 61 24.13 17.32 16.27
C PRO D 61 24.43 18.80 16.33
N SER D 62 24.49 19.39 17.52
CA SER D 62 24.72 20.83 17.62
C SER D 62 26.17 21.19 17.32
N LEU D 63 27.12 20.34 17.74
CA LEU D 63 28.54 20.59 17.53
C LEU D 63 29.19 19.44 16.76
N LYS D 64 28.43 18.81 15.86
CA LYS D 64 28.96 17.65 15.12
C LYS D 64 30.12 18.07 14.22
N SER D 65 30.02 19.23 13.59
CA SER D 65 31.06 19.65 12.66
C SER D 65 32.36 20.01 13.36
N ARG D 66 32.29 20.50 14.59
CA ARG D 66 33.47 20.96 15.30
C ARG D 66 34.09 19.89 16.18
N VAL D 67 33.31 18.92 16.65
CA VAL D 67 33.82 17.92 17.58
C VAL D 67 34.53 16.81 16.81
N HIS D 68 35.46 16.15 17.49
CA HIS D 68 36.18 15.02 16.94
C HIS D 68 36.47 14.04 18.06
N LEU D 69 36.76 12.79 17.69
CA LEU D 69 37.10 11.76 18.66
C LEU D 69 38.11 10.81 18.04
N SER D 70 38.80 10.08 18.92
CA SER D 70 39.81 9.12 18.47
C SER D 70 40.12 8.17 19.62
N LEU D 71 40.75 7.05 19.27
CA LEU D 71 41.14 6.03 20.24
C LEU D 71 42.48 5.42 19.84
N ASP D 72 43.11 4.77 20.81
CA ASP D 72 44.38 4.07 20.57
C ASP D 72 44.49 2.93 21.56
N LYS D 73 44.67 1.72 21.06
CA LYS D 73 44.73 0.53 21.92
C LYS D 73 46.05 0.42 22.66
N SER D 74 47.14 0.93 22.07
CA SER D 74 48.47 0.73 22.65
C SER D 74 48.62 1.47 23.98
N LYS D 75 48.14 2.71 24.07
CA LYS D 75 48.35 3.53 25.24
C LYS D 75 47.17 3.51 26.22
N ASN D 76 46.04 2.93 25.83
CA ASN D 76 44.87 2.80 26.69
C ASN D 76 44.38 4.18 27.15
N LEU D 77 43.97 4.99 26.17
CA LEU D 77 43.53 6.35 26.43
C LEU D 77 42.37 6.71 25.52
N VAL D 78 41.67 7.78 25.89
CA VAL D 78 40.58 8.35 25.10
C VAL D 78 40.89 9.83 24.88
N SER D 79 40.77 10.28 23.64
CA SER D 79 41.11 11.65 23.27
C SER D 79 39.89 12.39 22.75
N LEU D 80 39.75 13.65 23.18
CA LEU D 80 38.72 14.56 22.72
C LEU D 80 39.37 15.75 22.04
N ARG D 81 38.84 16.12 20.87
CA ARG D 81 39.32 17.29 20.14
C ARG D 81 38.17 18.19 19.71
N LEU D 82 38.29 19.48 20.01
CA LEU D 82 37.29 20.48 19.63
C LEU D 82 37.99 21.71 19.08
N THR D 83 37.61 22.10 17.86
CA THR D 83 38.20 23.24 17.18
C THR D 83 37.25 24.43 17.23
N GLY D 84 37.81 25.61 17.43
CA GLY D 84 37.03 26.83 17.46
C GLY D 84 36.13 26.94 18.67
N VAL D 85 36.72 26.95 19.87
CA VAL D 85 35.94 27.02 21.09
C VAL D 85 35.55 28.45 21.39
N THR D 86 34.45 28.62 22.12
CA THR D 86 34.01 29.95 22.55
C THR D 86 33.69 29.95 24.04
N ALA D 87 33.14 31.05 24.54
CA ALA D 87 32.83 31.15 25.96
C ALA D 87 31.71 30.20 26.37
N ALA D 88 30.87 29.77 25.43
CA ALA D 88 29.80 28.83 25.77
C ALA D 88 30.33 27.43 26.07
N ASP D 89 31.58 27.15 25.71
CA ASP D 89 32.17 25.83 25.94
C ASP D 89 32.75 25.67 27.34
N SER D 90 32.65 26.70 28.18
CA SER D 90 33.15 26.62 29.55
C SER D 90 32.31 25.62 30.33
N ALA D 91 32.87 24.43 30.57
CA ALA D 91 32.13 23.37 31.24
C ALA D 91 33.13 22.42 31.87
N ILE D 92 32.61 21.51 32.71
CA ILE D 92 33.39 20.46 33.32
C ILE D 92 33.22 19.21 32.45
N TYR D 93 34.33 18.73 31.87
CA TYR D 93 34.29 17.66 30.88
C TYR D 93 34.56 16.33 31.59
N TYR D 94 33.55 15.48 31.67
CA TYR D 94 33.65 14.19 32.31
C TYR D 94 33.89 13.10 31.26
N CYS D 95 34.55 12.03 31.70
CA CYS D 95 34.79 10.87 30.85
C CYS D 95 34.29 9.63 31.58
N ALA D 96 33.38 8.90 30.94
CA ALA D 96 32.70 7.78 31.58
C ALA D 96 32.52 6.64 30.58
N THR D 97 32.67 5.42 31.08
CA THR D 97 32.37 4.24 30.27
C THR D 97 30.86 4.08 30.13
N THR D 98 30.44 3.60 28.96
CA THR D 98 29.03 3.52 28.62
C THR D 98 28.65 2.08 28.25
N LYS D 99 27.44 1.69 28.62
CA LYS D 99 26.87 0.40 28.27
C LYS D 99 25.61 0.60 27.47
N HIS D 100 25.39 -0.28 26.48
CA HIS D 100 24.22 -0.18 25.62
C HIS D 100 23.10 -1.07 26.16
N GLY D 101 21.93 -0.92 25.56
CA GLY D 101 20.76 -1.70 25.94
C GLY D 101 19.79 -1.81 24.78
N ARG D 102 18.95 -2.83 24.85
CA ARG D 102 17.95 -3.12 23.83
C ARG D 102 16.58 -3.13 24.49
N ARG D 103 15.75 -2.13 24.17
CA ARG D 103 14.39 -2.04 24.67
C ARG D 103 13.43 -2.26 23.49
N ILE D 104 12.63 -3.31 23.56
CA ILE D 104 11.78 -3.74 22.46
C ILE D 104 10.33 -3.49 22.82
N TYR D 105 9.64 -2.69 22.00
CA TYR D 105 8.21 -2.47 22.15
C TYR D 105 7.40 -3.02 20.99
N GLY D 106 8.05 -3.57 19.97
CA GLY D 106 7.33 -4.06 18.80
C GLY D 106 7.81 -5.40 18.29
N VAL D 107 7.53 -5.67 17.01
CA VAL D 107 7.81 -6.98 16.43
C VAL D 107 9.30 -7.17 16.17
N VAL D 108 10.02 -6.08 15.89
CA VAL D 108 11.46 -6.02 15.61
C VAL D 108 11.73 -6.41 14.17
N ALA D 109 10.72 -6.95 13.48
CA ALA D 109 10.87 -7.23 12.07
C ALA D 109 10.99 -5.95 11.25
N PHE D 110 10.30 -4.89 11.67
CA PHE D 110 10.29 -3.61 10.95
C PHE D 110 10.98 -2.50 11.75
N LYS D 111 12.03 -2.86 12.48
CA LYS D 111 12.85 -1.91 13.24
C LYS D 111 12.00 -1.15 14.26
N GLU D 112 11.12 -1.86 14.96
CA GLU D 112 10.31 -1.26 16.01
C GLU D 112 10.99 -1.29 17.38
N TRP D 113 12.32 -1.29 17.42
CA TRP D 113 13.09 -1.25 18.65
C TRP D 113 14.16 -0.16 18.54
N PHE D 114 14.65 0.28 19.70
CA PHE D 114 15.65 1.34 19.77
C PHE D 114 16.67 1.01 20.84
N THR D 115 17.86 1.60 20.68
CA THR D 115 18.99 1.37 21.57
C THR D 115 19.18 2.59 22.47
N TYR D 116 19.27 2.34 23.77
CA TYR D 116 19.50 3.39 24.75
C TYR D 116 20.86 3.19 25.41
N PHE D 117 21.49 4.30 25.78
CA PHE D 117 22.83 4.27 26.37
C PHE D 117 22.78 4.82 27.79
N TYR D 118 23.60 4.24 28.66
CA TYR D 118 23.72 4.69 30.04
C TYR D 118 25.16 4.51 30.48
N MET D 119 25.69 5.51 31.20
CA MET D 119 27.06 5.48 31.69
C MET D 119 27.07 5.07 33.16
N ASP D 120 27.81 4.01 33.46
CA ASP D 120 27.81 3.42 34.80
C ASP D 120 28.90 3.98 35.70
N VAL D 121 30.14 4.05 35.19
CA VAL D 121 31.29 4.51 35.95
C VAL D 121 31.81 5.79 35.32
N TRP D 122 31.95 6.83 36.12
CA TRP D 122 32.38 8.15 35.68
C TRP D 122 33.78 8.46 36.19
N GLY D 123 34.22 9.70 35.95
CA GLY D 123 35.49 10.16 36.45
C GLY D 123 35.38 11.55 37.02
N LYS D 124 36.46 12.00 37.66
CA LYS D 124 36.46 13.32 38.29
C LYS D 124 36.29 14.42 37.25
N GLY D 125 36.92 14.27 36.09
CA GLY D 125 36.80 15.26 35.04
C GLY D 125 37.83 16.37 35.18
N THR D 126 37.73 17.33 34.26
CA THR D 126 38.59 18.51 34.26
C THR D 126 37.75 19.75 34.05
N SER D 127 38.09 20.83 34.75
CA SER D 127 37.40 22.10 34.63
C SER D 127 38.08 22.92 33.54
N VAL D 128 37.39 23.11 32.42
CA VAL D 128 37.92 23.83 31.28
C VAL D 128 37.09 25.09 31.08
N THR D 129 37.75 26.24 31.08
CA THR D 129 37.11 27.52 30.85
C THR D 129 37.80 28.21 29.68
N VAL D 130 36.99 28.77 28.77
CA VAL D 130 37.50 29.49 27.61
C VAL D 130 37.35 30.97 27.87
N SER D 131 38.48 31.69 27.82
CA SER D 131 38.47 33.12 28.10
C SER D 131 39.72 33.75 27.50
N SER D 132 39.60 34.99 27.05
CA SER D 132 40.72 35.75 26.52
C SER D 132 41.20 36.83 27.49
N ALA D 133 40.58 36.95 28.66
CA ALA D 133 40.96 37.99 29.61
C ALA D 133 42.33 37.68 30.21
N SER D 134 43.18 38.70 30.28
CA SER D 134 44.49 38.57 30.87
C SER D 134 44.44 38.90 32.36
N THR D 135 45.59 38.91 33.01
CA THR D 135 45.66 39.23 34.43
C THR D 135 45.33 40.70 34.64
N LYS D 136 44.40 40.97 35.57
CA LYS D 136 43.97 42.32 35.87
C LYS D 136 44.04 42.58 37.36
N GLY D 137 44.58 43.73 37.74
CA GLY D 137 44.68 44.11 39.13
C GLY D 137 43.34 44.49 39.72
N PRO D 138 43.07 44.03 40.94
CA PRO D 138 41.80 44.34 41.59
C PRO D 138 41.66 45.82 41.90
N SER D 139 40.41 46.28 41.93
CA SER D 139 40.07 47.65 42.26
C SER D 139 39.22 47.65 43.53
N VAL D 140 39.74 48.24 44.59
CA VAL D 140 39.07 48.22 45.88
C VAL D 140 38.20 49.46 46.02
N PHE D 141 37.03 49.29 46.65
CA PHE D 141 36.10 50.37 46.89
C PHE D 141 35.49 50.17 48.28
N PRO D 142 35.37 51.23 49.05
CA PRO D 142 34.83 50.88 50.36
C PRO D 142 33.36 51.27 50.55
N LEU D 143 32.52 50.32 50.93
CA LEU D 143 31.10 50.63 51.18
C LEU D 143 31.03 51.51 52.43
N ALA D 144 30.18 52.53 52.46
CA ALA D 144 30.16 53.39 53.66
C ALA D 144 28.91 53.11 54.50
N PRO D 145 29.10 52.74 55.76
CA PRO D 145 28.12 52.44 56.75
C PRO D 145 27.47 53.68 57.21
N SER D 146 26.21 53.53 57.54
CA SER D 146 25.35 54.56 58.06
C SER D 146 25.73 54.77 59.50
N SER D 147 25.51 55.99 59.98
CA SER D 147 25.94 56.40 61.32
C SER D 147 24.77 56.48 62.26
N LYS D 148 24.91 55.88 63.44
CA LYS D 148 23.89 55.98 64.47
C LYS D 148 22.58 55.55 63.86
N SER D 149 22.63 54.47 63.10
CA SER D 149 21.51 54.12 62.25
C SER D 149 20.28 53.89 63.08
N THR D 150 20.43 53.32 64.26
CA THR D 150 19.25 53.02 65.05
C THR D 150 19.63 52.85 66.50
N SER D 151 18.63 52.67 67.37
CA SER D 151 18.87 52.41 68.79
C SER D 151 19.64 51.10 68.87
N GLY D 152 19.26 50.11 68.08
CA GLY D 152 20.09 48.96 67.93
C GLY D 152 21.33 49.53 67.27
N GLY D 153 22.50 49.13 67.73
CA GLY D 153 23.73 49.73 67.23
C GLY D 153 24.33 48.86 66.16
N THR D 154 25.61 48.58 66.26
CA THR D 154 26.15 47.47 65.55
C THR D 154 25.95 47.64 64.07
N ALA D 155 26.21 48.83 63.58
CA ALA D 155 25.98 49.13 62.22
C ALA D 155 26.95 48.30 61.47
N ALA D 156 26.72 48.23 60.19
CA ALA D 156 27.40 47.36 59.27
C ALA D 156 28.62 48.02 58.83
N LEU D 157 29.29 47.40 57.88
CA LEU D 157 30.47 48.00 57.27
C LEU D 157 31.09 46.96 56.35
N GLY D 158 31.74 47.43 55.29
CA GLY D 158 32.37 46.50 54.39
C GLY D 158 33.16 47.18 53.30
N CYS D 159 33.80 46.36 52.47
CA CYS D 159 34.60 46.78 51.33
C CYS D 159 34.00 46.23 50.04
N LEU D 160 34.72 46.41 48.94
CA LEU D 160 34.23 45.98 47.63
C LEU D 160 35.42 45.84 46.69
N VAL D 161 35.72 44.61 46.30
CA VAL D 161 36.73 44.34 45.27
C VAL D 161 36.01 44.18 43.94
N LYS D 162 36.59 44.74 42.89
CA LYS D 162 35.92 44.74 41.60
C LYS D 162 36.94 44.65 40.48
N ASP D 163 36.59 43.87 39.45
CA ASP D 163 37.38 43.75 38.22
C ASP D 163 38.78 43.18 38.53
N TYR D 164 38.79 41.93 38.97
CA TYR D 164 40.03 41.23 39.25
C TYR D 164 40.03 39.88 38.56
N PHE D 165 41.20 39.47 38.08
CA PHE D 165 41.35 38.23 37.35
C PHE D 165 42.83 37.89 37.22
N PRO D 166 43.18 36.60 37.41
CA PRO D 166 42.27 35.53 37.79
C PRO D 166 42.18 35.32 39.30
N GLU D 167 41.38 34.35 39.71
CA GLU D 167 41.30 33.95 41.10
C GLU D 167 42.59 33.25 41.52
N PRO D 168 42.87 33.17 42.83
CA PRO D 168 42.09 33.65 43.97
C PRO D 168 42.54 35.00 44.50
N VAL D 169 41.76 35.54 45.43
CA VAL D 169 42.09 36.78 46.12
C VAL D 169 41.91 36.56 47.61
N THR D 170 42.88 37.01 48.39
CA THR D 170 42.82 36.90 49.84
C THR D 170 42.45 38.25 50.43
N VAL D 171 41.40 38.28 51.25
CA VAL D 171 40.88 39.51 51.82
C VAL D 171 40.85 39.35 53.34
N SER D 172 41.53 40.25 54.04
CA SER D 172 41.50 40.28 55.49
C SER D 172 41.14 41.70 55.96
N TRP D 173 41.23 41.93 57.27
CA TRP D 173 40.90 43.24 57.82
C TRP D 173 41.89 43.59 58.92
N ASN D 174 42.43 44.81 58.84
CA ASN D 174 43.41 45.31 59.80
C ASN D 174 44.62 44.37 59.89
N SER D 175 45.02 43.84 58.74
CA SER D 175 46.16 42.92 58.64
C SER D 175 45.98 41.71 59.55
N GLY D 176 44.82 41.06 59.43
CA GLY D 176 44.54 39.85 60.18
C GLY D 176 44.09 40.07 61.62
N ALA D 177 44.25 41.29 62.16
CA ALA D 177 43.86 41.54 63.54
C ALA D 177 42.35 41.44 63.71
N LEU D 178 41.60 41.86 62.71
CA LEU D 178 40.13 41.78 62.73
C LEU D 178 39.70 40.44 62.17
N THR D 179 39.28 39.54 63.05
CA THR D 179 38.82 38.21 62.66
C THR D 179 37.41 37.90 63.13
N SER D 180 36.72 38.85 63.75
CA SER D 180 35.38 38.66 64.27
C SER D 180 34.37 39.39 63.40
N GLY D 181 33.27 38.73 63.08
CA GLY D 181 32.28 39.32 62.21
C GLY D 181 32.76 39.58 60.80
N VAL D 182 33.62 38.73 60.28
CA VAL D 182 34.20 38.89 58.94
C VAL D 182 33.42 38.03 57.96
N HIS D 183 32.89 38.66 56.93
CA HIS D 183 32.22 37.97 55.83
C HIS D 183 33.00 38.20 54.55
N THR D 184 33.29 37.12 53.83
CA THR D 184 33.96 37.20 52.53
C THR D 184 33.15 36.32 51.58
N PHE D 185 32.11 36.90 51.00
CA PHE D 185 31.22 36.15 50.12
C PHE D 185 31.98 35.67 48.87
N PRO D 186 31.60 34.52 48.33
CA PRO D 186 32.33 33.99 47.17
C PRO D 186 32.24 34.91 45.96
N ALA D 187 33.24 34.79 45.09
CA ALA D 187 33.35 35.69 43.95
C ALA D 187 32.19 35.50 42.99
N VAL D 188 31.71 36.61 42.43
CA VAL D 188 30.66 36.60 41.42
C VAL D 188 31.36 36.81 40.10
N LEU D 189 31.46 35.74 39.31
CA LEU D 189 32.08 35.83 37.99
C LEU D 189 31.15 36.61 37.09
N GLN D 190 31.61 37.75 36.59
CA GLN D 190 30.79 38.63 35.78
C GLN D 190 30.60 38.07 34.37
N SER D 191 29.70 38.73 33.62
CA SER D 191 29.48 38.36 32.23
C SER D 191 30.70 38.66 31.37
N SER D 192 31.48 39.68 31.75
CA SER D 192 32.69 40.03 31.03
C SER D 192 33.86 39.10 31.36
N GLY D 193 33.70 38.19 32.32
CA GLY D 193 34.75 37.26 32.66
C GLY D 193 35.70 37.72 33.74
N LEU D 194 35.38 38.82 34.42
CA LEU D 194 36.23 39.34 35.50
C LEU D 194 35.53 39.11 36.83
N TYR D 195 36.21 38.42 37.73
CA TYR D 195 35.64 38.13 39.05
C TYR D 195 35.46 39.41 39.86
N SER D 196 34.52 39.36 40.80
CA SER D 196 34.25 40.48 41.70
C SER D 196 33.84 39.91 43.05
N LEU D 197 34.46 40.42 44.11
CA LEU D 197 34.27 39.91 45.45
C LEU D 197 33.96 41.05 46.41
N SER D 198 33.02 40.80 47.33
CA SER D 198 32.68 41.77 48.35
C SER D 198 33.01 41.19 49.72
N SER D 199 32.99 42.06 50.73
CA SER D 199 33.26 41.64 52.10
C SER D 199 32.65 42.65 53.04
N VAL D 200 31.89 42.17 54.02
CA VAL D 200 31.21 43.03 54.98
C VAL D 200 31.60 42.62 56.40
N VAL D 201 31.53 43.59 57.31
CA VAL D 201 31.87 43.38 58.71
C VAL D 201 30.89 44.17 59.56
N THR D 202 30.35 43.52 60.60
CA THR D 202 29.47 44.18 61.57
C THR D 202 30.30 44.75 62.71
N VAL D 203 30.15 46.05 62.96
CA VAL D 203 30.91 46.74 64.00
C VAL D 203 29.95 47.40 64.98
N PRO D 204 30.36 47.65 66.23
CA PRO D 204 29.46 48.36 67.16
C PRO D 204 29.20 49.78 66.69
N SER D 205 27.99 50.26 66.97
CA SER D 205 27.63 51.61 66.57
C SER D 205 28.34 52.65 67.42
N SER D 206 28.69 52.32 68.65
CA SER D 206 29.43 53.24 69.51
C SER D 206 30.88 53.36 69.06
N SER D 207 31.54 52.22 68.82
CA SER D 207 32.91 52.21 68.34
C SER D 207 32.98 52.57 66.86
N LEU D 208 31.83 52.81 66.21
CA LEU D 208 31.84 53.21 64.82
C LEU D 208 32.46 54.59 64.61
N GLY D 209 32.48 55.43 65.64
CA GLY D 209 32.99 56.77 65.49
C GLY D 209 34.47 56.84 65.13
N THR D 210 35.32 56.23 65.95
CA THR D 210 36.77 56.33 65.78
C THR D 210 37.40 54.96 66.01
N GLN D 211 37.84 54.33 64.93
CA GLN D 211 38.56 53.07 65.00
C GLN D 211 39.28 52.85 63.67
N THR D 212 40.13 51.83 63.65
CA THR D 212 40.92 51.51 62.47
C THR D 212 40.28 50.32 61.74
N TYR D 213 39.62 50.60 60.62
CA TYR D 213 38.97 49.59 59.81
C TYR D 213 39.55 49.66 58.39
N ILE D 214 40.51 48.78 58.10
CA ILE D 214 41.22 48.76 56.83
C ILE D 214 41.20 47.34 56.29
N CYS D 215 40.63 47.16 55.10
CA CYS D 215 40.64 45.87 54.42
C CYS D 215 41.80 45.84 53.44
N ASN D 216 42.57 44.76 53.47
CA ASN D 216 43.73 44.58 52.63
C ASN D 216 43.47 43.47 51.63
N VAL D 217 43.77 43.74 50.35
CA VAL D 217 43.49 42.84 49.25
C VAL D 217 44.81 42.40 48.65
N ASN D 218 45.01 41.09 48.54
CA ASN D 218 46.23 40.52 47.96
C ASN D 218 45.86 39.64 46.78
N HIS D 219 46.61 39.79 45.69
CA HIS D 219 46.36 39.06 44.45
C HIS D 219 47.69 38.54 43.92
N LYS D 220 47.85 37.21 43.92
CA LYS D 220 49.14 36.64 43.57
C LYS D 220 49.49 36.77 42.09
N PRO D 221 48.59 36.47 41.13
CA PRO D 221 49.01 36.50 39.72
C PRO D 221 49.49 37.85 39.23
N SER D 222 49.08 38.95 39.86
CA SER D 222 49.54 40.28 39.48
C SER D 222 50.43 40.93 40.53
N ASN D 223 50.69 40.25 41.65
CA ASN D 223 51.53 40.77 42.72
C ASN D 223 51.00 42.12 43.23
N THR D 224 49.69 42.21 43.38
CA THR D 224 49.02 43.44 43.79
C THR D 224 48.64 43.36 45.26
N LYS D 225 48.85 44.46 45.98
CA LYS D 225 48.48 44.55 47.38
C LYS D 225 47.92 45.95 47.62
N VAL D 226 46.61 46.04 47.86
CA VAL D 226 45.92 47.31 48.01
C VAL D 226 45.20 47.32 49.36
N ASP D 227 45.39 48.39 50.12
CA ASP D 227 44.67 48.61 51.36
C ASP D 227 43.81 49.86 51.22
N LYS D 228 42.72 49.91 51.99
CA LYS D 228 41.80 51.04 51.91
C LYS D 228 41.10 51.23 53.25
N ARG D 229 40.94 52.49 53.62
CA ARG D 229 40.31 52.88 54.89
C ARG D 229 38.85 53.21 54.65
N VAL D 230 37.97 52.71 55.53
CA VAL D 230 36.54 52.87 55.39
C VAL D 230 36.02 53.69 56.57
N GLU D 231 35.27 54.76 56.28
CA GLU D 231 34.69 55.61 57.29
C GLU D 231 33.36 56.16 56.75
N PRO D 232 32.40 56.47 57.62
CA PRO D 232 31.11 57.02 57.18
C PRO D 232 31.22 58.45 56.66
N ALA E 1 16.18 27.54 36.14
CA ALA E 1 16.58 26.21 35.69
C ALA E 1 16.49 25.13 36.79
N PRO E 2 17.06 25.37 37.98
CA PRO E 2 17.01 24.34 39.03
C PRO E 2 15.64 24.26 39.69
N THR E 3 15.31 23.06 40.17
CA THR E 3 14.07 22.80 40.88
C THR E 3 14.40 22.12 42.21
N PHE E 4 13.86 22.66 43.30
CA PHE E 4 14.16 22.19 44.65
C PHE E 4 12.97 21.46 45.24
N VAL E 5 13.27 20.40 45.99
CA VAL E 5 12.24 19.61 46.67
C VAL E 5 12.71 19.34 48.09
N SER E 6 11.94 19.78 49.08
CA SER E 6 12.28 19.58 50.49
C SER E 6 11.61 18.30 50.99
N VAL E 7 12.38 17.47 51.69
CA VAL E 7 11.91 16.19 52.19
C VAL E 7 12.45 15.99 53.59
N ALA E 8 11.56 15.75 54.55
CA ALA E 8 11.98 15.48 55.92
C ALA E 8 12.79 14.19 55.96
N PRO E 9 13.72 14.05 56.90
CA PRO E 9 14.54 12.83 56.95
C PRO E 9 13.71 11.61 57.27
N GLY E 10 13.81 10.60 56.41
CA GLY E 10 13.05 9.39 56.60
C GLY E 10 11.65 9.42 56.03
N GLN E 11 11.44 10.16 54.95
CA GLN E 11 10.13 10.26 54.32
C GLN E 11 10.29 10.18 52.81
N THR E 12 9.16 9.97 52.13
CA THR E 12 9.19 9.70 50.70
C THR E 12 9.42 10.98 49.90
N ALA E 13 10.16 10.85 48.81
CA ALA E 13 10.49 11.95 47.91
C ALA E 13 9.80 11.79 46.57
N ARG E 14 9.47 12.92 45.94
CA ARG E 14 8.80 12.95 44.65
C ARG E 14 9.62 13.81 43.71
N ILE E 15 10.10 13.23 42.62
CA ILE E 15 11.00 13.90 41.68
C ILE E 15 10.38 13.87 40.30
N THR E 16 10.22 15.05 39.70
CA THR E 16 9.68 15.20 38.36
C THR E 16 10.79 15.61 37.40
N CYS E 17 10.84 14.97 36.23
CA CYS E 17 11.88 15.26 35.26
C CYS E 17 11.44 14.79 33.89
N GLY E 18 11.66 15.62 32.87
CA GLY E 18 11.33 15.27 31.51
C GLY E 18 9.95 15.76 31.09
N GLU E 19 9.71 15.69 29.78
CA GLU E 19 8.43 16.09 29.21
C GLU E 19 7.42 14.95 29.41
N GLU E 20 6.24 15.10 28.81
CA GLU E 20 5.24 14.05 28.84
C GLU E 20 5.60 12.94 27.86
N SER E 21 5.37 11.70 28.27
CA SER E 21 5.75 10.54 27.47
C SER E 21 4.84 10.40 26.26
N LEU E 22 5.43 10.36 25.06
CA LEU E 22 4.68 10.12 23.85
C LEU E 22 4.80 8.68 23.35
N GLY E 23 5.86 7.98 23.73
CA GLY E 23 6.01 6.58 23.37
C GLY E 23 6.55 5.77 24.53
N SER E 24 6.90 4.52 24.27
CA SER E 24 7.53 3.70 25.29
C SER E 24 8.94 4.22 25.58
N ARG E 25 9.22 4.47 26.85
CA ARG E 25 10.44 5.15 27.25
C ARG E 25 11.44 4.19 27.89
N SER E 26 12.69 4.64 27.94
CA SER E 26 13.79 3.98 28.67
C SER E 26 14.50 5.08 29.46
N VAL E 27 13.97 5.38 30.65
CA VAL E 27 14.44 6.52 31.43
C VAL E 27 15.71 6.14 32.18
N ILE E 28 16.65 7.08 32.24
CA ILE E 28 17.90 6.92 32.99
C ILE E 28 17.96 8.03 34.02
N TRP E 29 18.30 7.67 35.26
CA TRP E 29 18.45 8.65 36.33
C TRP E 29 19.89 8.68 36.82
N TYR E 30 20.38 9.87 37.12
CA TYR E 30 21.76 10.08 37.54
C TYR E 30 21.81 10.86 38.84
N GLN E 31 22.86 10.62 39.61
CA GLN E 31 23.08 11.26 40.90
C GLN E 31 24.36 12.09 40.85
N GLN E 32 24.22 13.39 40.98
CA GLN E 32 25.35 14.31 40.99
C GLN E 32 25.45 14.94 42.36
N ARG E 33 26.29 14.36 43.23
CA ARG E 33 26.53 14.94 44.52
C ARG E 33 27.29 16.27 44.38
N PRO E 34 27.18 17.17 45.35
CA PRO E 34 27.83 18.48 45.22
C PRO E 34 29.34 18.34 45.07
N GLY E 35 29.86 18.84 43.94
CA GLY E 35 31.28 18.78 43.66
C GLY E 35 31.76 17.49 43.04
N GLN E 36 31.04 16.38 43.24
CA GLN E 36 31.47 15.08 42.73
C GLN E 36 30.97 14.92 41.29
N ALA E 37 31.12 13.72 40.75
CA ALA E 37 30.71 13.40 39.39
C ALA E 37 29.32 12.76 39.39
N PRO E 38 28.56 12.92 38.31
CA PRO E 38 27.25 12.27 38.22
C PRO E 38 27.39 10.74 38.28
N SER E 39 26.67 10.13 39.21
CA SER E 39 26.68 8.69 39.40
C SER E 39 25.34 8.10 39.01
N LEU E 40 25.37 6.90 38.44
CA LEU E 40 24.15 6.26 37.94
C LEU E 40 23.35 5.66 39.08
N ILE E 41 22.03 5.87 39.04
CA ILE E 41 21.09 5.24 39.94
C ILE E 41 20.21 4.16 39.30
N ILE E 42 19.47 4.54 38.26
CA ILE E 42 18.47 3.69 37.65
C ILE E 42 18.67 3.72 36.16
N TYR E 43 18.67 2.55 35.53
CA TYR E 43 18.74 2.42 34.08
C TYR E 43 17.58 1.51 33.71
N ASN E 44 16.93 1.82 32.58
CA ASN E 44 15.74 1.09 32.13
C ASN E 44 14.67 1.09 33.22
N ASN E 45 14.40 2.27 33.76
CA ASN E 45 13.36 2.50 34.77
C ASN E 45 13.72 1.68 36.03
N ASN E 46 12.82 0.87 36.57
CA ASN E 46 12.98 0.36 37.92
C ASN E 46 14.24 -0.50 38.09
N ASP E 47 14.78 -0.99 36.98
CA ASP E 47 15.99 -1.86 36.97
C ASP E 47 17.21 -1.05 37.39
N ARG E 48 18.02 -1.58 38.31
CA ARG E 48 19.21 -0.87 38.84
C ARG E 48 20.45 -1.74 38.65
N PRO E 49 21.64 -1.14 38.70
CA PRO E 49 23.02 -1.60 38.61
C PRO E 49 23.48 -2.06 39.99
N SER E 50 24.60 -2.76 40.04
CA SER E 50 25.16 -3.36 41.28
C SER E 50 25.48 -2.28 42.32
N GLY E 51 25.25 -2.56 43.60
CA GLY E 51 25.58 -1.63 44.70
C GLY E 51 24.58 -0.51 44.92
N ILE E 52 23.33 -0.67 44.51
CA ILE E 52 22.35 0.41 44.66
C ILE E 52 21.25 -0.08 45.59
N PRO E 53 20.85 0.70 46.59
CA PRO E 53 19.78 0.27 47.48
C PRO E 53 18.43 0.25 46.76
N ASP E 54 17.48 -0.46 47.37
CA ASP E 54 16.16 -0.63 46.79
C ASP E 54 15.23 0.54 47.06
N ARG E 55 15.65 1.53 47.84
CA ARG E 55 14.81 2.68 48.11
C ARG E 55 14.54 3.49 46.86
N PHE E 56 15.44 3.43 45.88
CA PHE E 56 15.24 4.13 44.61
C PHE E 56 14.40 3.28 43.67
N SER E 57 13.29 3.85 43.18
CA SER E 57 12.40 3.16 42.28
C SER E 57 11.99 4.09 41.16
N GLY E 58 11.94 3.56 39.94
CA GLY E 58 11.59 4.33 38.75
C GLY E 58 10.21 4.00 38.26
N SER E 59 9.49 4.99 37.77
CA SER E 59 8.17 4.78 37.22
C SER E 59 8.28 4.03 35.89
N PRO E 60 7.36 3.11 35.60
CA PRO E 60 7.45 2.33 34.36
C PRO E 60 7.29 3.21 33.13
N GLY E 61 8.02 2.86 32.07
CA GLY E 61 7.97 3.56 30.81
C GLY E 61 6.98 3.01 29.82
N SER E 62 6.11 2.09 30.24
CA SER E 62 5.13 1.49 29.34
C SER E 62 3.91 2.40 29.15
N THR E 63 3.53 3.15 30.16
CA THR E 63 2.38 4.03 30.05
C THR E 63 2.73 5.27 29.23
N PHE E 64 1.69 5.99 28.81
CA PHE E 64 1.85 7.16 27.96
C PHE E 64 1.03 8.32 28.53
N GLY E 65 1.56 9.53 28.34
CA GLY E 65 0.90 10.73 28.82
C GLY E 65 1.38 11.22 30.17
N THR E 66 2.30 10.52 30.82
CA THR E 66 2.80 10.90 32.13
C THR E 66 4.28 11.26 32.03
N THR E 67 4.83 11.75 33.14
CA THR E 67 6.22 12.13 33.24
C THR E 67 6.98 11.12 34.10
N ALA E 68 8.28 11.00 33.85
CA ALA E 68 9.10 10.10 34.64
C ALA E 68 9.11 10.54 36.11
N THR E 69 9.40 9.58 36.98
CA THR E 69 9.37 9.86 38.41
C THR E 69 10.34 8.92 39.13
N LEU E 70 11.25 9.51 39.91
CA LEU E 70 12.17 8.77 40.76
C LEU E 70 11.69 8.88 42.20
N THR E 71 11.32 7.75 42.79
CA THR E 71 10.73 7.71 44.12
C THR E 71 11.77 7.23 45.13
N ILE E 72 12.01 8.05 46.15
CA ILE E 72 12.93 7.71 47.23
C ILE E 72 12.13 7.71 48.53
N THR E 73 12.08 6.56 49.19
CA THR E 73 11.35 6.39 50.44
C THR E 73 12.35 6.31 51.60
N SER E 74 12.02 6.98 52.69
CA SER E 74 12.89 7.09 53.86
C SER E 74 14.29 7.54 53.46
N VAL E 75 14.37 8.80 53.03
CA VAL E 75 15.60 9.35 52.51
C VAL E 75 16.64 9.45 53.62
N GLU E 76 17.84 8.94 53.35
CA GLU E 76 18.96 9.15 54.26
C GLU E 76 19.72 10.41 53.86
N ALA E 77 20.63 10.83 54.73
CA ALA E 77 21.36 12.08 54.49
C ALA E 77 22.20 11.99 53.21
N GLY E 78 22.72 10.82 52.89
CA GLY E 78 23.58 10.67 51.72
C GLY E 78 22.85 10.78 50.40
N ASP E 79 21.54 10.52 50.39
CA ASP E 79 20.79 10.51 49.14
C ASP E 79 20.57 11.91 48.59
N GLU E 80 20.74 12.95 49.42
CA GLU E 80 20.56 14.33 48.97
C GLU E 80 21.62 14.69 47.94
N ALA E 81 21.18 15.09 46.76
CA ALA E 81 22.05 15.47 45.65
C ALA E 81 21.20 16.09 44.55
N ASP E 82 21.81 16.27 43.38
CA ASP E 82 21.12 16.71 42.18
C ASP E 82 20.86 15.49 41.31
N TYR E 83 19.64 15.38 40.76
CA TYR E 83 19.22 14.21 40.01
C TYR E 83 18.78 14.62 38.62
N TYR E 84 19.40 14.03 37.60
CA TYR E 84 19.06 14.28 36.22
C TYR E 84 18.46 13.03 35.60
N CYS E 85 17.58 13.22 34.62
CA CYS E 85 16.96 12.12 33.90
C CYS E 85 17.33 12.20 32.43
N HIS E 86 17.62 11.04 31.83
CA HIS E 86 17.94 10.93 30.42
C HIS E 86 16.79 10.18 29.75
N ILE E 87 16.08 10.87 28.86
CA ILE E 87 14.87 10.33 28.25
C ILE E 87 15.21 9.67 26.92
N TRP E 88 14.77 8.44 26.76
CA TRP E 88 14.85 7.72 25.49
C TRP E 88 13.41 7.41 25.06
N ASP E 89 12.80 8.36 24.36
CA ASP E 89 11.41 8.24 23.92
C ASP E 89 11.38 7.74 22.49
N SER E 90 10.52 6.75 22.22
CA SER E 90 10.44 6.18 20.88
C SER E 90 9.90 7.17 19.87
N ARG E 91 8.97 8.02 20.28
CA ARG E 91 8.40 9.01 19.37
C ARG E 91 9.32 10.20 19.17
N ARG E 92 10.15 10.55 20.20
CA ARG E 92 11.05 11.70 20.21
C ARG E 92 12.43 11.32 19.70
N PRO E 93 13.12 12.26 19.03
CA PRO E 93 14.47 11.97 18.54
C PRO E 93 15.47 11.75 19.68
N THR E 94 16.73 11.50 19.34
CA THR E 94 17.74 11.25 20.36
C THR E 94 18.00 12.52 21.17
N ASN E 95 18.00 12.40 22.49
CA ASN E 95 18.24 13.52 23.39
C ASN E 95 19.70 13.52 23.82
N TRP E 96 20.41 14.60 23.48
CA TRP E 96 21.82 14.75 23.84
C TRP E 96 22.03 15.67 25.04
N VAL E 97 20.97 16.28 25.54
CA VAL E 97 21.02 17.16 26.71
C VAL E 97 20.08 16.60 27.77
N PHE E 98 20.60 16.37 28.96
CA PHE E 98 19.77 15.84 30.03
C PHE E 98 18.67 16.84 30.40
N GLY E 99 17.64 16.34 31.08
CA GLY E 99 16.56 17.20 31.51
C GLY E 99 16.95 18.06 32.70
N GLU E 100 16.14 19.09 32.95
CA GLU E 100 16.38 19.97 34.08
C GLU E 100 16.34 19.19 35.38
N GLY E 101 17.48 19.12 36.06
CA GLY E 101 17.58 18.31 37.24
C GLY E 101 16.76 18.85 38.40
N THR E 102 16.50 17.96 39.36
CA THR E 102 15.77 18.29 40.57
C THR E 102 16.74 18.22 41.75
N THR E 103 16.73 19.26 42.57
CA THR E 103 17.64 19.36 43.72
C THR E 103 16.89 18.89 44.97
N LEU E 104 17.19 17.68 45.39
CA LEU E 104 16.64 17.16 46.64
C LEU E 104 17.50 17.64 47.80
N ILE E 105 16.84 18.11 48.86
CA ILE E 105 17.53 18.64 50.04
C ILE E 105 16.82 18.15 51.29
N VAL E 106 17.53 17.42 52.14
CA VAL E 106 16.95 16.98 53.41
C VAL E 106 16.88 18.23 54.28
N LEU E 107 15.92 18.37 55.17
CA LEU E 107 15.91 19.67 55.89
C LEU E 107 17.19 19.81 56.72
N SER E 108 17.59 18.79 57.47
CA SER E 108 18.87 18.84 58.25
C SER E 108 18.99 20.14 59.05
N GLN E 109 18.01 20.41 59.93
CA GLN E 109 17.79 21.56 60.88
C GLN E 109 16.75 22.53 60.33
N PRO E 110 16.19 23.35 61.20
CA PRO E 110 15.11 24.33 61.14
C PRO E 110 15.41 25.46 60.15
N LYS E 111 14.35 26.00 59.57
CA LYS E 111 14.49 27.05 58.60
C LYS E 111 14.90 28.36 59.22
N ALA E 112 15.85 28.99 58.57
CA ALA E 112 16.41 30.29 58.94
C ALA E 112 15.99 31.35 57.93
N ALA E 113 15.68 32.56 58.44
CA ALA E 113 15.29 33.73 57.66
C ALA E 113 16.51 34.51 57.20
N PRO E 114 16.51 35.01 55.96
CA PRO E 114 17.70 35.66 55.43
C PRO E 114 17.99 36.99 56.12
N SER E 115 19.27 37.25 56.32
CA SER E 115 19.74 38.52 56.85
C SER E 115 20.29 39.34 55.68
N VAL E 116 19.67 40.48 55.41
CA VAL E 116 19.99 41.28 54.24
C VAL E 116 20.61 42.60 54.67
N THR E 117 21.51 43.12 53.85
CA THR E 117 22.16 44.40 54.08
C THR E 117 22.46 45.03 52.73
N LEU E 118 21.87 46.19 52.46
CA LEU E 118 22.01 46.87 51.19
C LEU E 118 22.92 48.07 51.38
N PHE E 119 23.89 48.24 50.48
CA PHE E 119 24.82 49.35 50.52
C PHE E 119 24.74 50.14 49.22
N PRO E 120 24.81 51.46 49.29
CA PRO E 120 24.80 52.30 48.08
C PRO E 120 26.14 52.18 47.37
N PRO E 121 26.21 52.51 46.08
CA PRO E 121 27.46 52.43 45.34
C PRO E 121 28.48 53.41 45.94
N SER E 122 29.76 53.03 45.97
CA SER E 122 30.81 53.85 46.60
C SER E 122 30.99 55.19 45.88
N SER E 123 31.31 56.24 46.66
CA SER E 123 31.55 57.60 46.12
C SER E 123 32.78 57.58 45.21
N GLU E 124 33.80 56.80 45.52
CA GLU E 124 35.03 56.68 44.69
C GLU E 124 34.65 56.16 43.30
N GLU E 125 33.72 55.22 43.23
CA GLU E 125 33.24 54.61 41.95
C GLU E 125 32.67 55.70 41.04
N LEU E 126 31.99 56.73 41.55
CA LEU E 126 31.39 57.79 40.70
C LEU E 126 32.48 58.45 39.85
N GLN E 127 33.67 58.69 40.38
CA GLN E 127 34.80 59.30 39.63
C GLN E 127 35.15 58.44 38.41
N ALA E 128 35.11 57.11 38.54
CA ALA E 128 35.46 56.19 37.44
C ALA E 128 34.27 55.95 36.49
N ASN E 129 33.13 56.63 36.68
CA ASN E 129 31.92 56.49 35.84
C ASN E 129 31.36 55.07 35.93
N LYS E 130 31.45 54.48 37.11
CA LYS E 130 30.88 53.12 37.34
C LYS E 130 30.02 53.19 38.59
N ALA E 131 28.81 52.67 38.57
CA ALA E 131 27.96 52.69 39.78
C ALA E 131 27.51 51.25 40.07
N THR E 132 27.72 50.74 41.28
CA THR E 132 27.31 49.33 41.55
C THR E 132 26.59 49.20 42.89
N LEU E 133 25.37 48.67 42.91
CA LEU E 133 24.66 48.36 44.15
C LEU E 133 24.99 46.93 44.58
N VAL E 134 25.13 46.75 45.88
CA VAL E 134 25.50 45.45 46.45
C VAL E 134 24.44 45.04 47.46
N CYS E 135 23.79 43.91 47.20
CA CYS E 135 22.76 43.35 48.06
C CYS E 135 23.29 42.06 48.67
N LEU E 136 23.58 42.09 49.97
CA LEU E 136 24.16 40.95 50.67
C LEU E 136 23.06 40.16 51.36
N ILE E 137 23.10 38.84 51.24
CA ILE E 137 22.12 37.95 51.83
C ILE E 137 22.87 36.79 52.49
N SER E 138 22.67 36.61 53.78
CA SER E 138 23.33 35.55 54.52
C SER E 138 22.43 35.10 55.67
N ASP E 139 22.88 34.08 56.39
CA ASP E 139 22.16 33.53 57.54
C ASP E 139 20.78 33.03 57.15
N PHE E 140 20.68 32.43 55.95
CA PHE E 140 19.42 31.92 55.43
C PHE E 140 19.55 30.42 55.16
N TYR E 141 18.46 29.70 55.42
CA TYR E 141 18.40 28.29 55.09
C TYR E 141 16.97 27.89 54.74
N PRO E 142 16.78 27.05 53.71
CA PRO E 142 17.79 26.45 52.83
C PRO E 142 18.39 27.40 51.80
N GLY E 143 19.17 26.84 50.88
CA GLY E 143 19.87 27.63 49.88
C GLY E 143 19.03 27.99 48.69
N ALA E 144 17.91 28.69 48.93
CA ALA E 144 17.02 29.13 47.86
C ALA E 144 17.26 30.61 47.58
N VAL E 145 17.47 30.94 46.31
CA VAL E 145 17.81 32.30 45.89
C VAL E 145 16.59 32.94 45.23
N THR E 146 16.27 34.16 45.65
CA THR E 146 15.20 34.95 45.04
C THR E 146 15.72 36.39 44.93
N VAL E 147 16.09 36.79 43.72
CA VAL E 147 16.59 38.14 43.47
C VAL E 147 15.43 38.99 42.96
N ALA E 148 15.28 40.18 43.55
CA ALA E 148 14.21 41.09 43.16
C ALA E 148 14.70 42.52 43.35
N TRP E 149 14.97 43.21 42.25
CA TRP E 149 15.44 44.59 42.26
C TRP E 149 14.31 45.50 41.80
N LYS E 150 13.93 46.44 42.66
CA LYS E 150 12.86 47.37 42.38
C LYS E 150 13.37 48.79 42.58
N ALA E 151 13.40 49.56 41.48
CA ALA E 151 13.80 50.95 41.52
C ALA E 151 12.48 51.64 41.58
N ASP E 152 12.13 52.09 42.78
CA ASP E 152 10.85 52.72 43.04
C ASP E 152 9.75 51.81 42.55
N SER E 153 8.84 52.34 41.75
CA SER E 153 7.74 51.55 41.27
C SER E 153 8.06 50.40 40.33
N SER E 154 8.93 50.63 39.37
CA SER E 154 9.14 49.64 38.33
C SER E 154 10.51 49.00 38.47
N PRO E 155 10.64 47.72 38.11
CA PRO E 155 11.93 47.04 38.27
C PRO E 155 12.85 47.21 37.07
N VAL E 156 14.06 46.70 37.21
CA VAL E 156 15.04 46.66 36.14
C VAL E 156 15.46 45.21 35.98
N LYS E 157 15.23 44.65 34.79
CA LYS E 157 15.52 43.26 34.49
C LYS E 157 16.97 43.04 34.11
N ALA E 158 17.55 43.92 33.30
CA ALA E 158 18.90 43.72 32.80
C ALA E 158 19.92 44.37 33.73
N GLY E 159 21.19 43.95 33.57
CA GLY E 159 22.27 44.50 34.34
C GLY E 159 22.47 43.90 35.71
N VAL E 160 21.89 42.72 35.97
CA VAL E 160 21.96 42.08 37.27
C VAL E 160 22.65 40.74 37.12
N GLU E 161 23.55 40.43 38.05
CA GLU E 161 24.24 39.14 38.08
C GLU E 161 24.30 38.65 39.52
N THR E 162 23.98 37.38 39.72
CA THR E 162 23.99 36.77 41.05
C THR E 162 24.71 35.43 40.97
N THR E 163 25.35 35.06 42.08
CA THR E 163 26.11 33.83 42.15
C THR E 163 25.29 32.71 42.79
N THR E 164 25.83 31.50 42.74
CA THR E 164 25.19 30.35 43.34
C THR E 164 25.36 30.37 44.86
N PRO E 165 24.35 29.94 45.61
CA PRO E 165 24.49 29.92 47.07
C PRO E 165 25.39 28.78 47.52
N SER E 166 26.27 29.08 48.48
CA SER E 166 27.17 28.09 49.05
C SER E 166 27.29 28.31 50.54
N LYS E 167 27.37 27.23 51.30
CA LYS E 167 27.50 27.34 52.75
C LYS E 167 28.94 27.65 53.12
N GLN E 168 29.10 28.38 54.22
CA GLN E 168 30.42 28.76 54.73
C GLN E 168 30.58 28.19 56.14
N SER E 169 30.72 26.87 56.21
CA SER E 169 30.90 26.15 57.48
C SER E 169 29.76 26.46 58.47
N ASN E 170 28.55 26.57 57.95
CA ASN E 170 27.38 26.81 58.77
C ASN E 170 26.17 26.31 58.01
N ASN E 171 25.05 26.19 58.72
CA ASN E 171 23.80 25.81 58.07
C ASN E 171 23.45 26.77 56.95
N LYS E 172 23.67 28.07 57.18
CA LYS E 172 23.36 29.09 56.19
C LYS E 172 24.17 28.88 54.92
N TYR E 173 23.73 29.56 53.86
CA TYR E 173 24.44 29.63 52.60
C TYR E 173 24.82 31.08 52.31
N ALA E 174 25.61 31.29 51.26
CA ALA E 174 26.15 32.60 50.93
C ALA E 174 25.58 33.06 49.59
N ALA E 175 24.81 34.13 49.62
CA ALA E 175 24.22 34.72 48.41
C ALA E 175 24.64 36.19 48.33
N SER E 176 25.16 36.58 47.17
CA SER E 176 25.56 37.96 46.92
C SER E 176 25.00 38.40 45.59
N SER E 177 24.32 39.55 45.57
CA SER E 177 23.67 40.07 44.39
C SER E 177 24.23 41.43 44.03
N TYR E 178 24.42 41.66 42.73
CA TYR E 178 25.06 42.87 42.23
C TYR E 178 24.19 43.50 41.15
N LEU E 179 24.54 44.74 40.79
CA LEU E 179 23.80 45.49 39.77
C LEU E 179 24.71 46.58 39.23
N SER E 180 24.93 46.57 37.91
CA SER E 180 25.76 47.57 37.26
C SER E 180 24.86 48.62 36.61
N LEU E 181 25.03 49.87 37.03
CA LEU E 181 24.27 50.99 36.51
C LEU E 181 25.22 52.13 36.16
N THR E 182 24.65 53.24 35.67
CA THR E 182 25.38 54.44 35.29
C THR E 182 25.22 55.51 36.37
N PRO E 183 26.20 56.40 36.51
CA PRO E 183 26.07 57.48 37.50
C PRO E 183 24.85 58.35 37.31
N GLU E 184 24.43 58.58 36.05
CA GLU E 184 23.24 59.37 35.79
C GLU E 184 21.95 58.63 36.11
N GLN E 185 22.01 57.30 36.23
CA GLN E 185 20.84 56.51 36.59
C GLN E 185 20.63 56.44 38.10
N TRP E 186 21.72 56.47 38.88
CA TRP E 186 21.58 56.47 40.33
C TRP E 186 20.89 57.74 40.84
N LYS E 187 21.14 58.88 40.19
CA LYS E 187 20.46 60.12 40.51
C LYS E 187 19.15 60.29 39.77
N SER E 188 18.75 59.32 38.95
CA SER E 188 17.50 59.42 38.21
C SER E 188 16.31 59.03 39.08
N HIS E 189 16.30 57.79 39.56
CA HIS E 189 15.22 57.33 40.42
C HIS E 189 15.41 57.87 41.83
N LYS E 190 14.29 57.95 42.56
CA LYS E 190 14.32 58.52 43.90
C LYS E 190 14.96 57.56 44.90
N SER E 191 14.66 56.27 44.80
CA SER E 191 15.21 55.29 45.72
C SER E 191 15.18 53.91 45.08
N TYR E 192 16.21 53.12 45.36
CA TYR E 192 16.30 51.74 44.91
C TYR E 192 16.04 50.79 46.09
N SER E 193 15.96 49.50 45.78
CA SER E 193 15.73 48.48 46.78
C SER E 193 16.00 47.12 46.16
N CYS E 194 16.35 46.16 47.02
CA CYS E 194 16.51 44.76 46.61
C CYS E 194 15.70 43.90 47.58
N GLN E 195 14.65 43.27 47.06
CA GLN E 195 13.79 42.42 47.85
C GLN E 195 14.26 40.97 47.79
N VAL E 196 14.22 40.28 48.93
CA VAL E 196 14.68 38.90 49.04
C VAL E 196 13.59 38.09 49.70
N THR E 197 13.00 37.15 48.96
CA THR E 197 12.00 36.24 49.46
C THR E 197 12.64 34.88 49.75
N HIS E 198 12.12 34.20 50.77
CA HIS E 198 12.64 32.88 51.11
C HIS E 198 11.49 32.02 51.60
N GLU E 199 11.18 30.96 50.86
CA GLU E 199 10.14 30.01 51.22
C GLU E 199 8.79 30.70 51.45
N GLY E 200 8.55 31.79 50.73
CA GLY E 200 7.31 32.53 50.86
C GLY E 200 7.35 33.73 51.78
N SER E 201 8.51 34.07 52.33
CA SER E 201 8.66 35.20 53.24
C SER E 201 9.58 36.23 52.60
N THR E 202 9.02 37.39 52.25
CA THR E 202 9.76 38.43 51.54
C THR E 202 10.35 39.43 52.54
N VAL E 203 11.61 39.79 52.31
CA VAL E 203 12.31 40.81 53.09
C VAL E 203 12.79 41.89 52.13
N GLU E 204 12.50 43.15 52.46
CA GLU E 204 12.81 44.27 51.59
C GLU E 204 13.58 45.34 52.35
N LYS E 205 14.67 45.82 51.76
CA LYS E 205 15.43 46.95 52.28
C LYS E 205 15.76 47.89 51.14
N THR E 206 15.59 49.19 51.39
CA THR E 206 15.72 50.22 50.36
C THR E 206 17.03 50.99 50.55
N VAL E 207 17.28 51.90 49.61
CA VAL E 207 18.45 52.77 49.66
C VAL E 207 18.11 54.05 48.89
N ALA E 208 18.65 55.17 49.36
CA ALA E 208 18.39 56.47 48.76
C ALA E 208 19.67 57.27 48.66
N PRO E 209 19.84 58.05 47.59
CA PRO E 209 21.05 58.88 47.46
C PRO E 209 21.07 60.01 48.49
N THR E 210 22.22 60.67 48.56
CA THR E 210 22.39 61.77 49.49
C THR E 210 22.91 63.02 48.77
#